data_6RJX
# 
_entry.id   6RJX 
# 
_audit_conform.dict_name       mmcif_pdbx.dic 
_audit_conform.dict_version    5.383 
_audit_conform.dict_location   http://mmcif.pdb.org/dictionaries/ascii/mmcif_pdbx.dic 
# 
loop_
_database_2.database_id 
_database_2.database_code 
_database_2.pdbx_database_accession 
_database_2.pdbx_DOI 
PDB   6RJX         pdb_00006rjx 10.2210/pdb6rjx/pdb 
WWPDB D_1292102059 ?            ?                   
# 
loop_
_pdbx_audit_revision_history.ordinal 
_pdbx_audit_revision_history.data_content_type 
_pdbx_audit_revision_history.major_revision 
_pdbx_audit_revision_history.minor_revision 
_pdbx_audit_revision_history.revision_date 
1 'Structure model' 1 0 2019-09-11 
2 'Structure model' 1 1 2024-01-24 
# 
_pdbx_audit_revision_details.ordinal             1 
_pdbx_audit_revision_details.revision_ordinal    1 
_pdbx_audit_revision_details.data_content_type   'Structure model' 
_pdbx_audit_revision_details.provider            repository 
_pdbx_audit_revision_details.type                'Initial release' 
_pdbx_audit_revision_details.description         ? 
_pdbx_audit_revision_details.details             ? 
# 
loop_
_pdbx_audit_revision_group.ordinal 
_pdbx_audit_revision_group.revision_ordinal 
_pdbx_audit_revision_group.data_content_type 
_pdbx_audit_revision_group.group 
1 2 'Structure model' 'Data collection'        
2 2 'Structure model' 'Database references'    
3 2 'Structure model' 'Refinement description' 
# 
loop_
_pdbx_audit_revision_category.ordinal 
_pdbx_audit_revision_category.revision_ordinal 
_pdbx_audit_revision_category.data_content_type 
_pdbx_audit_revision_category.category 
1 2 'Structure model' chem_comp_atom                
2 2 'Structure model' chem_comp_bond                
3 2 'Structure model' database_2                    
4 2 'Structure model' pdbx_initial_refinement_model 
# 
loop_
_pdbx_audit_revision_item.ordinal 
_pdbx_audit_revision_item.revision_ordinal 
_pdbx_audit_revision_item.data_content_type 
_pdbx_audit_revision_item.item 
1 2 'Structure model' '_database_2.pdbx_DOI'                
2 2 'Structure model' '_database_2.pdbx_database_accession' 
# 
_pdbx_database_status.status_code                     REL 
_pdbx_database_status.status_code_sf                  REL 
_pdbx_database_status.status_code_mr                  ? 
_pdbx_database_status.entry_id                        6RJX 
_pdbx_database_status.recvd_initial_deposition_date   2019-04-29 
_pdbx_database_status.SG_entry                        N 
_pdbx_database_status.deposit_site                    PDBE 
_pdbx_database_status.process_site                    PDBE 
_pdbx_database_status.status_code_cs                  ? 
_pdbx_database_status.methods_development_category    ? 
_pdbx_database_status.pdb_format_compatible           Y 
_pdbx_database_status.status_code_nmr_data            ? 
# 
loop_
_audit_author.name 
_audit_author.pdbx_ordinal 
_audit_author.identifier_ORCID 
'Brangulis, K.' 1 ? 
'Akopjana, I.'  2 ? 
'Kazaks, A.'    3 ? 
'Tars, K.'      4 ? 
# 
_citation.abstract                  ? 
_citation.abstract_id_CAS           ? 
_citation.book_id_ISBN              ? 
_citation.book_publisher            ? 
_citation.book_publisher_city       ? 
_citation.book_title                ? 
_citation.coordinate_linkage        ? 
_citation.country                   ? 
_citation.database_id_Medline       ? 
_citation.details                   ? 
_citation.id                        primary 
_citation.journal_abbrev            'Acta Crystallogr D Struct Biol' 
_citation.journal_id_ASTM           ? 
_citation.journal_id_CSD            ? 
_citation.journal_id_ISSN           2059-7983 
_citation.journal_full              ? 
_citation.journal_issue             ? 
_citation.journal_volume            75 
_citation.language                  ? 
_citation.page_first                825 
_citation.page_last                 830 
_citation.title                     
'Crystal structure of the N-terminal domain of the major virulence factor BB0323 from the Lyme disease agent Borrelia burgdorferi.' 
_citation.year                      2019 
_citation.database_id_CSD           ? 
_citation.pdbx_database_id_DOI      10.1107/S2059798319010751 
_citation.pdbx_database_id_PubMed   31478905 
_citation.unpublished_flag          ? 
# 
loop_
_citation_author.citation_id 
_citation_author.name 
_citation_author.ordinal 
_citation_author.identifier_ORCID 
primary 'Brangulis, K.' 1 ? 
primary 'Akopjana, I.'  2 ? 
primary 'Kazaks, A.'    3 ? 
primary 'Tars, K.'      4 ? 
# 
_entity.id                         1 
_entity.type                       polymer 
_entity.src_method                 man 
_entity.pdbx_description           'LysM domain protein' 
_entity.formula_weight             22249.201 
_entity.pdbx_number_of_molecules   1 
_entity.pdbx_ec                    ? 
_entity.pdbx_mutation              ? 
_entity.pdbx_fragment              ? 
_entity.details                    'the first 4 residues (GAMG) are remnants from the expression tag.' 
# 
_entity_poly.entity_id                      1 
_entity_poly.type                           'polypeptide(L)' 
_entity_poly.nstd_linkage                   no 
_entity_poly.nstd_monomer                   no 
_entity_poly.pdbx_seq_one_letter_code       
;GAMGESRESKNAKIAQPDNKNFQLRDIKDIKNELIRERGHLFYSKEFNEAERLEEAMKQSFSKKKAIEGNEIALKVLERY
KTIIRETREKKEKTNYLKENIEKYLNDAEANEAYIWIPLEIDEVNNLYFEATRKYKNYDLDNALDMYSKAFNRAQQAAKN
AKEAKALKETDERMYKQLKALEAASNLPI
;
_entity_poly.pdbx_seq_one_letter_code_can   
;GAMGESRESKNAKIAQPDNKNFQLRDIKDIKNELIRERGHLFYSKEFNEAERLEEAMKQSFSKKKAIEGNEIALKVLERY
KTIIRETREKKEKTNYLKENIEKYLNDAEANEAYIWIPLEIDEVNNLYFEATRKYKNYDLDNALDMYSKAFNRAQQAAKN
AKEAKALKETDERMYKQLKALEAASNLPI
;
_entity_poly.pdbx_strand_id                 A 
_entity_poly.pdbx_target_identifier         ? 
# 
loop_
_entity_poly_seq.entity_id 
_entity_poly_seq.num 
_entity_poly_seq.mon_id 
_entity_poly_seq.hetero 
1 1   GLY n 
1 2   ALA n 
1 3   MET n 
1 4   GLY n 
1 5   GLU n 
1 6   SER n 
1 7   ARG n 
1 8   GLU n 
1 9   SER n 
1 10  LYS n 
1 11  ASN n 
1 12  ALA n 
1 13  LYS n 
1 14  ILE n 
1 15  ALA n 
1 16  GLN n 
1 17  PRO n 
1 18  ASP n 
1 19  ASN n 
1 20  LYS n 
1 21  ASN n 
1 22  PHE n 
1 23  GLN n 
1 24  LEU n 
1 25  ARG n 
1 26  ASP n 
1 27  ILE n 
1 28  LYS n 
1 29  ASP n 
1 30  ILE n 
1 31  LYS n 
1 32  ASN n 
1 33  GLU n 
1 34  LEU n 
1 35  ILE n 
1 36  ARG n 
1 37  GLU n 
1 38  ARG n 
1 39  GLY n 
1 40  HIS n 
1 41  LEU n 
1 42  PHE n 
1 43  TYR n 
1 44  SER n 
1 45  LYS n 
1 46  GLU n 
1 47  PHE n 
1 48  ASN n 
1 49  GLU n 
1 50  ALA n 
1 51  GLU n 
1 52  ARG n 
1 53  LEU n 
1 54  GLU n 
1 55  GLU n 
1 56  ALA n 
1 57  MET n 
1 58  LYS n 
1 59  GLN n 
1 60  SER n 
1 61  PHE n 
1 62  SER n 
1 63  LYS n 
1 64  LYS n 
1 65  LYS n 
1 66  ALA n 
1 67  ILE n 
1 68  GLU n 
1 69  GLY n 
1 70  ASN n 
1 71  GLU n 
1 72  ILE n 
1 73  ALA n 
1 74  LEU n 
1 75  LYS n 
1 76  VAL n 
1 77  LEU n 
1 78  GLU n 
1 79  ARG n 
1 80  TYR n 
1 81  LYS n 
1 82  THR n 
1 83  ILE n 
1 84  ILE n 
1 85  ARG n 
1 86  GLU n 
1 87  THR n 
1 88  ARG n 
1 89  GLU n 
1 90  LYS n 
1 91  LYS n 
1 92  GLU n 
1 93  LYS n 
1 94  THR n 
1 95  ASN n 
1 96  TYR n 
1 97  LEU n 
1 98  LYS n 
1 99  GLU n 
1 100 ASN n 
1 101 ILE n 
1 102 GLU n 
1 103 LYS n 
1 104 TYR n 
1 105 LEU n 
1 106 ASN n 
1 107 ASP n 
1 108 ALA n 
1 109 GLU n 
1 110 ALA n 
1 111 ASN n 
1 112 GLU n 
1 113 ALA n 
1 114 TYR n 
1 115 ILE n 
1 116 TRP n 
1 117 ILE n 
1 118 PRO n 
1 119 LEU n 
1 120 GLU n 
1 121 ILE n 
1 122 ASP n 
1 123 GLU n 
1 124 VAL n 
1 125 ASN n 
1 126 ASN n 
1 127 LEU n 
1 128 TYR n 
1 129 PHE n 
1 130 GLU n 
1 131 ALA n 
1 132 THR n 
1 133 ARG n 
1 134 LYS n 
1 135 TYR n 
1 136 LYS n 
1 137 ASN n 
1 138 TYR n 
1 139 ASP n 
1 140 LEU n 
1 141 ASP n 
1 142 ASN n 
1 143 ALA n 
1 144 LEU n 
1 145 ASP n 
1 146 MET n 
1 147 TYR n 
1 148 SER n 
1 149 LYS n 
1 150 ALA n 
1 151 PHE n 
1 152 ASN n 
1 153 ARG n 
1 154 ALA n 
1 155 GLN n 
1 156 GLN n 
1 157 ALA n 
1 158 ALA n 
1 159 LYS n 
1 160 ASN n 
1 161 ALA n 
1 162 LYS n 
1 163 GLU n 
1 164 ALA n 
1 165 LYS n 
1 166 ALA n 
1 167 LEU n 
1 168 LYS n 
1 169 GLU n 
1 170 THR n 
1 171 ASP n 
1 172 GLU n 
1 173 ARG n 
1 174 MET n 
1 175 TYR n 
1 176 LYS n 
1 177 GLN n 
1 178 LEU n 
1 179 LYS n 
1 180 ALA n 
1 181 LEU n 
1 182 GLU n 
1 183 ALA n 
1 184 ALA n 
1 185 SER n 
1 186 ASN n 
1 187 LEU n 
1 188 PRO n 
1 189 ILE n 
# 
_entity_src_gen.entity_id                          1 
_entity_src_gen.pdbx_src_id                        1 
_entity_src_gen.pdbx_alt_source_flag               sample 
_entity_src_gen.pdbx_seq_type                      'Biological sequence' 
_entity_src_gen.pdbx_beg_seq_num                   1 
_entity_src_gen.pdbx_end_seq_num                   189 
_entity_src_gen.gene_src_common_name               ? 
_entity_src_gen.gene_src_genus                     ? 
_entity_src_gen.pdbx_gene_src_gene                 BB_0323 
_entity_src_gen.gene_src_species                   ? 
_entity_src_gen.gene_src_strain                    'ATCC 35210 / B31 / CIP 102532 / DSM 4680' 
_entity_src_gen.gene_src_tissue                    ? 
_entity_src_gen.gene_src_tissue_fraction           ? 
_entity_src_gen.gene_src_details                   ? 
_entity_src_gen.pdbx_gene_src_fragment             ? 
_entity_src_gen.pdbx_gene_src_scientific_name      'Borrelia burgdorferi (strain ATCC 35210 / B31 / CIP 102532 / DSM 4680)' 
_entity_src_gen.pdbx_gene_src_ncbi_taxonomy_id     224326 
_entity_src_gen.pdbx_gene_src_variant              ? 
_entity_src_gen.pdbx_gene_src_cell_line            ? 
_entity_src_gen.pdbx_gene_src_atcc                 ? 
_entity_src_gen.pdbx_gene_src_organ                ? 
_entity_src_gen.pdbx_gene_src_organelle            ? 
_entity_src_gen.pdbx_gene_src_cell                 ? 
_entity_src_gen.pdbx_gene_src_cellular_location    ? 
_entity_src_gen.host_org_common_name               ? 
_entity_src_gen.pdbx_host_org_scientific_name      'Escherichia coli BL21(DE3)' 
_entity_src_gen.pdbx_host_org_ncbi_taxonomy_id     469008 
_entity_src_gen.host_org_genus                     ? 
_entity_src_gen.pdbx_host_org_gene                 ? 
_entity_src_gen.pdbx_host_org_organ                ? 
_entity_src_gen.host_org_species                   ? 
_entity_src_gen.pdbx_host_org_tissue               ? 
_entity_src_gen.pdbx_host_org_tissue_fraction      ? 
_entity_src_gen.pdbx_host_org_strain               ? 
_entity_src_gen.pdbx_host_org_variant              ? 
_entity_src_gen.pdbx_host_org_cell_line            ? 
_entity_src_gen.pdbx_host_org_atcc                 ? 
_entity_src_gen.pdbx_host_org_culture_collection   ? 
_entity_src_gen.pdbx_host_org_cell                 ? 
_entity_src_gen.pdbx_host_org_organelle            ? 
_entity_src_gen.pdbx_host_org_cellular_location    ? 
_entity_src_gen.pdbx_host_org_vector_type          ? 
_entity_src_gen.pdbx_host_org_vector               ? 
_entity_src_gen.host_org_details                   ? 
_entity_src_gen.expression_system_id               ? 
_entity_src_gen.plasmid_name                       pETm-11 
_entity_src_gen.plasmid_details                    ? 
_entity_src_gen.pdbx_description                   ? 
# 
loop_
_chem_comp.id 
_chem_comp.type 
_chem_comp.mon_nstd_flag 
_chem_comp.name 
_chem_comp.pdbx_synonyms 
_chem_comp.formula 
_chem_comp.formula_weight 
ALA 'L-peptide linking' y ALANINE         ? 'C3 H7 N O2'     89.093  
ARG 'L-peptide linking' y ARGININE        ? 'C6 H15 N4 O2 1' 175.209 
ASN 'L-peptide linking' y ASPARAGINE      ? 'C4 H8 N2 O3'    132.118 
ASP 'L-peptide linking' y 'ASPARTIC ACID' ? 'C4 H7 N O4'     133.103 
GLN 'L-peptide linking' y GLUTAMINE       ? 'C5 H10 N2 O3'   146.144 
GLU 'L-peptide linking' y 'GLUTAMIC ACID' ? 'C5 H9 N O4'     147.129 
GLY 'peptide linking'   y GLYCINE         ? 'C2 H5 N O2'     75.067  
HIS 'L-peptide linking' y HISTIDINE       ? 'C6 H10 N3 O2 1' 156.162 
ILE 'L-peptide linking' y ISOLEUCINE      ? 'C6 H13 N O2'    131.173 
LEU 'L-peptide linking' y LEUCINE         ? 'C6 H13 N O2'    131.173 
LYS 'L-peptide linking' y LYSINE          ? 'C6 H15 N2 O2 1' 147.195 
MET 'L-peptide linking' y METHIONINE      ? 'C5 H11 N O2 S'  149.211 
PHE 'L-peptide linking' y PHENYLALANINE   ? 'C9 H11 N O2'    165.189 
PRO 'L-peptide linking' y PROLINE         ? 'C5 H9 N O2'     115.130 
SER 'L-peptide linking' y SERINE          ? 'C3 H7 N O3'     105.093 
THR 'L-peptide linking' y THREONINE       ? 'C4 H9 N O3'     119.119 
TRP 'L-peptide linking' y TRYPTOPHAN      ? 'C11 H12 N2 O2'  204.225 
TYR 'L-peptide linking' y TYROSINE        ? 'C9 H11 N O3'    181.189 
VAL 'L-peptide linking' y VALINE          ? 'C5 H11 N O2'    117.146 
# 
loop_
_pdbx_poly_seq_scheme.asym_id 
_pdbx_poly_seq_scheme.entity_id 
_pdbx_poly_seq_scheme.seq_id 
_pdbx_poly_seq_scheme.mon_id 
_pdbx_poly_seq_scheme.ndb_seq_num 
_pdbx_poly_seq_scheme.pdb_seq_num 
_pdbx_poly_seq_scheme.auth_seq_num 
_pdbx_poly_seq_scheme.pdb_mon_id 
_pdbx_poly_seq_scheme.auth_mon_id 
_pdbx_poly_seq_scheme.pdb_strand_id 
_pdbx_poly_seq_scheme.pdb_ins_code 
_pdbx_poly_seq_scheme.hetero 
A 1 1   GLY 1   1   ?   ?   ?   A . n 
A 1 2   ALA 2   2   ?   ?   ?   A . n 
A 1 3   MET 3   3   ?   ?   ?   A . n 
A 1 4   GLY 4   4   ?   ?   ?   A . n 
A 1 5   GLU 5   5   ?   ?   ?   A . n 
A 1 6   SER 6   6   ?   ?   ?   A . n 
A 1 7   ARG 7   7   ?   ?   ?   A . n 
A 1 8   GLU 8   8   ?   ?   ?   A . n 
A 1 9   SER 9   9   ?   ?   ?   A . n 
A 1 10  LYS 10  10  ?   ?   ?   A . n 
A 1 11  ASN 11  11  ?   ?   ?   A . n 
A 1 12  ALA 12  12  ?   ?   ?   A . n 
A 1 13  LYS 13  13  ?   ?   ?   A . n 
A 1 14  ILE 14  14  ?   ?   ?   A . n 
A 1 15  ALA 15  15  ?   ?   ?   A . n 
A 1 16  GLN 16  16  ?   ?   ?   A . n 
A 1 17  PRO 17  17  ?   ?   ?   A . n 
A 1 18  ASP 18  18  ?   ?   ?   A . n 
A 1 19  ASN 19  19  ?   ?   ?   A . n 
A 1 20  LYS 20  20  ?   ?   ?   A . n 
A 1 21  ASN 21  21  ?   ?   ?   A . n 
A 1 22  PHE 22  22  ?   ?   ?   A . n 
A 1 23  GLN 23  23  ?   ?   ?   A . n 
A 1 24  LEU 24  24  24  LEU LEU A . n 
A 1 25  ARG 25  25  25  ARG ARG A . n 
A 1 26  ASP 26  26  26  ASP ASP A . n 
A 1 27  ILE 27  27  27  ILE ILE A . n 
A 1 28  LYS 28  28  28  LYS LYS A . n 
A 1 29  ASP 29  29  29  ASP ASP A . n 
A 1 30  ILE 30  30  30  ILE ILE A . n 
A 1 31  LYS 31  31  31  LYS LYS A . n 
A 1 32  ASN 32  32  32  ASN ASN A . n 
A 1 33  GLU 33  33  33  GLU GLU A . n 
A 1 34  LEU 34  34  34  LEU LEU A . n 
A 1 35  ILE 35  35  35  ILE ILE A . n 
A 1 36  ARG 36  36  36  ARG ARG A . n 
A 1 37  GLU 37  37  37  GLU GLU A . n 
A 1 38  ARG 38  38  38  ARG ARG A . n 
A 1 39  GLY 39  39  39  GLY GLY A . n 
A 1 40  HIS 40  40  40  HIS HIS A . n 
A 1 41  LEU 41  41  41  LEU LEU A . n 
A 1 42  PHE 42  42  42  PHE PHE A . n 
A 1 43  TYR 43  43  43  TYR TYR A . n 
A 1 44  SER 44  44  44  SER SER A . n 
A 1 45  LYS 45  45  45  LYS LYS A . n 
A 1 46  GLU 46  46  46  GLU GLU A . n 
A 1 47  PHE 47  47  47  PHE PHE A . n 
A 1 48  ASN 48  48  48  ASN ASN A . n 
A 1 49  GLU 49  49  49  GLU GLU A . n 
A 1 50  ALA 50  50  50  ALA ALA A . n 
A 1 51  GLU 51  51  51  GLU GLU A . n 
A 1 52  ARG 52  52  52  ARG ARG A . n 
A 1 53  LEU 53  53  53  LEU LEU A . n 
A 1 54  GLU 54  54  54  GLU GLU A . n 
A 1 55  GLU 55  55  55  GLU GLU A . n 
A 1 56  ALA 56  56  56  ALA ALA A . n 
A 1 57  MET 57  57  57  MET MET A . n 
A 1 58  LYS 58  58  58  LYS LYS A . n 
A 1 59  GLN 59  59  59  GLN GLN A . n 
A 1 60  SER 60  60  60  SER SER A . n 
A 1 61  PHE 61  61  61  PHE PHE A . n 
A 1 62  SER 62  62  62  SER SER A . n 
A 1 63  LYS 63  63  63  LYS LYS A . n 
A 1 64  LYS 64  64  64  LYS LYS A . n 
A 1 65  LYS 65  65  65  LYS LYS A . n 
A 1 66  ALA 66  66  66  ALA ALA A . n 
A 1 67  ILE 67  67  67  ILE ILE A . n 
A 1 68  GLU 68  68  68  GLU GLU A . n 
A 1 69  GLY 69  69  69  GLY GLY A . n 
A 1 70  ASN 70  70  70  ASN ASN A . n 
A 1 71  GLU 71  71  71  GLU GLU A . n 
A 1 72  ILE 72  72  72  ILE ILE A . n 
A 1 73  ALA 73  73  73  ALA ALA A . n 
A 1 74  LEU 74  74  74  LEU LEU A . n 
A 1 75  LYS 75  75  75  LYS LYS A . n 
A 1 76  VAL 76  76  76  VAL VAL A . n 
A 1 77  LEU 77  77  77  LEU LEU A . n 
A 1 78  GLU 78  78  78  GLU GLU A . n 
A 1 79  ARG 79  79  79  ARG ARG A . n 
A 1 80  TYR 80  80  80  TYR TYR A . n 
A 1 81  LYS 81  81  81  LYS LYS A . n 
A 1 82  THR 82  82  82  THR THR A . n 
A 1 83  ILE 83  83  83  ILE ILE A . n 
A 1 84  ILE 84  84  84  ILE ILE A . n 
A 1 85  ARG 85  85  85  ARG ARG A . n 
A 1 86  GLU 86  86  86  GLU GLU A . n 
A 1 87  THR 87  87  87  THR THR A . n 
A 1 88  ARG 88  88  88  ARG ARG A . n 
A 1 89  GLU 89  89  89  GLU GLU A . n 
A 1 90  LYS 90  90  90  LYS LYS A . n 
A 1 91  LYS 91  91  91  LYS LYS A . n 
A 1 92  GLU 92  92  92  GLU GLU A . n 
A 1 93  LYS 93  93  93  LYS LYS A . n 
A 1 94  THR 94  94  94  THR THR A . n 
A 1 95  ASN 95  95  95  ASN ASN A . n 
A 1 96  TYR 96  96  96  TYR TYR A . n 
A 1 97  LEU 97  97  97  LEU LEU A . n 
A 1 98  LYS 98  98  98  LYS LYS A . n 
A 1 99  GLU 99  99  99  GLU GLU A . n 
A 1 100 ASN 100 100 100 ASN ASN A . n 
A 1 101 ILE 101 101 101 ILE ILE A . n 
A 1 102 GLU 102 102 102 GLU GLU A . n 
A 1 103 LYS 103 103 103 LYS LYS A . n 
A 1 104 TYR 104 104 104 TYR TYR A . n 
A 1 105 LEU 105 105 105 LEU LEU A . n 
A 1 106 ASN 106 106 106 ASN ASN A . n 
A 1 107 ASP 107 107 107 ASP ASP A . n 
A 1 108 ALA 108 108 108 ALA ALA A . n 
A 1 109 GLU 109 109 109 GLU GLU A . n 
A 1 110 ALA 110 110 110 ALA ALA A . n 
A 1 111 ASN 111 111 111 ASN ASN A . n 
A 1 112 GLU 112 112 112 GLU GLU A . n 
A 1 113 ALA 113 113 113 ALA ALA A . n 
A 1 114 TYR 114 114 114 TYR TYR A . n 
A 1 115 ILE 115 115 115 ILE ILE A . n 
A 1 116 TRP 116 116 116 TRP TRP A . n 
A 1 117 ILE 117 117 117 ILE ILE A . n 
A 1 118 PRO 118 118 118 PRO PRO A . n 
A 1 119 LEU 119 119 119 LEU LEU A . n 
A 1 120 GLU 120 120 120 GLU GLU A . n 
A 1 121 ILE 121 121 121 ILE ILE A . n 
A 1 122 ASP 122 122 122 ASP ASP A . n 
A 1 123 GLU 123 123 123 GLU GLU A . n 
A 1 124 VAL 124 124 124 VAL VAL A . n 
A 1 125 ASN 125 125 125 ASN ASN A . n 
A 1 126 ASN 126 126 126 ASN ASN A . n 
A 1 127 LEU 127 127 127 LEU LEU A . n 
A 1 128 TYR 128 128 128 TYR TYR A . n 
A 1 129 PHE 129 129 129 PHE PHE A . n 
A 1 130 GLU 130 130 130 GLU GLU A . n 
A 1 131 ALA 131 131 131 ALA ALA A . n 
A 1 132 THR 132 132 132 THR THR A . n 
A 1 133 ARG 133 133 133 ARG ARG A . n 
A 1 134 LYS 134 134 134 LYS LYS A . n 
A 1 135 TYR 135 135 135 TYR TYR A . n 
A 1 136 LYS 136 136 136 LYS LYS A . n 
A 1 137 ASN 137 137 137 ASN ASN A . n 
A 1 138 TYR 138 138 138 TYR TYR A . n 
A 1 139 ASP 139 139 139 ASP ASP A . n 
A 1 140 LEU 140 140 140 LEU LEU A . n 
A 1 141 ASP 141 141 141 ASP ASP A . n 
A 1 142 ASN 142 142 142 ASN ASN A . n 
A 1 143 ALA 143 143 143 ALA ALA A . n 
A 1 144 LEU 144 144 144 LEU LEU A . n 
A 1 145 ASP 145 145 145 ASP ASP A . n 
A 1 146 MET 146 146 146 MET MET A . n 
A 1 147 TYR 147 147 147 TYR TYR A . n 
A 1 148 SER 148 148 148 SER SER A . n 
A 1 149 LYS 149 149 149 LYS LYS A . n 
A 1 150 ALA 150 150 150 ALA ALA A . n 
A 1 151 PHE 151 151 151 PHE PHE A . n 
A 1 152 ASN 152 152 152 ASN ASN A . n 
A 1 153 ARG 153 153 153 ARG ARG A . n 
A 1 154 ALA 154 154 154 ALA ALA A . n 
A 1 155 GLN 155 155 155 GLN GLN A . n 
A 1 156 GLN 156 156 156 GLN GLN A . n 
A 1 157 ALA 157 157 157 ALA ALA A . n 
A 1 158 ALA 158 158 158 ALA ALA A . n 
A 1 159 LYS 159 159 159 LYS LYS A . n 
A 1 160 ASN 160 160 160 ASN ASN A . n 
A 1 161 ALA 161 161 161 ALA ALA A . n 
A 1 162 LYS 162 162 162 LYS LYS A . n 
A 1 163 GLU 163 163 163 GLU GLU A . n 
A 1 164 ALA 164 164 164 ALA ALA A . n 
A 1 165 LYS 165 165 165 LYS LYS A . n 
A 1 166 ALA 166 166 166 ALA ALA A . n 
A 1 167 LEU 167 167 167 LEU LEU A . n 
A 1 168 LYS 168 168 168 LYS LYS A . n 
A 1 169 GLU 169 169 169 GLU GLU A . n 
A 1 170 THR 170 170 170 THR THR A . n 
A 1 171 ASP 171 171 171 ASP ASP A . n 
A 1 172 GLU 172 172 172 GLU GLU A . n 
A 1 173 ARG 173 173 173 ARG ARG A . n 
A 1 174 MET 174 174 174 MET MET A . n 
A 1 175 TYR 175 175 175 TYR TYR A . n 
A 1 176 LYS 176 176 176 LYS LYS A . n 
A 1 177 GLN 177 177 177 GLN GLN A . n 
A 1 178 LEU 178 178 178 LEU LEU A . n 
A 1 179 LYS 179 179 179 LYS LYS A . n 
A 1 180 ALA 180 180 180 ALA ALA A . n 
A 1 181 LEU 181 181 ?   ?   ?   A . n 
A 1 182 GLU 182 182 ?   ?   ?   A . n 
A 1 183 ALA 183 183 ?   ?   ?   A . n 
A 1 184 ALA 184 184 ?   ?   ?   A . n 
A 1 185 SER 185 185 ?   ?   ?   A . n 
A 1 186 ASN 186 186 ?   ?   ?   A . n 
A 1 187 LEU 187 187 ?   ?   ?   A . n 
A 1 188 PRO 188 188 ?   ?   ?   A . n 
A 1 189 ILE 189 189 ?   ?   ?   A . n 
# 
loop_
_software.citation_id 
_software.classification 
_software.compiler_name 
_software.compiler_version 
_software.contact_author 
_software.contact_author_email 
_software.date 
_software.description 
_software.dependencies 
_software.hardware 
_software.language 
_software.location 
_software.mods 
_software.name 
_software.os 
_software.os_version 
_software.type 
_software.version 
_software.pdbx_ordinal 
? refinement        ? ? ? ? ? ? ? ? ? ? ? REFMAC      ? ? ? 5.8.0238 1 
? 'data extraction' ? ? ? ? ? ? ? ? ? ? ? PDB_EXTRACT ? ? ? 3.25     2 
? 'data reduction'  ? ? ? ? ? ? ? ? ? ? ? XDS         ? ? ? .        3 
? 'data scaling'    ? ? ? ? ? ? ? ? ? ? ? Aimless     ? ? ? .        4 
? phasing           ? ? ? ? ? ? ? ? ? ? ? PHASER      ? ? ? .        5 
# 
_cell.angle_alpha                  90.000 
_cell.angle_alpha_esd              ? 
_cell.angle_beta                   90.000 
_cell.angle_beta_esd               ? 
_cell.angle_gamma                  90.000 
_cell.angle_gamma_esd              ? 
_cell.entry_id                     6RJX 
_cell.details                      ? 
_cell.formula_units_Z              ? 
_cell.length_a                     41.438 
_cell.length_a_esd                 ? 
_cell.length_b                     47.085 
_cell.length_b_esd                 ? 
_cell.length_c                     87.993 
_cell.length_c_esd                 ? 
_cell.volume                       ? 
_cell.volume_esd                   ? 
_cell.Z_PDB                        4 
_cell.reciprocal_angle_alpha       ? 
_cell.reciprocal_angle_beta        ? 
_cell.reciprocal_angle_gamma       ? 
_cell.reciprocal_angle_alpha_esd   ? 
_cell.reciprocal_angle_beta_esd    ? 
_cell.reciprocal_angle_gamma_esd   ? 
_cell.reciprocal_length_a          ? 
_cell.reciprocal_length_b          ? 
_cell.reciprocal_length_c          ? 
_cell.reciprocal_length_a_esd      ? 
_cell.reciprocal_length_b_esd      ? 
_cell.reciprocal_length_c_esd      ? 
_cell.pdbx_unique_axis             ? 
# 
_symmetry.entry_id                         6RJX 
_symmetry.cell_setting                     ? 
_symmetry.Int_Tables_number                19 
_symmetry.space_group_name_Hall            ? 
_symmetry.space_group_name_H-M             'P 21 21 21' 
_symmetry.pdbx_full_space_group_name_H-M   ? 
# 
_exptl.absorpt_coefficient_mu     ? 
_exptl.absorpt_correction_T_max   ? 
_exptl.absorpt_correction_T_min   ? 
_exptl.absorpt_correction_type    ? 
_exptl.absorpt_process_details    ? 
_exptl.entry_id                   6RJX 
_exptl.crystals_number            1 
_exptl.details                    ? 
_exptl.method                     'X-RAY DIFFRACTION' 
_exptl.method_details             ? 
# 
_exptl_crystal.colour                      ? 
_exptl_crystal.density_diffrn              ? 
_exptl_crystal.density_Matthews            1.93 
_exptl_crystal.density_method              ? 
_exptl_crystal.density_percent_sol         36.24 
_exptl_crystal.description                 ? 
_exptl_crystal.F_000                       ? 
_exptl_crystal.id                          1 
_exptl_crystal.preparation                 ? 
_exptl_crystal.size_max                    ? 
_exptl_crystal.size_mid                    ? 
_exptl_crystal.size_min                    ? 
_exptl_crystal.size_rad                    ? 
_exptl_crystal.colour_lustre               ? 
_exptl_crystal.colour_modifier             ? 
_exptl_crystal.colour_primary              ? 
_exptl_crystal.density_meas                ? 
_exptl_crystal.density_meas_esd            ? 
_exptl_crystal.density_meas_gt             ? 
_exptl_crystal.density_meas_lt             ? 
_exptl_crystal.density_meas_temp           ? 
_exptl_crystal.density_meas_temp_esd       ? 
_exptl_crystal.density_meas_temp_gt        ? 
_exptl_crystal.density_meas_temp_lt        ? 
_exptl_crystal.pdbx_crystal_image_url      ? 
_exptl_crystal.pdbx_crystal_image_format   ? 
_exptl_crystal.pdbx_mosaicity              ? 
_exptl_crystal.pdbx_mosaicity_esd          ? 
# 
_exptl_crystal_grow.apparatus       ? 
_exptl_crystal_grow.atmosphere      ? 
_exptl_crystal_grow.crystal_id      1 
_exptl_crystal_grow.details         ? 
_exptl_crystal_grow.method          'VAPOR DIFFUSION, SITTING DROP' 
_exptl_crystal_grow.method_ref      ? 
_exptl_crystal_grow.pH              ? 
_exptl_crystal_grow.pressure        ? 
_exptl_crystal_grow.pressure_esd    ? 
_exptl_crystal_grow.seeding         ? 
_exptl_crystal_grow.seeding_ref     ? 
_exptl_crystal_grow.temp            294 
_exptl_crystal_grow.temp_details    ? 
_exptl_crystal_grow.temp_esd        ? 
_exptl_crystal_grow.time            ? 
_exptl_crystal_grow.pdbx_details    
;0.2 M KNO3
18% PEG 3350
;
_exptl_crystal_grow.pdbx_pH_range   ? 
# 
_diffrn.ambient_environment              ? 
_diffrn.ambient_temp                     100 
_diffrn.ambient_temp_details             ? 
_diffrn.ambient_temp_esd                 ? 
_diffrn.crystal_id                       1 
_diffrn.crystal_support                  ? 
_diffrn.crystal_treatment                ? 
_diffrn.details                          ? 
_diffrn.id                               1 
_diffrn.ambient_pressure                 ? 
_diffrn.ambient_pressure_esd             ? 
_diffrn.ambient_pressure_gt              ? 
_diffrn.ambient_pressure_lt              ? 
_diffrn.ambient_temp_gt                  ? 
_diffrn.ambient_temp_lt                  ? 
_diffrn.pdbx_serial_crystal_experiment   N 
# 
_diffrn_detector.details                      ? 
_diffrn_detector.detector                     PIXEL 
_diffrn_detector.diffrn_id                    1 
_diffrn_detector.type                         'DECTRIS PILATUS3 6M' 
_diffrn_detector.area_resol_mean              ? 
_diffrn_detector.dtime                        ? 
_diffrn_detector.pdbx_frames_total            ? 
_diffrn_detector.pdbx_collection_time_total   ? 
_diffrn_detector.pdbx_collection_date         2018-05-09 
_diffrn_detector.pdbx_frequency               ? 
# 
_diffrn_radiation.collimation                      ? 
_diffrn_radiation.diffrn_id                        1 
_diffrn_radiation.filter_edge                      ? 
_diffrn_radiation.inhomogeneity                    ? 
_diffrn_radiation.monochromator                    ? 
_diffrn_radiation.polarisn_norm                    ? 
_diffrn_radiation.polarisn_ratio                   ? 
_diffrn_radiation.probe                            ? 
_diffrn_radiation.type                             ? 
_diffrn_radiation.xray_symbol                      ? 
_diffrn_radiation.wavelength_id                    1 
_diffrn_radiation.pdbx_monochromatic_or_laue_m_l   M 
_diffrn_radiation.pdbx_wavelength_list             ? 
_diffrn_radiation.pdbx_wavelength                  ? 
_diffrn_radiation.pdbx_diffrn_protocol             'SINGLE WAVELENGTH' 
_diffrn_radiation.pdbx_analyzer                    ? 
_diffrn_radiation.pdbx_scattering_type             x-ray 
# 
_diffrn_radiation_wavelength.id           1 
_diffrn_radiation_wavelength.wavelength   0.91840 
_diffrn_radiation_wavelength.wt           1.0 
# 
_diffrn_source.current                     ? 
_diffrn_source.details                     ? 
_diffrn_source.diffrn_id                   1 
_diffrn_source.power                       ? 
_diffrn_source.size                        ? 
_diffrn_source.source                      SYNCHROTRON 
_diffrn_source.target                      ? 
_diffrn_source.type                        'BESSY BEAMLINE 14.1' 
_diffrn_source.voltage                     ? 
_diffrn_source.take-off_angle              ? 
_diffrn_source.pdbx_wavelength_list        0.91840 
_diffrn_source.pdbx_wavelength             ? 
_diffrn_source.pdbx_synchrotron_beamline   14.1 
_diffrn_source.pdbx_synchrotron_site       BESSY 
# 
_reflns.B_iso_Wilson_estimate            ? 
_reflns.entry_id                         6RJX 
_reflns.data_reduction_details           ? 
_reflns.data_reduction_method            ? 
_reflns.d_resolution_high                2.35 
_reflns.d_resolution_low                 44.00 
_reflns.details                          ? 
_reflns.limit_h_max                      ? 
_reflns.limit_h_min                      ? 
_reflns.limit_k_max                      ? 
_reflns.limit_k_min                      ? 
_reflns.limit_l_max                      ? 
_reflns.limit_l_min                      ? 
_reflns.number_all                       ? 
_reflns.number_obs                       7543 
_reflns.observed_criterion               ? 
_reflns.observed_criterion_F_max         ? 
_reflns.observed_criterion_F_min         ? 
_reflns.observed_criterion_I_max         ? 
_reflns.observed_criterion_I_min         ? 
_reflns.observed_criterion_sigma_F       ? 
_reflns.observed_criterion_sigma_I       ? 
_reflns.percent_possible_obs             99.2 
_reflns.R_free_details                   ? 
_reflns.Rmerge_F_all                     ? 
_reflns.Rmerge_F_obs                     ? 
_reflns.Friedel_coverage                 ? 
_reflns.number_gt                        ? 
_reflns.threshold_expression             ? 
_reflns.pdbx_redundancy                  3.5 
_reflns.pdbx_Rmerge_I_obs                0.088 
_reflns.pdbx_Rmerge_I_all                ? 
_reflns.pdbx_Rsym_value                  ? 
_reflns.pdbx_netI_over_av_sigmaI         ? 
_reflns.pdbx_netI_over_sigmaI            8.2 
_reflns.pdbx_res_netI_over_av_sigmaI_2   ? 
_reflns.pdbx_res_netI_over_sigmaI_2      ? 
_reflns.pdbx_chi_squared                 ? 
_reflns.pdbx_scaling_rejects             ? 
_reflns.pdbx_d_res_high_opt              ? 
_reflns.pdbx_d_res_low_opt               ? 
_reflns.pdbx_d_res_opt_method            ? 
_reflns.phase_calculation_details        ? 
_reflns.pdbx_Rrim_I_all                  ? 
_reflns.pdbx_Rpim_I_all                  ? 
_reflns.pdbx_d_opt                       ? 
_reflns.pdbx_number_measured_all         ? 
_reflns.pdbx_diffrn_id                   1 
_reflns.pdbx_ordinal                     1 
_reflns.pdbx_CC_half                     ? 
_reflns.pdbx_R_split                     ? 
# 
_reflns_shell.d_res_high                  2.35 
_reflns_shell.d_res_low                   2.43 
_reflns_shell.meanI_over_sigI_all         ? 
_reflns_shell.meanI_over_sigI_obs         4.2 
_reflns_shell.number_measured_all         ? 
_reflns_shell.number_measured_obs         ? 
_reflns_shell.number_possible             ? 
_reflns_shell.number_unique_all           ? 
_reflns_shell.number_unique_obs           729 
_reflns_shell.percent_possible_all        99.9 
_reflns_shell.percent_possible_obs        ? 
_reflns_shell.Rmerge_F_all                ? 
_reflns_shell.Rmerge_F_obs                ? 
_reflns_shell.Rmerge_I_all                ? 
_reflns_shell.Rmerge_I_obs                0.213 
_reflns_shell.meanI_over_sigI_gt          ? 
_reflns_shell.meanI_over_uI_all           ? 
_reflns_shell.meanI_over_uI_gt            ? 
_reflns_shell.number_measured_gt          ? 
_reflns_shell.number_unique_gt            ? 
_reflns_shell.percent_possible_gt         ? 
_reflns_shell.Rmerge_F_gt                 ? 
_reflns_shell.Rmerge_I_gt                 ? 
_reflns_shell.pdbx_redundancy             ? 
_reflns_shell.pdbx_Rsym_value             ? 
_reflns_shell.pdbx_chi_squared            ? 
_reflns_shell.pdbx_netI_over_sigmaI_all   ? 
_reflns_shell.pdbx_netI_over_sigmaI_obs   ? 
_reflns_shell.pdbx_Rrim_I_all             ? 
_reflns_shell.pdbx_Rpim_I_all             ? 
_reflns_shell.pdbx_rejects                ? 
_reflns_shell.pdbx_ordinal                1 
_reflns_shell.pdbx_diffrn_id              1 
_reflns_shell.pdbx_CC_half                ? 
_reflns_shell.pdbx_R_split                ? 
# 
_refine.aniso_B[1][1]                            0.0400 
_refine.aniso_B[1][2]                            0.0000 
_refine.aniso_B[1][3]                            -0.0000 
_refine.aniso_B[2][2]                            -0.1400 
_refine.aniso_B[2][3]                            0.0000 
_refine.aniso_B[3][3]                            0.1000 
_refine.B_iso_max                                105.810 
_refine.B_iso_mean                               36.1550 
_refine.B_iso_min                                20.810 
_refine.correlation_coeff_Fo_to_Fc               0.9280 
_refine.correlation_coeff_Fo_to_Fc_free          0.9210 
_refine.details                                  
'HYDROGENS HAVE BEEN ADDED IN THE RIDING POSITIONS U VALUES      : REFINED INDIVIDUALLY' 
_refine.diff_density_max                         ? 
_refine.diff_density_max_esd                     ? 
_refine.diff_density_min                         ? 
_refine.diff_density_min_esd                     ? 
_refine.diff_density_rms                         ? 
_refine.diff_density_rms_esd                     ? 
_refine.entry_id                                 6RJX 
_refine.pdbx_refine_id                           'X-RAY DIFFRACTION' 
_refine.ls_abs_structure_details                 ? 
_refine.ls_abs_structure_Flack                   ? 
_refine.ls_abs_structure_Flack_esd               ? 
_refine.ls_abs_structure_Rogers                  ? 
_refine.ls_abs_structure_Rogers_esd              ? 
_refine.ls_d_res_high                            2.3500 
_refine.ls_d_res_low                             44.0000 
_refine.ls_extinction_coef                       ? 
_refine.ls_extinction_coef_esd                   ? 
_refine.ls_extinction_expression                 ? 
_refine.ls_extinction_method                     ? 
_refine.ls_goodness_of_fit_all                   ? 
_refine.ls_goodness_of_fit_all_esd               ? 
_refine.ls_goodness_of_fit_obs                   ? 
_refine.ls_goodness_of_fit_obs_esd               ? 
_refine.ls_hydrogen_treatment                    ? 
_refine.ls_matrix_type                           ? 
_refine.ls_number_constraints                    ? 
_refine.ls_number_parameters                     ? 
_refine.ls_number_reflns_all                     ? 
_refine.ls_number_reflns_obs                     7112 
_refine.ls_number_reflns_R_free                  399 
_refine.ls_number_reflns_R_work                  ? 
_refine.ls_number_restraints                     ? 
_refine.ls_percent_reflns_obs                    98.7800 
_refine.ls_percent_reflns_R_free                 5.3000 
_refine.ls_R_factor_all                          ? 
_refine.ls_R_factor_obs                          0.2303 
_refine.ls_R_factor_R_free                       0.2587 
_refine.ls_R_factor_R_free_error                 ? 
_refine.ls_R_factor_R_free_error_details         ? 
_refine.ls_R_factor_R_work                       0.2286 
_refine.ls_R_Fsqd_factor_obs                     ? 
_refine.ls_R_I_factor_obs                        ? 
_refine.ls_redundancy_reflns_all                 ? 
_refine.ls_redundancy_reflns_obs                 ? 
_refine.ls_restrained_S_all                      ? 
_refine.ls_restrained_S_obs                      ? 
_refine.ls_shift_over_esd_max                    ? 
_refine.ls_shift_over_esd_mean                   ? 
_refine.ls_structure_factor_coef                 ? 
_refine.ls_weighting_details                     ? 
_refine.ls_weighting_scheme                      ? 
_refine.ls_wR_factor_all                         ? 
_refine.ls_wR_factor_obs                         ? 
_refine.ls_wR_factor_R_free                      ? 
_refine.ls_wR_factor_R_work                      ? 
_refine.occupancy_max                            ? 
_refine.occupancy_min                            ? 
_refine.solvent_model_details                    ? 
_refine.solvent_model_param_bsol                 ? 
_refine.solvent_model_param_ksol                 ? 
_refine.ls_R_factor_gt                           ? 
_refine.ls_goodness_of_fit_gt                    ? 
_refine.ls_goodness_of_fit_ref                   ? 
_refine.ls_shift_over_su_max                     ? 
_refine.ls_shift_over_su_max_lt                  ? 
_refine.ls_shift_over_su_mean                    ? 
_refine.ls_shift_over_su_mean_lt                 ? 
_refine.pdbx_ls_sigma_I                          ? 
_refine.pdbx_ls_sigma_F                          0.000 
_refine.pdbx_ls_sigma_Fsqd                       ? 
_refine.pdbx_data_cutoff_high_absF               ? 
_refine.pdbx_data_cutoff_high_rms_absF           ? 
_refine.pdbx_data_cutoff_low_absF                ? 
_refine.pdbx_isotropic_thermal_model             ? 
_refine.pdbx_ls_cross_valid_method               THROUGHOUT 
_refine.pdbx_method_to_determine_struct          'MOLECULAR REPLACEMENT' 
_refine.pdbx_starting_model                      6RJW 
_refine.pdbx_stereochemistry_target_values       ? 
_refine.pdbx_R_Free_selection_details            RANDOM 
_refine.pdbx_stereochem_target_val_spec_case     ? 
_refine.pdbx_overall_ESU_R                       0.4690 
_refine.pdbx_overall_ESU_R_Free                  0.2680 
_refine.pdbx_solvent_vdw_probe_radii             1.2000 
_refine.pdbx_solvent_ion_probe_radii             0.8000 
_refine.pdbx_solvent_shrinkage_radii             0.8000 
_refine.pdbx_real_space_R                        ? 
_refine.pdbx_density_correlation                 ? 
_refine.pdbx_pd_number_of_powder_patterns        ? 
_refine.pdbx_pd_number_of_points                 ? 
_refine.pdbx_pd_meas_number_of_points            ? 
_refine.pdbx_pd_proc_ls_prof_R_factor            ? 
_refine.pdbx_pd_proc_ls_prof_wR_factor           ? 
_refine.pdbx_pd_Marquardt_correlation_coeff      ? 
_refine.pdbx_pd_Fsqrd_R_factor                   ? 
_refine.pdbx_pd_ls_matrix_band_width             ? 
_refine.pdbx_overall_phase_error                 ? 
_refine.pdbx_overall_SU_R_free_Cruickshank_DPI   ? 
_refine.pdbx_overall_SU_R_free_Blow_DPI          ? 
_refine.pdbx_overall_SU_R_Blow_DPI               ? 
_refine.pdbx_TLS_residual_ADP_flag               ? 
_refine.pdbx_diffrn_id                           1 
_refine.overall_SU_B                             9.1970 
_refine.overall_SU_ML                            0.2170 
_refine.overall_SU_R_Cruickshank_DPI             ? 
_refine.overall_SU_R_free                        ? 
_refine.overall_FOM_free_R_set                   ? 
_refine.overall_FOM_work_R_set                   ? 
_refine.pdbx_average_fsc_overall                 ? 
_refine.pdbx_average_fsc_work                    ? 
_refine.pdbx_average_fsc_free                    ? 
# 
_refine_hist.pdbx_refine_id                   'X-RAY DIFFRACTION' 
_refine_hist.cycle_id                         final 
_refine_hist.details                          ? 
_refine_hist.d_res_high                       2.3500 
_refine_hist.d_res_low                        44.0000 
_refine_hist.number_atoms_solvent             0 
_refine_hist.number_atoms_total               1324 
_refine_hist.number_reflns_all                ? 
_refine_hist.number_reflns_obs                ? 
_refine_hist.number_reflns_R_free             ? 
_refine_hist.number_reflns_R_work             ? 
_refine_hist.R_factor_all                     ? 
_refine_hist.R_factor_obs                     ? 
_refine_hist.R_factor_R_free                  ? 
_refine_hist.R_factor_R_work                  ? 
_refine_hist.pdbx_number_residues_total       157 
_refine_hist.pdbx_B_iso_mean_ligand           ? 
_refine_hist.pdbx_B_iso_mean_solvent          ? 
_refine_hist.pdbx_number_atoms_protein        1324 
_refine_hist.pdbx_number_atoms_nucleic_acid   0 
_refine_hist.pdbx_number_atoms_ligand         0 
_refine_hist.pdbx_number_atoms_lipid          ? 
_refine_hist.pdbx_number_atoms_carb           ? 
_refine_hist.pdbx_pseudo_atom_details         ? 
# 
loop_
_refine_ls_restr.pdbx_refine_id 
_refine_ls_restr.criterion 
_refine_ls_restr.dev_ideal 
_refine_ls_restr.dev_ideal_target 
_refine_ls_restr.number 
_refine_ls_restr.rejects 
_refine_ls_restr.type 
_refine_ls_restr.weight 
_refine_ls_restr.pdbx_restraint_function 
'X-RAY DIFFRACTION' ? 0.007  0.013  1342 ? r_bond_refined_d       ? ? 
'X-RAY DIFFRACTION' ? 0.001  0.017  1282 ? r_bond_other_d         ? ? 
'X-RAY DIFFRACTION' ? 1.519  1.659  1791 ? r_angle_refined_deg    ? ? 
'X-RAY DIFFRACTION' ? 1.277  1.594  2985 ? r_angle_other_deg      ? ? 
'X-RAY DIFFRACTION' ? 5.724  5.000  156  ? r_dihedral_angle_1_deg ? ? 
'X-RAY DIFFRACTION' ? 35.764 23.294 85   ? r_dihedral_angle_2_deg ? ? 
'X-RAY DIFFRACTION' ? 18.516 15.000 284  ? r_dihedral_angle_3_deg ? ? 
'X-RAY DIFFRACTION' ? 18.204 15.000 10   ? r_dihedral_angle_4_deg ? ? 
'X-RAY DIFFRACTION' ? 0.069  0.200  171  ? r_chiral_restr         ? ? 
'X-RAY DIFFRACTION' ? 0.006  0.020  1476 ? r_gen_planes_refined   ? ? 
'X-RAY DIFFRACTION' ? 0.001  0.020  278  ? r_gen_planes_other     ? ? 
# 
_refine_ls_shell.pdbx_refine_id                   'X-RAY DIFFRACTION' 
_refine_ls_shell.d_res_high                       2.3500 
_refine_ls_shell.d_res_low                        2.4110 
_refine_ls_shell.number_reflns_all                549 
_refine_ls_shell.number_reflns_obs                ? 
_refine_ls_shell.number_reflns_R_free             22 
_refine_ls_shell.number_reflns_R_work             527 
_refine_ls_shell.percent_reflns_obs               99.8200 
_refine_ls_shell.percent_reflns_R_free            ? 
_refine_ls_shell.R_factor_all                     ? 
_refine_ls_shell.R_factor_obs                     ? 
_refine_ls_shell.R_factor_R_free                  0.4440 
_refine_ls_shell.R_factor_R_free_error            0.0000 
_refine_ls_shell.R_factor_R_work                  0.2690 
_refine_ls_shell.redundancy_reflns_all            ? 
_refine_ls_shell.redundancy_reflns_obs            ? 
_refine_ls_shell.wR_factor_all                    ? 
_refine_ls_shell.wR_factor_obs                    ? 
_refine_ls_shell.wR_factor_R_free                 ? 
_refine_ls_shell.wR_factor_R_work                 ? 
_refine_ls_shell.pdbx_total_number_of_bins_used   20 
_refine_ls_shell.pdbx_phase_error                 ? 
_refine_ls_shell.pdbx_fsc_work                    ? 
_refine_ls_shell.pdbx_fsc_free                    ? 
# 
_struct.entry_id                     6RJX 
_struct.title                        
'Crystal structure of the N-terminal domain of Lyme disease agent Borrelia burgdorferi major virulence factor BB0323 (native data)' 
_struct.pdbx_model_details           ? 
_struct.pdbx_formula_weight          ? 
_struct.pdbx_formula_weight_method   ? 
_struct.pdbx_model_type_details      ? 
_struct.pdbx_CASP_flag               N 
# 
_struct_keywords.entry_id        6RJX 
_struct_keywords.text            'lipoprotein, spectrin repeats, STRUCTURAL PROTEIN' 
_struct_keywords.pdbx_keywords   'STRUCTURAL PROTEIN' 
# 
_struct_asym.id                            A 
_struct_asym.pdbx_blank_PDB_chainid_flag   N 
_struct_asym.pdbx_modified                 N 
_struct_asym.entity_id                     1 
_struct_asym.details                       ? 
# 
_struct_ref.id                         1 
_struct_ref.db_name                    UNP 
_struct_ref.db_code                    O51302_BORBU 
_struct_ref.pdbx_db_accession          O51302 
_struct_ref.pdbx_db_isoform            ? 
_struct_ref.entity_id                  1 
_struct_ref.pdbx_seq_one_letter_code   
;ESRESKNAKIAQPDNKNFQLRDIKDIKNELIRERGHLFYSKEFNEAERLEEAMKQSFSKKKAIEGNEIALKVLERYKTII
RETREKKEKTNYLKENIEKYLNDAEANEAYIWIPLEIDEVNNLYFEATRKYKNYDLDNALDMYSKAFNRAQQAAKNAKEA
KALKETDERMYKQLKALEAASNLPI
;
_struct_ref.pdbx_align_begin           26 
# 
_struct_ref_seq.align_id                      1 
_struct_ref_seq.ref_id                        1 
_struct_ref_seq.pdbx_PDB_id_code              6RJX 
_struct_ref_seq.pdbx_strand_id                A 
_struct_ref_seq.seq_align_beg                 5 
_struct_ref_seq.pdbx_seq_align_beg_ins_code   ? 
_struct_ref_seq.seq_align_end                 189 
_struct_ref_seq.pdbx_seq_align_end_ins_code   ? 
_struct_ref_seq.pdbx_db_accession             O51302 
_struct_ref_seq.db_align_beg                  26 
_struct_ref_seq.pdbx_db_align_beg_ins_code    ? 
_struct_ref_seq.db_align_end                  210 
_struct_ref_seq.pdbx_db_align_end_ins_code    ? 
_struct_ref_seq.pdbx_auth_seq_align_beg       5 
_struct_ref_seq.pdbx_auth_seq_align_end       189 
# 
loop_
_struct_ref_seq_dif.align_id 
_struct_ref_seq_dif.pdbx_pdb_id_code 
_struct_ref_seq_dif.mon_id 
_struct_ref_seq_dif.pdbx_pdb_strand_id 
_struct_ref_seq_dif.seq_num 
_struct_ref_seq_dif.pdbx_pdb_ins_code 
_struct_ref_seq_dif.pdbx_seq_db_name 
_struct_ref_seq_dif.pdbx_seq_db_accession_code 
_struct_ref_seq_dif.db_mon_id 
_struct_ref_seq_dif.pdbx_seq_db_seq_num 
_struct_ref_seq_dif.details 
_struct_ref_seq_dif.pdbx_auth_seq_num 
_struct_ref_seq_dif.pdbx_ordinal 
1 6RJX GLY A 1 ? UNP O51302 ? ? 'expression tag' 1 1 
1 6RJX ALA A 2 ? UNP O51302 ? ? 'expression tag' 2 2 
1 6RJX MET A 3 ? UNP O51302 ? ? 'expression tag' 3 3 
1 6RJX GLY A 4 ? UNP O51302 ? ? 'expression tag' 4 4 
# 
_pdbx_struct_assembly.id                   1 
_pdbx_struct_assembly.details              author_and_software_defined_assembly 
_pdbx_struct_assembly.method_details       PISA 
_pdbx_struct_assembly.oligomeric_details   monomeric 
_pdbx_struct_assembly.oligomeric_count     1 
# 
loop_
_pdbx_struct_assembly_prop.biol_id 
_pdbx_struct_assembly_prop.type 
_pdbx_struct_assembly_prop.value 
_pdbx_struct_assembly_prop.details 
1 'ABSA (A^2)' 0     ? 
1 MORE         0     ? 
1 'SSA (A^2)'  10780 ? 
# 
_pdbx_struct_assembly_gen.assembly_id       1 
_pdbx_struct_assembly_gen.oper_expression   1 
_pdbx_struct_assembly_gen.asym_id_list      A 
# 
_pdbx_struct_assembly_auth_evidence.id                     1 
_pdbx_struct_assembly_auth_evidence.assembly_id            1 
_pdbx_struct_assembly_auth_evidence.experimental_support   'gel filtration' 
_pdbx_struct_assembly_auth_evidence.details                ? 
# 
_pdbx_struct_oper_list.id                   1 
_pdbx_struct_oper_list.type                 'identity operation' 
_pdbx_struct_oper_list.name                 1_555 
_pdbx_struct_oper_list.symmetry_operation   x,y,z 
_pdbx_struct_oper_list.matrix[1][1]         1.0000000000 
_pdbx_struct_oper_list.matrix[1][2]         0.0000000000 
_pdbx_struct_oper_list.matrix[1][3]         0.0000000000 
_pdbx_struct_oper_list.vector[1]            0.0000000000 
_pdbx_struct_oper_list.matrix[2][1]         0.0000000000 
_pdbx_struct_oper_list.matrix[2][2]         1.0000000000 
_pdbx_struct_oper_list.matrix[2][3]         0.0000000000 
_pdbx_struct_oper_list.vector[2]            0.0000000000 
_pdbx_struct_oper_list.matrix[3][1]         0.0000000000 
_pdbx_struct_oper_list.matrix[3][2]         0.0000000000 
_pdbx_struct_oper_list.matrix[3][3]         1.0000000000 
_pdbx_struct_oper_list.vector[3]            0.0000000000 
# 
loop_
_struct_conf.conf_type_id 
_struct_conf.id 
_struct_conf.pdbx_PDB_helix_id 
_struct_conf.beg_label_comp_id 
_struct_conf.beg_label_asym_id 
_struct_conf.beg_label_seq_id 
_struct_conf.pdbx_beg_PDB_ins_code 
_struct_conf.end_label_comp_id 
_struct_conf.end_label_asym_id 
_struct_conf.end_label_seq_id 
_struct_conf.pdbx_end_PDB_ins_code 
_struct_conf.beg_auth_comp_id 
_struct_conf.beg_auth_asym_id 
_struct_conf.beg_auth_seq_id 
_struct_conf.end_auth_comp_id 
_struct_conf.end_auth_asym_id 
_struct_conf.end_auth_seq_id 
_struct_conf.pdbx_PDB_helix_class 
_struct_conf.details 
_struct_conf.pdbx_PDB_helix_length 
HELX_P HELX_P1 AA1 LEU A 24  ? GLU A 37  ? LEU A 24  GLU A 37  1 ? 14 
HELX_P HELX_P2 AA2 ARG A 38  ? TYR A 43  ? ARG A 38  TYR A 43  1 ? 6  
HELX_P HELX_P3 AA3 TYR A 43  ? LYS A 63  ? TYR A 43  LYS A 63  1 ? 21 
HELX_P HELX_P4 AA4 LYS A 65  ? ALA A 110 ? LYS A 65  ALA A 110 1 ? 46 
HELX_P HELX_P5 AA5 GLU A 112 ? ILE A 117 ? GLU A 112 ILE A 117 1 ? 6  
HELX_P HELX_P6 AA6 ILE A 117 ? ASN A 137 ? ILE A 117 ASN A 137 1 ? 21 
HELX_P HELX_P7 AA7 ASP A 139 ? LEU A 178 ? ASP A 139 LEU A 178 1 ? 40 
# 
_struct_conf_type.id          HELX_P 
_struct_conf_type.criteria    ? 
_struct_conf_type.reference   ? 
# 
_pdbx_validate_torsion.id              1 
_pdbx_validate_torsion.PDB_model_num   1 
_pdbx_validate_torsion.auth_comp_id    LYS 
_pdbx_validate_torsion.auth_asym_id    A 
_pdbx_validate_torsion.auth_seq_id     65 
_pdbx_validate_torsion.PDB_ins_code    ? 
_pdbx_validate_torsion.label_alt_id    ? 
_pdbx_validate_torsion.phi             -111.13 
_pdbx_validate_torsion.psi             76.43 
# 
loop_
_pdbx_unobs_or_zero_occ_residues.id 
_pdbx_unobs_or_zero_occ_residues.PDB_model_num 
_pdbx_unobs_or_zero_occ_residues.polymer_flag 
_pdbx_unobs_or_zero_occ_residues.occupancy_flag 
_pdbx_unobs_or_zero_occ_residues.auth_asym_id 
_pdbx_unobs_or_zero_occ_residues.auth_comp_id 
_pdbx_unobs_or_zero_occ_residues.auth_seq_id 
_pdbx_unobs_or_zero_occ_residues.PDB_ins_code 
_pdbx_unobs_or_zero_occ_residues.label_asym_id 
_pdbx_unobs_or_zero_occ_residues.label_comp_id 
_pdbx_unobs_or_zero_occ_residues.label_seq_id 
1  1 Y 1 A GLY 1   ? A GLY 1   
2  1 Y 1 A ALA 2   ? A ALA 2   
3  1 Y 1 A MET 3   ? A MET 3   
4  1 Y 1 A GLY 4   ? A GLY 4   
5  1 Y 1 A GLU 5   ? A GLU 5   
6  1 Y 1 A SER 6   ? A SER 6   
7  1 Y 1 A ARG 7   ? A ARG 7   
8  1 Y 1 A GLU 8   ? A GLU 8   
9  1 Y 1 A SER 9   ? A SER 9   
10 1 Y 1 A LYS 10  ? A LYS 10  
11 1 Y 1 A ASN 11  ? A ASN 11  
12 1 Y 1 A ALA 12  ? A ALA 12  
13 1 Y 1 A LYS 13  ? A LYS 13  
14 1 Y 1 A ILE 14  ? A ILE 14  
15 1 Y 1 A ALA 15  ? A ALA 15  
16 1 Y 1 A GLN 16  ? A GLN 16  
17 1 Y 1 A PRO 17  ? A PRO 17  
18 1 Y 1 A ASP 18  ? A ASP 18  
19 1 Y 1 A ASN 19  ? A ASN 19  
20 1 Y 1 A LYS 20  ? A LYS 20  
21 1 Y 1 A ASN 21  ? A ASN 21  
22 1 Y 1 A PHE 22  ? A PHE 22  
23 1 Y 1 A GLN 23  ? A GLN 23  
24 1 Y 1 A LEU 181 ? A LEU 181 
25 1 Y 1 A GLU 182 ? A GLU 182 
26 1 Y 1 A ALA 183 ? A ALA 183 
27 1 Y 1 A ALA 184 ? A ALA 184 
28 1 Y 1 A SER 185 ? A SER 185 
29 1 Y 1 A ASN 186 ? A ASN 186 
30 1 Y 1 A LEU 187 ? A LEU 187 
31 1 Y 1 A PRO 188 ? A PRO 188 
32 1 Y 1 A ILE 189 ? A ILE 189 
# 
loop_
_chem_comp_atom.comp_id 
_chem_comp_atom.atom_id 
_chem_comp_atom.type_symbol 
_chem_comp_atom.pdbx_aromatic_flag 
_chem_comp_atom.pdbx_stereo_config 
_chem_comp_atom.pdbx_ordinal 
ALA N    N N N 1   
ALA CA   C N S 2   
ALA C    C N N 3   
ALA O    O N N 4   
ALA CB   C N N 5   
ALA OXT  O N N 6   
ALA H    H N N 7   
ALA H2   H N N 8   
ALA HA   H N N 9   
ALA HB1  H N N 10  
ALA HB2  H N N 11  
ALA HB3  H N N 12  
ALA HXT  H N N 13  
ARG N    N N N 14  
ARG CA   C N S 15  
ARG C    C N N 16  
ARG O    O N N 17  
ARG CB   C N N 18  
ARG CG   C N N 19  
ARG CD   C N N 20  
ARG NE   N N N 21  
ARG CZ   C N N 22  
ARG NH1  N N N 23  
ARG NH2  N N N 24  
ARG OXT  O N N 25  
ARG H    H N N 26  
ARG H2   H N N 27  
ARG HA   H N N 28  
ARG HB2  H N N 29  
ARG HB3  H N N 30  
ARG HG2  H N N 31  
ARG HG3  H N N 32  
ARG HD2  H N N 33  
ARG HD3  H N N 34  
ARG HE   H N N 35  
ARG HH11 H N N 36  
ARG HH12 H N N 37  
ARG HH21 H N N 38  
ARG HH22 H N N 39  
ARG HXT  H N N 40  
ASN N    N N N 41  
ASN CA   C N S 42  
ASN C    C N N 43  
ASN O    O N N 44  
ASN CB   C N N 45  
ASN CG   C N N 46  
ASN OD1  O N N 47  
ASN ND2  N N N 48  
ASN OXT  O N N 49  
ASN H    H N N 50  
ASN H2   H N N 51  
ASN HA   H N N 52  
ASN HB2  H N N 53  
ASN HB3  H N N 54  
ASN HD21 H N N 55  
ASN HD22 H N N 56  
ASN HXT  H N N 57  
ASP N    N N N 58  
ASP CA   C N S 59  
ASP C    C N N 60  
ASP O    O N N 61  
ASP CB   C N N 62  
ASP CG   C N N 63  
ASP OD1  O N N 64  
ASP OD2  O N N 65  
ASP OXT  O N N 66  
ASP H    H N N 67  
ASP H2   H N N 68  
ASP HA   H N N 69  
ASP HB2  H N N 70  
ASP HB3  H N N 71  
ASP HD2  H N N 72  
ASP HXT  H N N 73  
GLN N    N N N 74  
GLN CA   C N S 75  
GLN C    C N N 76  
GLN O    O N N 77  
GLN CB   C N N 78  
GLN CG   C N N 79  
GLN CD   C N N 80  
GLN OE1  O N N 81  
GLN NE2  N N N 82  
GLN OXT  O N N 83  
GLN H    H N N 84  
GLN H2   H N N 85  
GLN HA   H N N 86  
GLN HB2  H N N 87  
GLN HB3  H N N 88  
GLN HG2  H N N 89  
GLN HG3  H N N 90  
GLN HE21 H N N 91  
GLN HE22 H N N 92  
GLN HXT  H N N 93  
GLU N    N N N 94  
GLU CA   C N S 95  
GLU C    C N N 96  
GLU O    O N N 97  
GLU CB   C N N 98  
GLU CG   C N N 99  
GLU CD   C N N 100 
GLU OE1  O N N 101 
GLU OE2  O N N 102 
GLU OXT  O N N 103 
GLU H    H N N 104 
GLU H2   H N N 105 
GLU HA   H N N 106 
GLU HB2  H N N 107 
GLU HB3  H N N 108 
GLU HG2  H N N 109 
GLU HG3  H N N 110 
GLU HE2  H N N 111 
GLU HXT  H N N 112 
GLY N    N N N 113 
GLY CA   C N N 114 
GLY C    C N N 115 
GLY O    O N N 116 
GLY OXT  O N N 117 
GLY H    H N N 118 
GLY H2   H N N 119 
GLY HA2  H N N 120 
GLY HA3  H N N 121 
GLY HXT  H N N 122 
HIS N    N N N 123 
HIS CA   C N S 124 
HIS C    C N N 125 
HIS O    O N N 126 
HIS CB   C N N 127 
HIS CG   C Y N 128 
HIS ND1  N Y N 129 
HIS CD2  C Y N 130 
HIS CE1  C Y N 131 
HIS NE2  N Y N 132 
HIS OXT  O N N 133 
HIS H    H N N 134 
HIS H2   H N N 135 
HIS HA   H N N 136 
HIS HB2  H N N 137 
HIS HB3  H N N 138 
HIS HD1  H N N 139 
HIS HD2  H N N 140 
HIS HE1  H N N 141 
HIS HE2  H N N 142 
HIS HXT  H N N 143 
ILE N    N N N 144 
ILE CA   C N S 145 
ILE C    C N N 146 
ILE O    O N N 147 
ILE CB   C N S 148 
ILE CG1  C N N 149 
ILE CG2  C N N 150 
ILE CD1  C N N 151 
ILE OXT  O N N 152 
ILE H    H N N 153 
ILE H2   H N N 154 
ILE HA   H N N 155 
ILE HB   H N N 156 
ILE HG12 H N N 157 
ILE HG13 H N N 158 
ILE HG21 H N N 159 
ILE HG22 H N N 160 
ILE HG23 H N N 161 
ILE HD11 H N N 162 
ILE HD12 H N N 163 
ILE HD13 H N N 164 
ILE HXT  H N N 165 
LEU N    N N N 166 
LEU CA   C N S 167 
LEU C    C N N 168 
LEU O    O N N 169 
LEU CB   C N N 170 
LEU CG   C N N 171 
LEU CD1  C N N 172 
LEU CD2  C N N 173 
LEU OXT  O N N 174 
LEU H    H N N 175 
LEU H2   H N N 176 
LEU HA   H N N 177 
LEU HB2  H N N 178 
LEU HB3  H N N 179 
LEU HG   H N N 180 
LEU HD11 H N N 181 
LEU HD12 H N N 182 
LEU HD13 H N N 183 
LEU HD21 H N N 184 
LEU HD22 H N N 185 
LEU HD23 H N N 186 
LEU HXT  H N N 187 
LYS N    N N N 188 
LYS CA   C N S 189 
LYS C    C N N 190 
LYS O    O N N 191 
LYS CB   C N N 192 
LYS CG   C N N 193 
LYS CD   C N N 194 
LYS CE   C N N 195 
LYS NZ   N N N 196 
LYS OXT  O N N 197 
LYS H    H N N 198 
LYS H2   H N N 199 
LYS HA   H N N 200 
LYS HB2  H N N 201 
LYS HB3  H N N 202 
LYS HG2  H N N 203 
LYS HG3  H N N 204 
LYS HD2  H N N 205 
LYS HD3  H N N 206 
LYS HE2  H N N 207 
LYS HE3  H N N 208 
LYS HZ1  H N N 209 
LYS HZ2  H N N 210 
LYS HZ3  H N N 211 
LYS HXT  H N N 212 
MET N    N N N 213 
MET CA   C N S 214 
MET C    C N N 215 
MET O    O N N 216 
MET CB   C N N 217 
MET CG   C N N 218 
MET SD   S N N 219 
MET CE   C N N 220 
MET OXT  O N N 221 
MET H    H N N 222 
MET H2   H N N 223 
MET HA   H N N 224 
MET HB2  H N N 225 
MET HB3  H N N 226 
MET HG2  H N N 227 
MET HG3  H N N 228 
MET HE1  H N N 229 
MET HE2  H N N 230 
MET HE3  H N N 231 
MET HXT  H N N 232 
PHE N    N N N 233 
PHE CA   C N S 234 
PHE C    C N N 235 
PHE O    O N N 236 
PHE CB   C N N 237 
PHE CG   C Y N 238 
PHE CD1  C Y N 239 
PHE CD2  C Y N 240 
PHE CE1  C Y N 241 
PHE CE2  C Y N 242 
PHE CZ   C Y N 243 
PHE OXT  O N N 244 
PHE H    H N N 245 
PHE H2   H N N 246 
PHE HA   H N N 247 
PHE HB2  H N N 248 
PHE HB3  H N N 249 
PHE HD1  H N N 250 
PHE HD2  H N N 251 
PHE HE1  H N N 252 
PHE HE2  H N N 253 
PHE HZ   H N N 254 
PHE HXT  H N N 255 
PRO N    N N N 256 
PRO CA   C N S 257 
PRO C    C N N 258 
PRO O    O N N 259 
PRO CB   C N N 260 
PRO CG   C N N 261 
PRO CD   C N N 262 
PRO OXT  O N N 263 
PRO H    H N N 264 
PRO HA   H N N 265 
PRO HB2  H N N 266 
PRO HB3  H N N 267 
PRO HG2  H N N 268 
PRO HG3  H N N 269 
PRO HD2  H N N 270 
PRO HD3  H N N 271 
PRO HXT  H N N 272 
SER N    N N N 273 
SER CA   C N S 274 
SER C    C N N 275 
SER O    O N N 276 
SER CB   C N N 277 
SER OG   O N N 278 
SER OXT  O N N 279 
SER H    H N N 280 
SER H2   H N N 281 
SER HA   H N N 282 
SER HB2  H N N 283 
SER HB3  H N N 284 
SER HG   H N N 285 
SER HXT  H N N 286 
THR N    N N N 287 
THR CA   C N S 288 
THR C    C N N 289 
THR O    O N N 290 
THR CB   C N R 291 
THR OG1  O N N 292 
THR CG2  C N N 293 
THR OXT  O N N 294 
THR H    H N N 295 
THR H2   H N N 296 
THR HA   H N N 297 
THR HB   H N N 298 
THR HG1  H N N 299 
THR HG21 H N N 300 
THR HG22 H N N 301 
THR HG23 H N N 302 
THR HXT  H N N 303 
TRP N    N N N 304 
TRP CA   C N S 305 
TRP C    C N N 306 
TRP O    O N N 307 
TRP CB   C N N 308 
TRP CG   C Y N 309 
TRP CD1  C Y N 310 
TRP CD2  C Y N 311 
TRP NE1  N Y N 312 
TRP CE2  C Y N 313 
TRP CE3  C Y N 314 
TRP CZ2  C Y N 315 
TRP CZ3  C Y N 316 
TRP CH2  C Y N 317 
TRP OXT  O N N 318 
TRP H    H N N 319 
TRP H2   H N N 320 
TRP HA   H N N 321 
TRP HB2  H N N 322 
TRP HB3  H N N 323 
TRP HD1  H N N 324 
TRP HE1  H N N 325 
TRP HE3  H N N 326 
TRP HZ2  H N N 327 
TRP HZ3  H N N 328 
TRP HH2  H N N 329 
TRP HXT  H N N 330 
TYR N    N N N 331 
TYR CA   C N S 332 
TYR C    C N N 333 
TYR O    O N N 334 
TYR CB   C N N 335 
TYR CG   C Y N 336 
TYR CD1  C Y N 337 
TYR CD2  C Y N 338 
TYR CE1  C Y N 339 
TYR CE2  C Y N 340 
TYR CZ   C Y N 341 
TYR OH   O N N 342 
TYR OXT  O N N 343 
TYR H    H N N 344 
TYR H2   H N N 345 
TYR HA   H N N 346 
TYR HB2  H N N 347 
TYR HB3  H N N 348 
TYR HD1  H N N 349 
TYR HD2  H N N 350 
TYR HE1  H N N 351 
TYR HE2  H N N 352 
TYR HH   H N N 353 
TYR HXT  H N N 354 
VAL N    N N N 355 
VAL CA   C N S 356 
VAL C    C N N 357 
VAL O    O N N 358 
VAL CB   C N N 359 
VAL CG1  C N N 360 
VAL CG2  C N N 361 
VAL OXT  O N N 362 
VAL H    H N N 363 
VAL H2   H N N 364 
VAL HA   H N N 365 
VAL HB   H N N 366 
VAL HG11 H N N 367 
VAL HG12 H N N 368 
VAL HG13 H N N 369 
VAL HG21 H N N 370 
VAL HG22 H N N 371 
VAL HG23 H N N 372 
VAL HXT  H N N 373 
# 
loop_
_chem_comp_bond.comp_id 
_chem_comp_bond.atom_id_1 
_chem_comp_bond.atom_id_2 
_chem_comp_bond.value_order 
_chem_comp_bond.pdbx_aromatic_flag 
_chem_comp_bond.pdbx_stereo_config 
_chem_comp_bond.pdbx_ordinal 
ALA N   CA   sing N N 1   
ALA N   H    sing N N 2   
ALA N   H2   sing N N 3   
ALA CA  C    sing N N 4   
ALA CA  CB   sing N N 5   
ALA CA  HA   sing N N 6   
ALA C   O    doub N N 7   
ALA C   OXT  sing N N 8   
ALA CB  HB1  sing N N 9   
ALA CB  HB2  sing N N 10  
ALA CB  HB3  sing N N 11  
ALA OXT HXT  sing N N 12  
ARG N   CA   sing N N 13  
ARG N   H    sing N N 14  
ARG N   H2   sing N N 15  
ARG CA  C    sing N N 16  
ARG CA  CB   sing N N 17  
ARG CA  HA   sing N N 18  
ARG C   O    doub N N 19  
ARG C   OXT  sing N N 20  
ARG CB  CG   sing N N 21  
ARG CB  HB2  sing N N 22  
ARG CB  HB3  sing N N 23  
ARG CG  CD   sing N N 24  
ARG CG  HG2  sing N N 25  
ARG CG  HG3  sing N N 26  
ARG CD  NE   sing N N 27  
ARG CD  HD2  sing N N 28  
ARG CD  HD3  sing N N 29  
ARG NE  CZ   sing N N 30  
ARG NE  HE   sing N N 31  
ARG CZ  NH1  sing N N 32  
ARG CZ  NH2  doub N N 33  
ARG NH1 HH11 sing N N 34  
ARG NH1 HH12 sing N N 35  
ARG NH2 HH21 sing N N 36  
ARG NH2 HH22 sing N N 37  
ARG OXT HXT  sing N N 38  
ASN N   CA   sing N N 39  
ASN N   H    sing N N 40  
ASN N   H2   sing N N 41  
ASN CA  C    sing N N 42  
ASN CA  CB   sing N N 43  
ASN CA  HA   sing N N 44  
ASN C   O    doub N N 45  
ASN C   OXT  sing N N 46  
ASN CB  CG   sing N N 47  
ASN CB  HB2  sing N N 48  
ASN CB  HB3  sing N N 49  
ASN CG  OD1  doub N N 50  
ASN CG  ND2  sing N N 51  
ASN ND2 HD21 sing N N 52  
ASN ND2 HD22 sing N N 53  
ASN OXT HXT  sing N N 54  
ASP N   CA   sing N N 55  
ASP N   H    sing N N 56  
ASP N   H2   sing N N 57  
ASP CA  C    sing N N 58  
ASP CA  CB   sing N N 59  
ASP CA  HA   sing N N 60  
ASP C   O    doub N N 61  
ASP C   OXT  sing N N 62  
ASP CB  CG   sing N N 63  
ASP CB  HB2  sing N N 64  
ASP CB  HB3  sing N N 65  
ASP CG  OD1  doub N N 66  
ASP CG  OD2  sing N N 67  
ASP OD2 HD2  sing N N 68  
ASP OXT HXT  sing N N 69  
GLN N   CA   sing N N 70  
GLN N   H    sing N N 71  
GLN N   H2   sing N N 72  
GLN CA  C    sing N N 73  
GLN CA  CB   sing N N 74  
GLN CA  HA   sing N N 75  
GLN C   O    doub N N 76  
GLN C   OXT  sing N N 77  
GLN CB  CG   sing N N 78  
GLN CB  HB2  sing N N 79  
GLN CB  HB3  sing N N 80  
GLN CG  CD   sing N N 81  
GLN CG  HG2  sing N N 82  
GLN CG  HG3  sing N N 83  
GLN CD  OE1  doub N N 84  
GLN CD  NE2  sing N N 85  
GLN NE2 HE21 sing N N 86  
GLN NE2 HE22 sing N N 87  
GLN OXT HXT  sing N N 88  
GLU N   CA   sing N N 89  
GLU N   H    sing N N 90  
GLU N   H2   sing N N 91  
GLU CA  C    sing N N 92  
GLU CA  CB   sing N N 93  
GLU CA  HA   sing N N 94  
GLU C   O    doub N N 95  
GLU C   OXT  sing N N 96  
GLU CB  CG   sing N N 97  
GLU CB  HB2  sing N N 98  
GLU CB  HB3  sing N N 99  
GLU CG  CD   sing N N 100 
GLU CG  HG2  sing N N 101 
GLU CG  HG3  sing N N 102 
GLU CD  OE1  doub N N 103 
GLU CD  OE2  sing N N 104 
GLU OE2 HE2  sing N N 105 
GLU OXT HXT  sing N N 106 
GLY N   CA   sing N N 107 
GLY N   H    sing N N 108 
GLY N   H2   sing N N 109 
GLY CA  C    sing N N 110 
GLY CA  HA2  sing N N 111 
GLY CA  HA3  sing N N 112 
GLY C   O    doub N N 113 
GLY C   OXT  sing N N 114 
GLY OXT HXT  sing N N 115 
HIS N   CA   sing N N 116 
HIS N   H    sing N N 117 
HIS N   H2   sing N N 118 
HIS CA  C    sing N N 119 
HIS CA  CB   sing N N 120 
HIS CA  HA   sing N N 121 
HIS C   O    doub N N 122 
HIS C   OXT  sing N N 123 
HIS CB  CG   sing N N 124 
HIS CB  HB2  sing N N 125 
HIS CB  HB3  sing N N 126 
HIS CG  ND1  sing Y N 127 
HIS CG  CD2  doub Y N 128 
HIS ND1 CE1  doub Y N 129 
HIS ND1 HD1  sing N N 130 
HIS CD2 NE2  sing Y N 131 
HIS CD2 HD2  sing N N 132 
HIS CE1 NE2  sing Y N 133 
HIS CE1 HE1  sing N N 134 
HIS NE2 HE2  sing N N 135 
HIS OXT HXT  sing N N 136 
ILE N   CA   sing N N 137 
ILE N   H    sing N N 138 
ILE N   H2   sing N N 139 
ILE CA  C    sing N N 140 
ILE CA  CB   sing N N 141 
ILE CA  HA   sing N N 142 
ILE C   O    doub N N 143 
ILE C   OXT  sing N N 144 
ILE CB  CG1  sing N N 145 
ILE CB  CG2  sing N N 146 
ILE CB  HB   sing N N 147 
ILE CG1 CD1  sing N N 148 
ILE CG1 HG12 sing N N 149 
ILE CG1 HG13 sing N N 150 
ILE CG2 HG21 sing N N 151 
ILE CG2 HG22 sing N N 152 
ILE CG2 HG23 sing N N 153 
ILE CD1 HD11 sing N N 154 
ILE CD1 HD12 sing N N 155 
ILE CD1 HD13 sing N N 156 
ILE OXT HXT  sing N N 157 
LEU N   CA   sing N N 158 
LEU N   H    sing N N 159 
LEU N   H2   sing N N 160 
LEU CA  C    sing N N 161 
LEU CA  CB   sing N N 162 
LEU CA  HA   sing N N 163 
LEU C   O    doub N N 164 
LEU C   OXT  sing N N 165 
LEU CB  CG   sing N N 166 
LEU CB  HB2  sing N N 167 
LEU CB  HB3  sing N N 168 
LEU CG  CD1  sing N N 169 
LEU CG  CD2  sing N N 170 
LEU CG  HG   sing N N 171 
LEU CD1 HD11 sing N N 172 
LEU CD1 HD12 sing N N 173 
LEU CD1 HD13 sing N N 174 
LEU CD2 HD21 sing N N 175 
LEU CD2 HD22 sing N N 176 
LEU CD2 HD23 sing N N 177 
LEU OXT HXT  sing N N 178 
LYS N   CA   sing N N 179 
LYS N   H    sing N N 180 
LYS N   H2   sing N N 181 
LYS CA  C    sing N N 182 
LYS CA  CB   sing N N 183 
LYS CA  HA   sing N N 184 
LYS C   O    doub N N 185 
LYS C   OXT  sing N N 186 
LYS CB  CG   sing N N 187 
LYS CB  HB2  sing N N 188 
LYS CB  HB3  sing N N 189 
LYS CG  CD   sing N N 190 
LYS CG  HG2  sing N N 191 
LYS CG  HG3  sing N N 192 
LYS CD  CE   sing N N 193 
LYS CD  HD2  sing N N 194 
LYS CD  HD3  sing N N 195 
LYS CE  NZ   sing N N 196 
LYS CE  HE2  sing N N 197 
LYS CE  HE3  sing N N 198 
LYS NZ  HZ1  sing N N 199 
LYS NZ  HZ2  sing N N 200 
LYS NZ  HZ3  sing N N 201 
LYS OXT HXT  sing N N 202 
MET N   CA   sing N N 203 
MET N   H    sing N N 204 
MET N   H2   sing N N 205 
MET CA  C    sing N N 206 
MET CA  CB   sing N N 207 
MET CA  HA   sing N N 208 
MET C   O    doub N N 209 
MET C   OXT  sing N N 210 
MET CB  CG   sing N N 211 
MET CB  HB2  sing N N 212 
MET CB  HB3  sing N N 213 
MET CG  SD   sing N N 214 
MET CG  HG2  sing N N 215 
MET CG  HG3  sing N N 216 
MET SD  CE   sing N N 217 
MET CE  HE1  sing N N 218 
MET CE  HE2  sing N N 219 
MET CE  HE3  sing N N 220 
MET OXT HXT  sing N N 221 
PHE N   CA   sing N N 222 
PHE N   H    sing N N 223 
PHE N   H2   sing N N 224 
PHE CA  C    sing N N 225 
PHE CA  CB   sing N N 226 
PHE CA  HA   sing N N 227 
PHE C   O    doub N N 228 
PHE C   OXT  sing N N 229 
PHE CB  CG   sing N N 230 
PHE CB  HB2  sing N N 231 
PHE CB  HB3  sing N N 232 
PHE CG  CD1  doub Y N 233 
PHE CG  CD2  sing Y N 234 
PHE CD1 CE1  sing Y N 235 
PHE CD1 HD1  sing N N 236 
PHE CD2 CE2  doub Y N 237 
PHE CD2 HD2  sing N N 238 
PHE CE1 CZ   doub Y N 239 
PHE CE1 HE1  sing N N 240 
PHE CE2 CZ   sing Y N 241 
PHE CE2 HE2  sing N N 242 
PHE CZ  HZ   sing N N 243 
PHE OXT HXT  sing N N 244 
PRO N   CA   sing N N 245 
PRO N   CD   sing N N 246 
PRO N   H    sing N N 247 
PRO CA  C    sing N N 248 
PRO CA  CB   sing N N 249 
PRO CA  HA   sing N N 250 
PRO C   O    doub N N 251 
PRO C   OXT  sing N N 252 
PRO CB  CG   sing N N 253 
PRO CB  HB2  sing N N 254 
PRO CB  HB3  sing N N 255 
PRO CG  CD   sing N N 256 
PRO CG  HG2  sing N N 257 
PRO CG  HG3  sing N N 258 
PRO CD  HD2  sing N N 259 
PRO CD  HD3  sing N N 260 
PRO OXT HXT  sing N N 261 
SER N   CA   sing N N 262 
SER N   H    sing N N 263 
SER N   H2   sing N N 264 
SER CA  C    sing N N 265 
SER CA  CB   sing N N 266 
SER CA  HA   sing N N 267 
SER C   O    doub N N 268 
SER C   OXT  sing N N 269 
SER CB  OG   sing N N 270 
SER CB  HB2  sing N N 271 
SER CB  HB3  sing N N 272 
SER OG  HG   sing N N 273 
SER OXT HXT  sing N N 274 
THR N   CA   sing N N 275 
THR N   H    sing N N 276 
THR N   H2   sing N N 277 
THR CA  C    sing N N 278 
THR CA  CB   sing N N 279 
THR CA  HA   sing N N 280 
THR C   O    doub N N 281 
THR C   OXT  sing N N 282 
THR CB  OG1  sing N N 283 
THR CB  CG2  sing N N 284 
THR CB  HB   sing N N 285 
THR OG1 HG1  sing N N 286 
THR CG2 HG21 sing N N 287 
THR CG2 HG22 sing N N 288 
THR CG2 HG23 sing N N 289 
THR OXT HXT  sing N N 290 
TRP N   CA   sing N N 291 
TRP N   H    sing N N 292 
TRP N   H2   sing N N 293 
TRP CA  C    sing N N 294 
TRP CA  CB   sing N N 295 
TRP CA  HA   sing N N 296 
TRP C   O    doub N N 297 
TRP C   OXT  sing N N 298 
TRP CB  CG   sing N N 299 
TRP CB  HB2  sing N N 300 
TRP CB  HB3  sing N N 301 
TRP CG  CD1  doub Y N 302 
TRP CG  CD2  sing Y N 303 
TRP CD1 NE1  sing Y N 304 
TRP CD1 HD1  sing N N 305 
TRP CD2 CE2  doub Y N 306 
TRP CD2 CE3  sing Y N 307 
TRP NE1 CE2  sing Y N 308 
TRP NE1 HE1  sing N N 309 
TRP CE2 CZ2  sing Y N 310 
TRP CE3 CZ3  doub Y N 311 
TRP CE3 HE3  sing N N 312 
TRP CZ2 CH2  doub Y N 313 
TRP CZ2 HZ2  sing N N 314 
TRP CZ3 CH2  sing Y N 315 
TRP CZ3 HZ3  sing N N 316 
TRP CH2 HH2  sing N N 317 
TRP OXT HXT  sing N N 318 
TYR N   CA   sing N N 319 
TYR N   H    sing N N 320 
TYR N   H2   sing N N 321 
TYR CA  C    sing N N 322 
TYR CA  CB   sing N N 323 
TYR CA  HA   sing N N 324 
TYR C   O    doub N N 325 
TYR C   OXT  sing N N 326 
TYR CB  CG   sing N N 327 
TYR CB  HB2  sing N N 328 
TYR CB  HB3  sing N N 329 
TYR CG  CD1  doub Y N 330 
TYR CG  CD2  sing Y N 331 
TYR CD1 CE1  sing Y N 332 
TYR CD1 HD1  sing N N 333 
TYR CD2 CE2  doub Y N 334 
TYR CD2 HD2  sing N N 335 
TYR CE1 CZ   doub Y N 336 
TYR CE1 HE1  sing N N 337 
TYR CE2 CZ   sing Y N 338 
TYR CE2 HE2  sing N N 339 
TYR CZ  OH   sing N N 340 
TYR OH  HH   sing N N 341 
TYR OXT HXT  sing N N 342 
VAL N   CA   sing N N 343 
VAL N   H    sing N N 344 
VAL N   H2   sing N N 345 
VAL CA  C    sing N N 346 
VAL CA  CB   sing N N 347 
VAL CA  HA   sing N N 348 
VAL C   O    doub N N 349 
VAL C   OXT  sing N N 350 
VAL CB  CG1  sing N N 351 
VAL CB  CG2  sing N N 352 
VAL CB  HB   sing N N 353 
VAL CG1 HG11 sing N N 354 
VAL CG1 HG12 sing N N 355 
VAL CG1 HG13 sing N N 356 
VAL CG2 HG21 sing N N 357 
VAL CG2 HG22 sing N N 358 
VAL CG2 HG23 sing N N 359 
VAL OXT HXT  sing N N 360 
# 
_pdbx_audit_support.funding_organization   'European Regional Development Fund' 
_pdbx_audit_support.country                Latvia 
_pdbx_audit_support.grant_number           1.1.1.2/VIAA/1/16/144 
_pdbx_audit_support.ordinal                1 
# 
_pdbx_initial_refinement_model.id               1 
_pdbx_initial_refinement_model.entity_id_list   ? 
_pdbx_initial_refinement_model.type             'experimental model' 
_pdbx_initial_refinement_model.source_name      PDB 
_pdbx_initial_refinement_model.accession_code   6RJW 
_pdbx_initial_refinement_model.details          ? 
# 
_atom_sites.entry_id                    6RJX 
_atom_sites.fract_transf_matrix[1][1]   0.01911483 
_atom_sites.fract_transf_matrix[1][2]   0.00961613 
_atom_sites.fract_transf_matrix[1][3]   -0.01115826 
_atom_sites.fract_transf_matrix[2][1]   0.00625330 
_atom_sites.fract_transf_matrix[2][2]   0.00879514 
_atom_sites.fract_transf_matrix[2][3]   0.01829192 
_atom_sites.fract_transf_matrix[3][1]   0.00607673 
_atom_sites.fract_transf_matrix[3][2]   -0.00930068 
_atom_sites.fract_transf_matrix[3][3]   0.00239456 
_atom_sites.fract_transf_vector[1]      0.507132 
_atom_sites.fract_transf_vector[2]      -0.119411 
_atom_sites.fract_transf_vector[3]      0.963273 
# 
loop_
_atom_type.symbol 
C 
N 
O 
S 
# 
loop_
_atom_site.group_PDB 
_atom_site.id 
_atom_site.type_symbol 
_atom_site.label_atom_id 
_atom_site.label_alt_id 
_atom_site.label_comp_id 
_atom_site.label_asym_id 
_atom_site.label_entity_id 
_atom_site.label_seq_id 
_atom_site.pdbx_PDB_ins_code 
_atom_site.Cartn_x 
_atom_site.Cartn_y 
_atom_site.Cartn_z 
_atom_site.occupancy 
_atom_site.B_iso_or_equiv 
_atom_site.pdbx_formal_charge 
_atom_site.auth_seq_id 
_atom_site.auth_comp_id 
_atom_site.auth_asym_id 
_atom_site.auth_atom_id 
_atom_site.pdbx_PDB_model_num 
ATOM 1    N N   . LEU A 1 24  ? 21.235  -20.770 13.197  1.00 53.53  ? 24  LEU A N   1 
ATOM 2    C CA  . LEU A 1 24  ? 20.341  -21.690 12.402  1.00 55.31  ? 24  LEU A CA  1 
ATOM 3    C C   . LEU A 1 24  ? 18.903  -21.712 12.951  1.00 59.69  ? 24  LEU A C   1 
ATOM 4    O O   . LEU A 1 24  ? 17.963  -22.018 12.173  1.00 58.00  ? 24  LEU A O   1 
ATOM 5    C CB  . LEU A 1 24  ? 20.905  -23.112 12.444  1.00 60.36  ? 24  LEU A CB  1 
ATOM 6    C CG  . LEU A 1 24  ? 22.200  -23.372 11.673  1.00 63.50  ? 24  LEU A CG  1 
ATOM 7    C CD1 . LEU A 1 24  ? 23.442  -23.101 12.526  1.00 63.17  ? 24  LEU A CD1 1 
ATOM 8    C CD2 . LEU A 1 24  ? 22.195  -24.811 11.172  1.00 60.55  ? 24  LEU A CD2 1 
ATOM 9    N N   . ARG A 1 25  ? 18.720  -21.494 14.256  1.00 54.43  ? 25  ARG A N   1 
ATOM 10   C CA  . ARG A 1 25  ? 17.371  -21.303 14.843  1.00 52.46  ? 25  ARG A CA  1 
ATOM 11   C C   . ARG A 1 25  ? 16.859  -19.905 14.475  1.00 51.34  ? 25  ARG A C   1 
ATOM 12   O O   . ARG A 1 25  ? 15.628  -19.729 14.413  1.00 46.92  ? 25  ARG A O   1 
ATOM 13   C CB  . ARG A 1 25  ? 17.393  -21.526 16.354  1.00 53.35  ? 25  ARG A CB  1 
ATOM 14   C CG  . ARG A 1 25  ? 17.507  -22.994 16.716  1.00 49.81  ? 25  ARG A CG  1 
ATOM 15   C CD  . ARG A 1 25  ? 16.911  -23.334 18.058  1.00 49.01  ? 25  ARG A CD  1 
ATOM 16   N NE  . ARG A 1 25  ? 17.246  -24.716 18.349  1.00 48.63  ? 25  ARG A NE  1 
ATOM 17   C CZ  . ARG A 1 25  ? 18.478  -25.171 18.572  1.00 47.58  ? 25  ARG A CZ  1 
ATOM 18   N NH1 . ARG A 1 25  ? 19.524  -24.359 18.569  1.00 46.64  ? 25  ARG A NH1 1 
ATOM 19   N NH2 . ARG A 1 25  ? 18.660  -26.452 18.824  1.00 49.95  ? 25  ARG A NH2 1 
ATOM 20   N N   . ASP A 1 26  ? 17.764  -18.958 14.222  1.00 46.49  ? 26  ASP A N   1 
ATOM 21   C CA  . ASP A 1 26  ? 17.404  -17.598 13.750  1.00 46.38  ? 26  ASP A CA  1 
ATOM 22   C C   . ASP A 1 26  ? 16.578  -17.732 12.466  1.00 40.56  ? 26  ASP A C   1 
ATOM 23   O O   . ASP A 1 26  ? 15.543  -17.068 12.360  1.00 43.21  ? 26  ASP A O   1 
ATOM 24   C CB  . ASP A 1 26  ? 18.654  -16.737 13.575  1.00 49.72  ? 26  ASP A CB  1 
ATOM 25   C CG  . ASP A 1 26  ? 19.336  -16.425 14.899  1.00 54.98  ? 26  ASP A CG  1 
ATOM 26   O OD1 . ASP A 1 26  ? 18.607  -16.163 15.870  1.00 54.82  ? 26  ASP A OD1 1 
ATOM 27   O OD2 . ASP A 1 26  ? 20.592  -16.470 14.951  1.00 57.94  ? 26  ASP A OD2 1 
ATOM 28   N N   . ILE A 1 27  ? 17.003  -18.600 11.553  1.00 37.02  ? 27  ILE A N   1 
ATOM 29   C CA  . ILE A 1 27  ? 16.369  -18.783 10.219  1.00 35.44  ? 27  ILE A CA  1 
ATOM 30   C C   . ILE A 1 27  ? 14.962  -19.346 10.418  1.00 32.98  ? 27  ILE A C   1 
ATOM 31   O O   . ILE A 1 27  ? 14.008  -18.798 9.833   1.00 29.79  ? 27  ILE A O   1 
ATOM 32   C CB  . ILE A 1 27  ? 17.235  -19.676 9.312   1.00 35.59  ? 27  ILE A CB  1 
ATOM 33   C CG1 . ILE A 1 27  ? 18.610  -19.028 9.127   1.00 36.76  ? 27  ILE A CG1 1 
ATOM 34   C CG2 . ILE A 1 27  ? 16.521  -19.943 7.987   1.00 33.14  ? 27  ILE A CG2 1 
ATOM 35   C CD1 . ILE A 1 27  ? 19.561  -19.766 8.222   1.00 36.81  ? 27  ILE A CD1 1 
ATOM 36   N N   . LYS A 1 28  ? 14.830  -20.388 11.229  1.00 32.27  ? 28  LYS A N   1 
ATOM 37   C CA  . LYS A 1 28  ? 13.494  -20.933 11.571  1.00 34.69  ? 28  LYS A CA  1 
ATOM 38   C C   . LYS A 1 28  ? 12.603  -19.755 11.993  1.00 32.61  ? 28  LYS A C   1 
ATOM 39   O O   . LYS A 1 28  ? 11.509  -19.617 11.431  1.00 27.63  ? 28  LYS A O   1 
ATOM 40   C CB  . LYS A 1 28  ? 13.604  -21.994 12.666  1.00 35.20  ? 28  LYS A CB  1 
ATOM 41   C CG  . LYS A 1 28  ? 12.327  -22.792 12.876  1.00 38.50  ? 28  LYS A CG  1 
ATOM 42   C CD  . LYS A 1 28  ? 12.048  -23.227 14.310  1.00 40.30  ? 28  LYS A CD  1 
ATOM 43   C CE  . LYS A 1 28  ? 10.598  -23.627 14.513  1.00 41.50  ? 28  LYS A CE  1 
ATOM 44   N NZ  . LYS A 1 28  ? 10.469  -24.755 15.464  1.00 43.01  ? 28  LYS A NZ  1 
ATOM 45   N N   . ASP A 1 29  ? 13.096  -18.913 12.910  1.00 32.16  ? 29  ASP A N   1 
ATOM 46   C CA  . ASP A 1 29  ? 12.305  -17.847 13.578  1.00 33.41  ? 29  ASP A CA  1 
ATOM 47   C C   . ASP A 1 29  ? 11.943  -16.760 12.555  1.00 32.71  ? 29  ASP A C   1 
ATOM 48   O O   . ASP A 1 29  ? 10.784  -16.328 12.541  1.00 30.93  ? 29  ASP A O   1 
ATOM 49   C CB  . ASP A 1 29  ? 13.060  -17.243 14.758  1.00 32.33  ? 29  ASP A CB  1 
ATOM 50   C CG  . ASP A 1 29  ? 13.211  -18.179 15.946  1.00 35.84  ? 29  ASP A CG  1 
ATOM 51   O OD1 . ASP A 1 29  ? 12.487  -19.226 15.994  1.00 31.41  ? 29  ASP A OD1 1 
ATOM 52   O OD2 . ASP A 1 29  ? 14.058  -17.842 16.829  1.00 35.23  ? 29  ASP A OD2 1 
ATOM 53   N N   . ILE A 1 30  ? 12.904  -16.339 11.733  1.00 31.32  ? 30  ILE A N   1 
ATOM 54   C CA  . ILE A 1 30  ? 12.700  -15.282 10.696  1.00 30.90  ? 30  ILE A CA  1 
ATOM 55   C C   . ILE A 1 30  ? 11.740  -15.810 9.633   1.00 25.42  ? 30  ILE A C   1 
ATOM 56   O O   . ILE A 1 30  ? 10.841  -15.074 9.263   1.00 26.53  ? 30  ILE A O   1 
ATOM 57   C CB  . ILE A 1 30  ? 14.051  -14.844 10.093  1.00 33.92  ? 30  ILE A CB  1 
ATOM 58   C CG1 . ILE A 1 30  ? 14.899  -14.115 11.140  1.00 34.90  ? 30  ILE A CG1 1 
ATOM 59   C CG2 . ILE A 1 30  ? 13.857  -14.025 8.826   1.00 32.11  ? 30  ILE A CG2 1 
ATOM 60   C CD1 . ILE A 1 30  ? 14.409  -12.733 11.497  1.00 37.25  ? 30  ILE A CD1 1 
ATOM 61   N N   . LYS A 1 31  ? 11.923  -17.040 9.176   1.00 25.57  ? 31  LYS A N   1 
ATOM 62   C CA  . LYS A 1 31  ? 11.092  -17.636 8.098   1.00 29.14  ? 31  LYS A CA  1 
ATOM 63   C C   . LYS A 1 31  ? 9.633   -17.726 8.588   1.00 33.04  ? 31  LYS A C   1 
ATOM 64   O O   . LYS A 1 31  ? 8.715   -17.435 7.785   1.00 30.22  ? 31  LYS A O   1 
ATOM 65   C CB  . LYS A 1 31  ? 11.650  -18.995 7.660   1.00 28.78  ? 31  LYS A CB  1 
ATOM 66   C CG  . LYS A 1 31  ? 10.974  -19.568 6.425   1.00 27.59  ? 31  LYS A CG  1 
ATOM 67   C CD  . LYS A 1 31  ? 11.461  -20.911 5.940   1.00 26.47  ? 31  LYS A CD  1 
ATOM 68   C CE  . LYS A 1 31  ? 10.795  -21.257 4.618   1.00 28.51  ? 31  LYS A CE  1 
ATOM 69   N NZ  . LYS A 1 31  ? 11.242  -22.553 4.061   1.00 28.92  ? 31  LYS A NZ  1 
ATOM 70   N N   . ASN A 1 32  ? 9.401   -18.066 9.864   1.00 35.94  ? 32  ASN A N   1 
ATOM 71   C CA  . ASN A 1 32  ? 8.022   -18.246 10.406  1.00 36.80  ? 32  ASN A CA  1 
ATOM 72   C C   . ASN A 1 32  ? 7.322   -16.885 10.518  1.00 35.52  ? 32  ASN A C   1 
ATOM 73   O O   . ASN A 1 32  ? 6.132   -16.781 10.193  1.00 34.37  ? 32  ASN A O   1 
ATOM 74   C CB  . ASN A 1 32  ? 8.034   -18.962 11.756  1.00 40.83  ? 32  ASN A CB  1 
ATOM 75   C CG  . ASN A 1 32  ? 8.134   -20.466 11.628  1.00 42.24  ? 32  ASN A CG  1 
ATOM 76   O OD1 . ASN A 1 32  ? 7.599   -21.058 10.684  1.00 37.23  ? 32  ASN A OD1 1 
ATOM 77   N ND2 . ASN A 1 32  ? 8.791   -21.089 12.598  1.00 45.13  ? 32  ASN A ND2 1 
ATOM 78   N N   . GLU A 1 33  ? 8.043   -15.874 10.976  1.00 32.72  ? 33  GLU A N   1 
ATOM 79   C CA  . GLU A 1 33  ? 7.522   -14.491 11.058  1.00 35.65  ? 33  GLU A CA  1 
ATOM 80   C C   . GLU A 1 33  ? 7.112   -14.029 9.641   1.00 32.67  ? 33  GLU A C   1 
ATOM 81   O O   . GLU A 1 33  ? 6.000   -13.531 9.461   1.00 34.89  ? 33  GLU A O   1 
ATOM 82   C CB  . GLU A 1 33  ? 8.611   -13.681 11.756  1.00 34.05  ? 33  GLU A CB  1 
ATOM 83   C CG  . GLU A 1 33  ? 8.337   -12.202 11.816  1.00 37.39  ? 33  GLU A CG  1 
ATOM 84   C CD  . GLU A 1 33  ? 9.490   -11.413 12.423  1.00 41.33  ? 33  GLU A CD  1 
ATOM 85   O OE1 . GLU A 1 33  ? 10.550  -12.031 12.750  1.00 39.27  ? 33  GLU A OE1 1 
ATOM 86   O OE2 . GLU A 1 33  ? 9.339   -10.175 12.545  1.00 40.81  ? 33  GLU A OE2 1 
ATOM 87   N N   . LEU A 1 34  ? 7.972   -14.260 8.655   1.00 34.11  ? 34  LEU A N   1 
ATOM 88   C CA  . LEU A 1 34  ? 7.734   -13.983 7.213   1.00 30.33  ? 34  LEU A CA  1 
ATOM 89   C C   . LEU A 1 34  ? 6.437   -14.653 6.764   1.00 27.19  ? 34  LEU A C   1 
ATOM 90   O O   . LEU A 1 34  ? 5.620   -13.963 6.157   1.00 27.14  ? 34  LEU A O   1 
ATOM 91   C CB  . LEU A 1 34  ? 8.940   -14.492 6.420   1.00 30.74  ? 34  LEU A CB  1 
ATOM 92   C CG  . LEU A 1 34  ? 9.028   -14.058 4.964   1.00 31.96  ? 34  LEU A CG  1 
ATOM 93   C CD1 . LEU A 1 34  ? 10.473  -14.076 4.526   1.00 31.48  ? 34  LEU A CD1 1 
ATOM 94   C CD2 . LEU A 1 34  ? 8.164   -14.946 4.055   1.00 31.53  ? 34  LEU A CD2 1 
ATOM 95   N N   . ILE A 1 35  ? 6.235   -15.931 7.081   1.00 28.08  ? 35  ILE A N   1 
ATOM 96   C CA  . ILE A 1 35  ? 4.978   -16.666 6.743   1.00 29.32  ? 35  ILE A CA  1 
ATOM 97   C C   . ILE A 1 35  ? 3.777   -15.924 7.365   1.00 29.21  ? 35  ILE A C   1 
ATOM 98   O O   . ILE A 1 35  ? 2.799   -15.678 6.618   1.00 24.95  ? 35  ILE A O   1 
ATOM 99   C CB  . ILE A 1 35  ? 5.026   -18.146 7.185   1.00 34.44  ? 35  ILE A CB  1 
ATOM 100  C CG1 . ILE A 1 35  ? 6.260   -18.897 6.671   1.00 37.01  ? 35  ILE A CG1 1 
ATOM 101  C CG2 . ILE A 1 35  ? 3.754   -18.880 6.768   1.00 35.62  ? 35  ILE A CG2 1 
ATOM 102  C CD1 . ILE A 1 35  ? 6.602   -18.599 5.241   1.00 37.73  ? 35  ILE A CD1 1 
ATOM 103  N N   . ARG A 1 36  ? 3.848   -15.570 8.658   1.00 28.13  ? 36  ARG A N   1 
ATOM 104  C CA  . ARG A 1 36  ? 2.753   -14.902 9.421   1.00 33.48  ? 36  ARG A CA  1 
ATOM 105  C C   . ARG A 1 36  ? 2.362   -13.584 8.724   1.00 33.82  ? 36  ARG A C   1 
ATOM 106  O O   . ARG A 1 36  ? 1.177   -13.240 8.721   1.00 30.41  ? 36  ARG A O   1 
ATOM 107  C CB  . ARG A 1 36  ? 3.167   -14.605 10.873  1.00 36.47  ? 36  ARG A CB  1 
ATOM 108  C CG  . ARG A 1 36  ? 3.383   -15.837 11.751  1.00 38.98  ? 36  ARG A CG  1 
ATOM 109  C CD  . ARG A 1 36  ? 3.350   -15.594 13.265  1.00 40.69  ? 36  ARG A CD  1 
ATOM 110  N NE  . ARG A 1 36  ? 4.289   -14.587 13.782  1.00 40.09  ? 36  ARG A NE  1 
ATOM 111  C CZ  . ARG A 1 36  ? 5.551   -14.799 14.183  1.00 39.03  ? 36  ARG A CZ  1 
ATOM 112  N NH1 . ARG A 1 36  ? 6.113   -15.994 14.115  1.00 40.44  ? 36  ARG A NH1 1 
ATOM 113  N NH2 . ARG A 1 36  ? 6.274   -13.784 14.620  1.00 38.49  ? 36  ARG A NH2 1 
ATOM 114  N N   . GLU A 1 37  ? 3.328   -12.870 8.144   1.00 34.00  ? 37  GLU A N   1 
ATOM 115  C CA  . GLU A 1 37  ? 3.093   -11.570 7.469   1.00 34.06  ? 37  GLU A CA  1 
ATOM 116  C C   . GLU A 1 37  ? 2.732   -11.796 5.994   1.00 33.73  ? 37  GLU A C   1 
ATOM 117  O O   . GLU A 1 37  ? 2.525   -10.791 5.285   1.00 33.80  ? 37  GLU A O   1 
ATOM 118  C CB  . GLU A 1 37  ? 4.310   -10.655 7.606   1.00 37.69  ? 37  GLU A CB  1 
ATOM 119  C CG  . GLU A 1 37  ? 4.924   -10.607 9.003   1.00 45.00  ? 37  GLU A CG  1 
ATOM 120  C CD  . GLU A 1 37  ? 4.101   -9.912  10.084  1.00 52.07  ? 37  GLU A CD  1 
ATOM 121  O OE1 . GLU A 1 37  ? 3.150   -9.182  9.715   1.00 56.95  ? 37  GLU A OE1 1 
ATOM 122  O OE2 . GLU A 1 37  ? 4.415   -10.100 11.297  1.00 52.02  ? 37  GLU A OE2 1 
ATOM 123  N N   . ARG A 1 38  ? 2.665   -13.054 5.550   1.00 33.57  ? 38  ARG A N   1 
ATOM 124  C CA  . ARG A 1 38  ? 2.283   -13.481 4.179   1.00 35.63  ? 38  ARG A CA  1 
ATOM 125  C C   . ARG A 1 38  ? 3.346   -13.006 3.178   1.00 33.90  ? 38  ARG A C   1 
ATOM 126  O O   . ARG A 1 38  ? 3.043   -12.954 1.950   1.00 36.49  ? 38  ARG A O   1 
ATOM 127  C CB  . ARG A 1 38  ? 0.861   -13.005 3.857   1.00 41.11  ? 38  ARG A CB  1 
ATOM 128  C CG  . ARG A 1 38  ? -0.219  -13.690 4.689   1.00 47.89  ? 38  ARG A CG  1 
ATOM 129  C CD  . ARG A 1 38  ? -1.621  -13.383 4.188   1.00 55.36  ? 38  ARG A CD  1 
ATOM 130  N NE  . ARG A 1 38  ? -2.631  -14.396 4.502   1.00 61.05  ? 38  ARG A NE  1 
ATOM 131  C CZ  . ARG A 1 38  ? -3.563  -14.305 5.459   1.00 65.81  ? 38  ARG A CZ  1 
ATOM 132  N NH1 . ARG A 1 38  ? -3.630  -13.246 6.253   1.00 67.95  ? 38  ARG A NH1 1 
ATOM 133  N NH2 . ARG A 1 38  ? -4.427  -15.294 5.629   1.00 60.87  ? 38  ARG A NH2 1 
ATOM 134  N N   . GLY A 1 39  ? 4.565   -12.750 3.662   1.00 27.96  ? 39  GLY A N   1 
ATOM 135  C CA  . GLY A 1 39  ? 5.691   -12.293 2.836   1.00 27.14  ? 39  GLY A CA  1 
ATOM 136  C C   . GLY A 1 39  ? 5.878   -13.193 1.628   1.00 26.17  ? 39  GLY A C   1 
ATOM 137  O O   . GLY A 1 39  ? 6.299   -12.701 0.567   1.00 26.42  ? 39  GLY A O   1 
ATOM 138  N N   . HIS A 1 40  ? 5.581   -14.475 1.788   1.00 25.34  ? 40  HIS A N   1 
ATOM 139  C CA  . HIS A 1 40  ? 5.849   -15.534 0.784   1.00 27.05  ? 40  HIS A CA  1 
ATOM 140  C C   . HIS A 1 40  ? 4.866   -15.433 -0.377  1.00 27.57  ? 40  HIS A C   1 
ATOM 141  O O   . HIS A 1 40  ? 5.136   -16.059 -1.417  1.00 30.31  ? 40  HIS A O   1 
ATOM 142  C CB  . HIS A 1 40  ? 5.800   -16.927 1.421   1.00 27.61  ? 40  HIS A CB  1 
ATOM 143  C CG  . HIS A 1 40  ? 4.503   -17.306 2.056   1.00 27.58  ? 40  HIS A CG  1 
ATOM 144  N ND1 . HIS A 1 40  ? 4.035   -16.690 3.213   1.00 28.36  ? 40  HIS A ND1 1 
ATOM 145  C CD2 . HIS A 1 40  ? 3.595   -18.257 1.729   1.00 27.62  ? 40  HIS A CD2 1 
ATOM 146  C CE1 . HIS A 1 40  ? 2.878   -17.225 3.551   1.00 28.08  ? 40  HIS A CE1 1 
ATOM 147  N NE2 . HIS A 1 40  ? 2.596   -18.206 2.662   1.00 28.25  ? 40  HIS A NE2 1 
ATOM 148  N N   . LEU A 1 41  ? 3.761   -14.707 -0.184  1.00 27.82  ? 41  LEU A N   1 
ATOM 149  C CA  . LEU A 1 41  ? 2.674   -14.553 -1.183  1.00 26.98  ? 41  LEU A CA  1 
ATOM 150  C C   . LEU A 1 41  ? 2.853   -13.205 -1.887  1.00 27.76  ? 41  LEU A C   1 
ATOM 151  O O   . LEU A 1 41  ? 2.643   -13.160 -3.093  1.00 28.02  ? 41  LEU A O   1 
ATOM 152  C CB  . LEU A 1 41  ? 1.316   -14.670 -0.477  1.00 27.24  ? 41  LEU A CB  1 
ATOM 153  C CG  . LEU A 1 41  ? 0.974   -16.048 0.110   1.00 28.07  ? 41  LEU A CG  1 
ATOM 154  C CD1 . LEU A 1 41  ? -0.428  -16.056 0.723   1.00 25.81  ? 41  LEU A CD1 1 
ATOM 155  C CD2 . LEU A 1 41  ? 1.105   -17.169 -0.933  1.00 28.57  ? 41  LEU A CD2 1 
ATOM 156  N N   . PHE A 1 42  ? 3.248   -12.155 -1.155  1.00 29.71  ? 42  PHE A N   1 
ATOM 157  C CA  . PHE A 1 42  ? 3.589   -10.814 -1.705  1.00 28.60  ? 42  PHE A CA  1 
ATOM 158  C C   . PHE A 1 42  ? 4.877   -10.882 -2.541  1.00 27.99  ? 42  PHE A C   1 
ATOM 159  O O   . PHE A 1 42  ? 4.997   -10.120 -3.503  1.00 28.20  ? 42  PHE A O   1 
ATOM 160  C CB  . PHE A 1 42  ? 3.714   -9.767  -0.589  1.00 28.25  ? 42  PHE A CB  1 
ATOM 161  C CG  . PHE A 1 42  ? 2.431   -9.416  0.127   1.00 29.92  ? 42  PHE A CG  1 
ATOM 162  C CD1 . PHE A 1 42  ? 1.348   -8.886  -0.561  1.00 30.16  ? 42  PHE A CD1 1 
ATOM 163  C CD2 . PHE A 1 42  ? 2.316   -9.579  1.503   1.00 30.79  ? 42  PHE A CD2 1 
ATOM 164  C CE1 . PHE A 1 42  ? 0.169   -8.566  0.105   1.00 31.13  ? 42  PHE A CE1 1 
ATOM 165  C CE2 . PHE A 1 42  ? 1.130   -9.282  2.163   1.00 30.12  ? 42  PHE A CE2 1 
ATOM 166  C CZ  . PHE A 1 42  ? 0.067   -8.753  1.467   1.00 30.68  ? 42  PHE A CZ  1 
ATOM 167  N N   . TYR A 1 43  ? 5.815   -11.757 -2.178  1.00 30.00  ? 43  TYR A N   1 
ATOM 168  C CA  . TYR A 1 43  ? 7.176   -11.879 -2.766  1.00 30.38  ? 43  TYR A CA  1 
ATOM 169  C C   . TYR A 1 43  ? 7.473   -13.339 -3.113  1.00 28.89  ? 43  TYR A C   1 
ATOM 170  O O   . TYR A 1 43  ? 8.440   -13.920 -2.580  1.00 27.22  ? 43  TYR A O   1 
ATOM 171  C CB  . TYR A 1 43  ? 8.215   -11.360 -1.768  1.00 33.92  ? 43  TYR A CB  1 
ATOM 172  C CG  . TYR A 1 43  ? 8.301   -9.860  -1.724  1.00 35.52  ? 43  TYR A CG  1 
ATOM 173  C CD1 . TYR A 1 43  ? 9.079   -9.191  -2.651  1.00 36.54  ? 43  TYR A CD1 1 
ATOM 174  C CD2 . TYR A 1 43  ? 7.570   -9.109  -0.811  1.00 36.39  ? 43  TYR A CD2 1 
ATOM 175  C CE1 . TYR A 1 43  ? 9.148   -7.810  -2.666  1.00 39.43  ? 43  TYR A CE1 1 
ATOM 176  C CE2 . TYR A 1 43  ? 7.643   -7.724  -0.801  1.00 36.62  ? 43  TYR A CE2 1 
ATOM 177  C CZ  . TYR A 1 43  ? 8.431   -7.077  -1.736  1.00 38.36  ? 43  TYR A CZ  1 
ATOM 178  O OH  . TYR A 1 43  ? 8.541   -5.723  -1.770  1.00 39.09  ? 43  TYR A OH  1 
ATOM 179  N N   . SER A 1 44  ? 6.668   -13.924 -3.995  1.00 27.92  ? 44  SER A N   1 
ATOM 180  C CA  . SER A 1 44  ? 6.661   -15.390 -4.233  1.00 27.76  ? 44  SER A CA  1 
ATOM 181  C C   . SER A 1 44  ? 7.954   -15.809 -4.940  1.00 24.59  ? 44  SER A C   1 
ATOM 182  O O   . SER A 1 44  ? 8.571   -16.823 -4.557  1.00 22.19  ? 44  SER A O   1 
ATOM 183  C CB  . SER A 1 44  ? 5.424   -15.810 -4.971  1.00 28.84  ? 44  SER A CB  1 
ATOM 184  O OG  . SER A 1 44  ? 5.432   -15.262 -6.276  1.00 32.88  ? 44  SER A OG  1 
ATOM 185  N N   . LYS A 1 45  ? 8.382   -15.037 -5.924  1.00 24.93  ? 45  LYS A N   1 
ATOM 186  C CA  . LYS A 1 45  ? 9.620   -15.325 -6.684  1.00 23.64  ? 45  LYS A CA  1 
ATOM 187  C C   . LYS A 1 45  ? 10.815  -15.308 -5.730  1.00 20.81  ? 45  LYS A C   1 
ATOM 188  O O   . LYS A 1 45  ? 11.588  -16.251 -5.761  1.00 25.07  ? 45  LYS A O   1 
ATOM 189  C CB  . LYS A 1 45  ? 9.778   -14.324 -7.828  1.00 25.34  ? 45  LYS A CB  1 
ATOM 190  C CG  . LYS A 1 45  ? 11.035  -14.506 -8.659  1.00 26.60  ? 45  LYS A CG  1 
ATOM 191  C CD  . LYS A 1 45  ? 11.190  -13.440 -9.719  1.00 30.21  ? 45  LYS A CD  1 
ATOM 192  C CE  . LYS A 1 45  ? 12.398  -13.657 -10.611 1.00 31.54  ? 45  LYS A CE  1 
ATOM 193  N NZ  . LYS A 1 45  ? 13.657  -13.334 -9.896  1.00 33.61  ? 45  LYS A NZ  1 
ATOM 194  N N   . GLU A 1 46  ? 10.956  -14.289 -4.897  1.00 20.82  ? 46  GLU A N   1 
ATOM 195  C CA  . GLU A 1 46  ? 12.147  -14.109 -4.027  1.00 21.84  ? 46  GLU A CA  1 
ATOM 196  C C   . GLU A 1 46  ? 12.095  -15.123 -2.885  1.00 22.65  ? 46  GLU A C   1 
ATOM 197  O O   . GLU A 1 46  ? 13.165  -15.613 -2.484  1.00 21.98  ? 46  GLU A O   1 
ATOM 198  C CB  . GLU A 1 46  ? 12.250  -12.679 -3.499  1.00 24.12  ? 46  GLU A CB  1 
ATOM 199  C CG  . GLU A 1 46  ? 12.528  -11.641 -4.589  1.00 25.75  ? 46  GLU A CG  1 
ATOM 200  C CD  . GLU A 1 46  ? 11.291  -11.144 -5.338  1.00 27.33  ? 46  GLU A CD  1 
ATOM 201  O OE1 . GLU A 1 46  ? 10.151  -11.527 -4.958  1.00 29.84  ? 46  GLU A OE1 1 
ATOM 202  O OE2 . GLU A 1 46  ? 11.459  -10.406 -6.325  1.00 28.83  ? 46  GLU A OE2 1 
ATOM 203  N N   . PHE A 1 47  ? 10.896  -15.467 -2.403  1.00 23.45  ? 47  PHE A N   1 
ATOM 204  C CA  . PHE A 1 47  ? 10.729  -16.494 -1.347  1.00 23.62  ? 47  PHE A CA  1 
ATOM 205  C C   . PHE A 1 47  ? 11.178  -17.859 -1.873  1.00 23.15  ? 47  PHE A C   1 
ATOM 206  O O   . PHE A 1 47  ? 11.918  -18.577 -1.157  1.00 24.25  ? 47  PHE A O   1 
ATOM 207  C CB  . PHE A 1 47  ? 9.291   -16.538 -0.852  1.00 26.90  ? 47  PHE A CB  1 
ATOM 208  C CG  . PHE A 1 47  ? 9.075   -17.524 0.269   1.00 26.56  ? 47  PHE A CG  1 
ATOM 209  C CD1 . PHE A 1 47  ? 9.487   -17.217 1.561   1.00 26.16  ? 47  PHE A CD1 1 
ATOM 210  C CD2 . PHE A 1 47  ? 8.484   -18.756 0.021   1.00 25.09  ? 47  PHE A CD2 1 
ATOM 211  C CE1 . PHE A 1 47  ? 9.285   -18.118 2.597   1.00 26.76  ? 47  PHE A CE1 1 
ATOM 212  C CE2 . PHE A 1 47  ? 8.283   -19.660 1.056   1.00 25.17  ? 47  PHE A CE2 1 
ATOM 213  C CZ  . PHE A 1 47  ? 8.685   -19.337 2.339   1.00 27.09  ? 47  PHE A CZ  1 
ATOM 214  N N   . ASN A 1 48  ? 10.746  -18.221 -3.086  1.00 24.02  ? 48  ASN A N   1 
ATOM 215  C CA  . ASN A 1 48  ? 11.179  -19.458 -3.785  1.00 21.86  ? 48  ASN A CA  1 
ATOM 216  C C   . ASN A 1 48  ? 12.712  -19.469 -3.895  1.00 21.53  ? 48  ASN A C   1 
ATOM 217  O O   . ASN A 1 48  ? 13.341  -20.469 -3.512  1.00 22.74  ? 48  ASN A O   1 
ATOM 218  C CB  . ASN A 1 48  ? 10.561  -19.571 -5.181  1.00 23.50  ? 48  ASN A CB  1 
ATOM 219  C CG  . ASN A 1 48  ? 11.355  -20.537 -6.033  1.00 23.79  ? 48  ASN A CG  1 
ATOM 220  O OD1 . ASN A 1 48  ? 11.406  -21.725 -5.738  1.00 24.70  ? 48  ASN A OD1 1 
ATOM 221  N ND2 . ASN A 1 48  ? 12.028  -20.025 -7.036  1.00 25.40  ? 48  ASN A ND2 1 
ATOM 222  N N   . GLU A 1 49  ? 13.316  -18.384 -4.375  1.00 21.88  ? 49  GLU A N   1 
ATOM 223  C CA  . GLU A 1 49  ? 14.804  -18.283 -4.468  1.00 22.91  ? 49  GLU A CA  1 
ATOM 224  C C   . GLU A 1 49  ? 15.448  -18.523 -3.091  1.00 25.12  ? 49  GLU A C   1 
ATOM 225  O O   . GLU A 1 49  ? 16.478  -19.276 -3.014  1.00 22.54  ? 49  GLU A O   1 
ATOM 226  C CB  . GLU A 1 49  ? 15.218  -16.904 -4.974  1.00 22.78  ? 49  GLU A CB  1 
ATOM 227  C CG  . GLU A 1 49  ? 15.147  -16.788 -6.484  1.00 23.04  ? 49  GLU A CG  1 
ATOM 228  C CD  . GLU A 1 49  ? 14.914  -15.386 -7.011  1.00 25.14  ? 49  GLU A CD  1 
ATOM 229  O OE1 . GLU A 1 49  ? 15.194  -14.375 -6.278  1.00 26.83  ? 49  GLU A OE1 1 
ATOM 230  O OE2 . GLU A 1 49  ? 14.428  -15.300 -8.141  1.00 26.69  ? 49  GLU A OE2 1 
ATOM 231  N N   . ALA A 1 50  ? 14.910  -17.911 -2.030  1.00 23.91  ? 50  ALA A N   1 
ATOM 232  C CA  . ALA A 1 50  ? 15.524  -18.032 -0.686  1.00 23.97  ? 50  ALA A CA  1 
ATOM 233  C C   . ALA A 1 50  ? 15.346  -19.475 -0.179  1.00 24.37  ? 50  ALA A C   1 
ATOM 234  O O   . ALA A 1 50  ? 16.306  -19.984 0.449   1.00 22.99  ? 50  ALA A O   1 
ATOM 235  C CB  . ALA A 1 50  ? 14.985  -16.993 0.254   1.00 23.55  ? 50  ALA A CB  1 
ATOM 236  N N   . GLU A 1 51  ? 14.245  -20.165 -0.519  1.00 25.55  ? 51  GLU A N   1 
ATOM 237  C CA  . GLU A 1 51  ? 14.045  -21.599 -0.114  1.00 27.27  ? 51  GLU A CA  1 
ATOM 238  C C   . GLU A 1 51  ? 15.077  -22.515 -0.797  1.00 27.19  ? 51  GLU A C   1 
ATOM 239  O O   . GLU A 1 51  ? 15.557  -23.453 -0.104  1.00 25.28  ? 51  GLU A O   1 
ATOM 240  C CB  . GLU A 1 51  ? 12.648  -22.135 -0.414  1.00 27.53  ? 51  GLU A CB  1 
ATOM 241  C CG  . GLU A 1 51  ? 11.579  -21.623 0.542   1.00 30.35  ? 51  GLU A CG  1 
ATOM 242  C CD  . GLU A 1 51  ? 10.387  -22.558 0.733   1.00 31.37  ? 51  GLU A CD  1 
ATOM 243  O OE1 . GLU A 1 51  ? 9.723   -22.877 -0.286  1.00 32.43  ? 51  GLU A OE1 1 
ATOM 244  O OE2 . GLU A 1 51  ? 10.130  -22.983 1.902   1.00 28.73  ? 51  GLU A OE2 1 
ATOM 245  N N   . ARG A 1 52  ? 15.401  -22.264 -2.078  1.00 27.47  ? 52  ARG A N   1 
ATOM 246  C CA  . ARG A 1 52  ? 16.399  -23.038 -2.872  1.00 28.97  ? 52  ARG A CA  1 
ATOM 247  C C   . ARG A 1 52  ? 17.774  -22.852 -2.215  1.00 27.16  ? 52  ARG A C   1 
ATOM 248  O O   . ARG A 1 52  ? 18.491  -23.850 -1.981  1.00 24.47  ? 52  ARG A O   1 
ATOM 249  C CB  . ARG A 1 52  ? 16.355  -22.602 -4.345  1.00 33.59  ? 52  ARG A CB  1 
ATOM 250  C CG  . ARG A 1 52  ? 15.135  -23.132 -5.085  1.00 36.89  ? 52  ARG A CG  1 
ATOM 251  C CD  . ARG A 1 52  ? 14.835  -22.645 -6.511  1.00 40.96  ? 52  ARG A CD  1 
ATOM 252  N NE  . ARG A 1 52  ? 15.691  -23.006 -7.641  1.00 46.63  ? 52  ARG A NE  1 
ATOM 253  C CZ  . ARG A 1 52  ? 16.138  -24.226 -7.959  1.00 54.28  ? 52  ARG A CZ  1 
ATOM 254  N NH1 . ARG A 1 52  ? 15.885  -25.280 -7.199  1.00 59.28  ? 52  ARG A NH1 1 
ATOM 255  N NH2 . ARG A 1 52  ? 16.898  -24.380 -9.031  1.00 54.76  ? 52  ARG A NH2 1 
ATOM 256  N N   . LEU A 1 53  ? 18.103  -21.618 -1.848  1.00 25.71  ? 53  LEU A N   1 
ATOM 257  C CA  . LEU A 1 53  ? 19.353  -21.308 -1.119  1.00 27.73  ? 53  LEU A CA  1 
ATOM 258  C C   . LEU A 1 53  ? 19.346  -22.011 0.253   1.00 28.13  ? 53  LEU A C   1 
ATOM 259  O O   . LEU A 1 53  ? 20.409  -22.505 0.651   1.00 25.40  ? 53  LEU A O   1 
ATOM 260  C CB  . LEU A 1 53  ? 19.520  -19.789 -1.004  1.00 28.64  ? 53  LEU A CB  1 
ATOM 261  C CG  . LEU A 1 53  ? 20.898  -19.299 -0.558  1.00 29.93  ? 53  LEU A CG  1 
ATOM 262  C CD1 . LEU A 1 53  ? 21.932  -19.520 -1.643  1.00 28.79  ? 53  LEU A CD1 1 
ATOM 263  C CD2 . LEU A 1 53  ? 20.851  -17.832 -0.159  1.00 30.50  ? 53  LEU A CD2 1 
ATOM 264  N N   . GLU A 1 54  ? 18.200  -22.090 0.941   1.00 28.67  ? 54  GLU A N   1 
ATOM 265  C CA  . GLU A 1 54  ? 18.086  -22.799 2.250   1.00 28.05  ? 54  GLU A CA  1 
ATOM 266  C C   . GLU A 1 54  ? 18.388  -24.286 2.030   1.00 27.34  ? 54  GLU A C   1 
ATOM 267  O O   . GLU A 1 54  ? 19.137  -24.857 2.826   1.00 25.14  ? 54  GLU A O   1 
ATOM 268  C CB  . GLU A 1 54  ? 16.703  -22.564 2.864   1.00 27.75  ? 54  GLU A CB  1 
ATOM 269  C CG  . GLU A 1 54  ? 16.556  -23.079 4.280   1.00 28.47  ? 54  GLU A CG  1 
ATOM 270  C CD  . GLU A 1 54  ? 15.145  -22.950 4.831   1.00 29.77  ? 54  GLU A CD  1 
ATOM 271  O OE1 . GLU A 1 54  ? 14.304  -22.376 4.136   1.00 30.42  ? 54  GLU A OE1 1 
ATOM 272  O OE2 . GLU A 1 54  ? 14.875  -23.463 5.944   1.00 32.43  ? 54  GLU A OE2 1 
ATOM 273  N N   . GLU A 1 55  ? 17.840  -24.874 0.959   1.00 30.97  ? 55  GLU A N   1 
ATOM 274  C CA  . GLU A 1 55  ? 18.069  -26.290 0.567   1.00 30.42  ? 55  GLU A CA  1 
ATOM 275  C C   . GLU A 1 55  ? 19.573  -26.533 0.382   1.00 30.53  ? 55  GLU A C   1 
ATOM 276  O O   . GLU A 1 55  ? 20.085  -27.470 1.028   1.00 32.96  ? 55  GLU A O   1 
ATOM 277  C CB  . GLU A 1 55  ? 17.261  -26.647 -0.681  1.00 36.32  ? 55  GLU A CB  1 
ATOM 278  C CG  . GLU A 1 55  ? 17.497  -28.074 -1.173  1.00 41.12  ? 55  GLU A CG  1 
ATOM 279  C CD  . GLU A 1 55  ? 17.140  -29.166 -0.168  1.00 51.44  ? 55  GLU A CD  1 
ATOM 280  O OE1 . GLU A 1 55  ? 16.290  -28.909 0.742   1.00 52.16  ? 55  GLU A OE1 1 
ATOM 281  O OE2 . GLU A 1 55  ? 17.709  -30.280 -0.285  1.00 61.84  ? 55  GLU A OE2 1 
ATOM 282  N N   . ALA A 1 56  ? 20.263  -25.716 -0.432  1.00 27.93  ? 56  ALA A N   1 
ATOM 283  C CA  . ALA A 1 56  ? 21.728  -25.800 -0.653  1.00 26.55  ? 56  ALA A CA  1 
ATOM 284  C C   . ALA A 1 56  ? 22.459  -25.779 0.695   1.00 25.00  ? 56  ALA A C   1 
ATOM 285  O O   . ALA A 1 56  ? 23.278  -26.677 0.921   1.00 27.79  ? 56  ALA A O   1 
ATOM 286  C CB  . ALA A 1 56  ? 22.201  -24.694 -1.557  1.00 27.72  ? 56  ALA A CB  1 
ATOM 287  N N   . MET A 1 57  ? 22.109  -24.854 1.584   1.00 23.20  ? 57  MET A N   1 
ATOM 288  C CA  . MET A 1 57  ? 22.689  -24.734 2.948   1.00 26.61  ? 57  MET A CA  1 
ATOM 289  C C   . MET A 1 57  ? 22.589  -26.070 3.692   1.00 28.03  ? 57  MET A C   1 
ATOM 290  O O   . MET A 1 57  ? 23.614  -26.486 4.273   1.00 26.05  ? 57  MET A O   1 
ATOM 291  C CB  . MET A 1 57  ? 21.956  -23.665 3.765   1.00 28.53  ? 57  MET A CB  1 
ATOM 292  C CG  . MET A 1 57  ? 22.394  -23.606 5.224   1.00 29.86  ? 57  MET A CG  1 
ATOM 293  S SD  . MET A 1 57  ? 21.286  -22.533 6.177   1.00 30.83  ? 57  MET A SD  1 
ATOM 294  C CE  . MET A 1 57  ? 19.975  -23.694 6.549   1.00 29.53  ? 57  MET A CE  1 
ATOM 295  N N   . LYS A 1 58  ? 21.395  -26.683 3.700   1.00 28.97  ? 58  LYS A N   1 
ATOM 296  C CA  . LYS A 1 58  ? 21.139  -27.978 4.373   1.00 33.25  ? 58  LYS A CA  1 
ATOM 297  C C   . LYS A 1 58  ? 22.082  -29.033 3.789   1.00 34.73  ? 58  LYS A C   1 
ATOM 298  O O   . LYS A 1 58  ? 22.736  -29.723 4.578   1.00 32.50  ? 58  LYS A O   1 
ATOM 299  C CB  . LYS A 1 58  ? 19.672  -28.400 4.237   1.00 35.61  ? 58  LYS A CB  1 
ATOM 300  C CG  . LYS A 1 58  ? 18.706  -27.604 5.102   1.00 37.19  ? 58  LYS A CG  1 
ATOM 301  C CD  . LYS A 1 58  ? 17.300  -28.157 5.087   1.00 41.90  ? 58  LYS A CD  1 
ATOM 302  C CE  . LYS A 1 58  ? 16.319  -27.294 4.326   1.00 49.12  ? 58  LYS A CE  1 
ATOM 303  N NZ  . LYS A 1 58  ? 14.922  -27.538 4.760   1.00 50.97  ? 58  LYS A NZ  1 
ATOM 304  N N   . GLN A 1 59  ? 22.143  -29.139 2.460   1.00 36.08  ? 59  GLN A N   1 
ATOM 305  C CA  . GLN A 1 59  ? 23.005  -30.121 1.756   1.00 36.80  ? 59  GLN A CA  1 
ATOM 306  C C   . GLN A 1 59  ? 24.456  -29.933 2.223   1.00 35.20  ? 59  GLN A C   1 
ATOM 307  O O   . GLN A 1 59  ? 25.105  -30.940 2.489   1.00 33.45  ? 59  GLN A O   1 
ATOM 308  C CB  . GLN A 1 59  ? 22.877  -29.999 0.237   1.00 40.09  ? 59  GLN A CB  1 
ATOM 309  C CG  . GLN A 1 59  ? 21.514  -30.413 -0.302  1.00 44.94  ? 59  GLN A CG  1 
ATOM 310  C CD  . GLN A 1 59  ? 21.080  -31.781 0.186   1.00 56.07  ? 59  GLN A CD  1 
ATOM 311  O OE1 . GLN A 1 59  ? 20.485  -31.929 1.259   1.00 54.36  ? 59  GLN A OE1 1 
ATOM 312  N NE2 . GLN A 1 59  ? 21.372  -32.806 -0.604  1.00 52.02  ? 59  GLN A NE2 1 
ATOM 313  N N   . SER A 1 60  ? 24.955  -28.703 2.336   1.00 31.20  ? 60  SER A N   1 
ATOM 314  C CA  . SER A 1 60  ? 26.347  -28.459 2.790   1.00 31.79  ? 60  SER A CA  1 
ATOM 315  C C   . SER A 1 60  ? 26.531  -29.098 4.165   1.00 31.81  ? 60  SER A C   1 
ATOM 316  O O   . SER A 1 60  ? 27.448  -29.914 4.292   1.00 36.11  ? 60  SER A O   1 
ATOM 317  C CB  . SER A 1 60  ? 26.703  -26.992 2.789   1.00 31.82  ? 60  SER A CB  1 
ATOM 318  O OG  . SER A 1 60  ? 26.824  -26.533 1.456   1.00 30.92  ? 60  SER A OG  1 
ATOM 319  N N   . PHE A 1 61  ? 25.679  -28.767 5.135   1.00 31.91  ? 61  PHE A N   1 
ATOM 320  C CA  . PHE A 1 61  ? 25.707  -29.357 6.505   1.00 37.37  ? 61  PHE A CA  1 
ATOM 321  C C   . PHE A 1 61  ? 25.632  -30.901 6.441   1.00 40.56  ? 61  PHE A C   1 
ATOM 322  O O   . PHE A 1 61  ? 26.461  -31.562 7.112   1.00 40.71  ? 61  PHE A O   1 
ATOM 323  C CB  . PHE A 1 61  ? 24.621  -28.719 7.372   1.00 36.36  ? 61  PHE A CB  1 
ATOM 324  C CG  . PHE A 1 61  ? 24.967  -27.335 7.861   1.00 37.78  ? 61  PHE A CG  1 
ATOM 325  C CD1 . PHE A 1 61  ? 26.104  -27.126 8.630   1.00 35.82  ? 61  PHE A CD1 1 
ATOM 326  C CD2 . PHE A 1 61  ? 24.147  -26.251 7.583   1.00 36.05  ? 61  PHE A CD2 1 
ATOM 327  C CE1 . PHE A 1 61  ? 26.414  -25.865 9.109   1.00 37.00  ? 61  PHE A CE1 1 
ATOM 328  C CE2 . PHE A 1 61  ? 24.465  -24.985 8.048   1.00 37.70  ? 61  PHE A CE2 1 
ATOM 329  C CZ  . PHE A 1 61  ? 25.597  -24.794 8.812   1.00 40.33  ? 61  PHE A CZ  1 
ATOM 330  N N   . SER A 1 62  ? 24.727  -31.473 5.632   1.00 43.15  ? 62  SER A N   1 
ATOM 331  C CA  . SER A 1 62  ? 24.627  -32.941 5.376   1.00 44.71  ? 62  SER A CA  1 
ATOM 332  C C   . SER A 1 62  ? 25.998  -33.502 4.996   1.00 41.92  ? 62  SER A C   1 
ATOM 333  O O   . SER A 1 62  ? 26.421  -34.493 5.593   1.00 46.01  ? 62  SER A O   1 
ATOM 334  C CB  . SER A 1 62  ? 23.610  -33.267 4.317   1.00 44.24  ? 62  SER A CB  1 
ATOM 335  O OG  . SER A 1 62  ? 22.313  -33.250 4.887   1.00 49.77  ? 62  SER A OG  1 
ATOM 336  N N   . LYS A 1 63  ? 26.674  -32.851 4.057   1.00 42.54  ? 63  LYS A N   1 
ATOM 337  C CA  . LYS A 1 63  ? 27.988  -33.281 3.534   1.00 45.06  ? 63  LYS A CA  1 
ATOM 338  C C   . LYS A 1 63  ? 29.091  -32.818 4.485   1.00 46.89  ? 63  LYS A C   1 
ATOM 339  O O   . LYS A 1 63  ? 30.266  -32.996 4.135   1.00 47.10  ? 63  LYS A O   1 
ATOM 340  C CB  . LYS A 1 63  ? 28.156  -32.745 2.114   1.00 48.02  ? 63  LYS A CB  1 
ATOM 341  C CG  . LYS A 1 63  ? 27.131  -33.275 1.119   1.00 51.97  ? 63  LYS A CG  1 
ATOM 342  C CD  . LYS A 1 63  ? 27.460  -32.909 -0.317  1.00 58.73  ? 63  LYS A CD  1 
ATOM 343  C CE  . LYS A 1 63  ? 26.456  -31.973 -0.955  1.00 65.40  ? 63  LYS A CE  1 
ATOM 344  N NZ  . LYS A 1 63  ? 25.378  -32.734 -1.625  1.00 67.43  ? 63  LYS A NZ  1 
ATOM 345  N N   . LYS A 1 64  ? 28.734  -32.266 5.650   1.00 51.04  ? 64  LYS A N   1 
ATOM 346  C CA  . LYS A 1 64  ? 29.699  -31.930 6.731   1.00 53.22  ? 64  LYS A CA  1 
ATOM 347  C C   . LYS A 1 64  ? 30.687  -30.871 6.216   1.00 48.86  ? 64  LYS A C   1 
ATOM 348  O O   . LYS A 1 64  ? 31.901  -30.980 6.491   1.00 44.37  ? 64  LYS A O   1 
ATOM 349  C CB  . LYS A 1 64  ? 30.384  -33.214 7.212   1.00 58.81  ? 64  LYS A CB  1 
ATOM 350  C CG  . LYS A 1 64  ? 29.422  -34.312 7.661   1.00 66.34  ? 64  LYS A CG  1 
ATOM 351  C CD  . LYS A 1 64  ? 29.869  -35.718 7.315   1.00 72.41  ? 64  LYS A CD  1 
ATOM 352  C CE  . LYS A 1 64  ? 28.760  -36.742 7.453   1.00 76.56  ? 64  LYS A CE  1 
ATOM 353  N NZ  . LYS A 1 64  ? 29.270  -38.128 7.321   1.00 73.93  ? 64  LYS A NZ  1 
ATOM 354  N N   . LYS A 1 65  ? 30.175  -29.873 5.487   1.00 49.50  ? 65  LYS A N   1 
ATOM 355  C CA  . LYS A 1 65  ? 30.925  -28.652 5.078   1.00 42.16  ? 65  LYS A CA  1 
ATOM 356  C C   . LYS A 1 65  ? 30.334  -27.460 5.840   1.00 38.87  ? 65  LYS A C   1 
ATOM 357  O O   . LYS A 1 65  ? 29.553  -26.688 5.250   1.00 34.96  ? 65  LYS A O   1 
ATOM 358  C CB  . LYS A 1 65  ? 30.874  -28.514 3.559   1.00 42.96  ? 65  LYS A CB  1 
ATOM 359  C CG  . LYS A 1 65  ? 31.609  -29.613 2.807   1.00 44.15  ? 65  LYS A CG  1 
ATOM 360  C CD  . LYS A 1 65  ? 31.373  -29.554 1.317   1.00 49.66  ? 65  LYS A CD  1 
ATOM 361  C CE  . LYS A 1 65  ? 31.106  -30.917 0.713   1.00 55.57  ? 65  LYS A CE  1 
ATOM 362  N NZ  . LYS A 1 65  ? 31.187  -30.900 -0.768  1.00 54.95  ? 65  LYS A NZ  1 
ATOM 363  N N   . ALA A 1 66  ? 30.681  -27.347 7.124   1.00 35.72  ? 66  ALA A N   1 
ATOM 364  C CA  . ALA A 1 66  ? 30.056  -26.416 8.092   1.00 37.55  ? 66  ALA A CA  1 
ATOM 365  C C   . ALA A 1 66  ? 30.481  -24.961 7.815   1.00 35.41  ? 66  ALA A C   1 
ATOM 366  O O   . ALA A 1 66  ? 29.691  -24.054 8.092   1.00 33.25  ? 66  ALA A O   1 
ATOM 367  C CB  . ALA A 1 66  ? 30.373  -26.854 9.501   1.00 39.16  ? 66  ALA A CB  1 
ATOM 368  N N   . ILE A 1 67  ? 31.663  -24.738 7.245   1.00 35.07  ? 67  ILE A N   1 
ATOM 369  C CA  . ILE A 1 67  ? 32.137  -23.389 6.807   1.00 34.69  ? 67  ILE A CA  1 
ATOM 370  C C   . ILE A 1 67  ? 31.260  -22.925 5.643   1.00 32.88  ? 67  ILE A C   1 
ATOM 371  O O   . ILE A 1 67  ? 30.730  -21.791 5.709   1.00 33.10  ? 67  ILE A O   1 
ATOM 372  C CB  . ILE A 1 67  ? 33.637  -23.418 6.433   1.00 36.24  ? 67  ILE A CB  1 
ATOM 373  C CG1 . ILE A 1 67  ? 34.497  -23.768 7.648   1.00 36.99  ? 67  ILE A CG1 1 
ATOM 374  C CG2 . ILE A 1 67  ? 34.087  -22.103 5.816   1.00 36.91  ? 67  ILE A CG2 1 
ATOM 375  C CD1 . ILE A 1 67  ? 35.893  -24.224 7.285   1.00 36.66  ? 67  ILE A CD1 1 
ATOM 376  N N   . GLU A 1 68  ? 31.126  -23.764 4.617   1.00 32.67  ? 68  GLU A N   1 
ATOM 377  C CA  . GLU A 1 68  ? 30.277  -23.487 3.433   1.00 36.92  ? 68  GLU A CA  1 
ATOM 378  C C   . GLU A 1 68  ? 28.814  -23.295 3.868   1.00 35.29  ? 68  GLU A C   1 
ATOM 379  O O   . GLU A 1 68  ? 28.188  -22.281 3.464   1.00 34.88  ? 68  GLU A O   1 
ATOM 380  C CB  . GLU A 1 68  ? 30.391  -24.629 2.427   1.00 42.45  ? 68  GLU A CB  1 
ATOM 381  C CG  . GLU A 1 68  ? 31.810  -24.898 1.976   1.00 48.27  ? 68  GLU A CG  1 
ATOM 382  C CD  . GLU A 1 68  ? 31.908  -25.845 0.792   1.00 54.81  ? 68  GLU A CD  1 
ATOM 383  O OE1 . GLU A 1 68  ? 30.836  -26.367 0.344   1.00 55.53  ? 68  GLU A OE1 1 
ATOM 384  O OE2 . GLU A 1 68  ? 33.049  -26.060 0.320   1.00 51.75  ? 68  GLU A OE2 1 
ATOM 385  N N   . GLY A 1 69  ? 28.285  -24.214 4.679   1.00 32.07  ? 69  GLY A N   1 
ATOM 386  C CA  . GLY A 1 69  ? 26.915  -24.122 5.218   1.00 28.87  ? 69  GLY A CA  1 
ATOM 387  C C   . GLY A 1 69  ? 26.677  -22.780 5.895   1.00 29.39  ? 69  GLY A C   1 
ATOM 388  O O   . GLY A 1 69  ? 25.659  -22.138 5.578   1.00 25.64  ? 69  GLY A O   1 
ATOM 389  N N   . ASN A 1 70  ? 27.585  -22.376 6.797   1.00 30.03  ? 70  ASN A N   1 
ATOM 390  C CA  . ASN A 1 70  ? 27.492  -21.144 7.623   1.00 30.36  ? 70  ASN A CA  1 
ATOM 391  C C   . ASN A 1 70  ? 27.532  -19.929 6.689   1.00 28.05  ? 70  ASN A C   1 
ATOM 392  O O   . ASN A 1 70  ? 26.752  -18.996 6.905   1.00 27.47  ? 70  ASN A O   1 
ATOM 393  C CB  . ASN A 1 70  ? 28.591  -21.060 8.700   1.00 32.64  ? 70  ASN A CB  1 
ATOM 394  C CG  . ASN A 1 70  ? 28.291  -21.890 9.934   1.00 37.44  ? 70  ASN A CG  1 
ATOM 395  O OD1 . ASN A 1 70  ? 27.195  -21.832 10.480  1.00 43.89  ? 70  ASN A OD1 1 
ATOM 396  N ND2 . ASN A 1 70  ? 29.259  -22.669 10.397  1.00 41.73  ? 70  ASN A ND2 1 
ATOM 397  N N   . GLU A 1 71  ? 28.419  -19.940 5.697   1.00 26.72  ? 71  GLU A N   1 
ATOM 398  C CA  . GLU A 1 71  ? 28.503  -18.893 4.648   1.00 25.96  ? 71  GLU A CA  1 
ATOM 399  C C   . GLU A 1 71  ? 27.140  -18.758 3.953   1.00 26.85  ? 71  GLU A C   1 
ATOM 400  O O   . GLU A 1 71  ? 26.723  -17.615 3.742   1.00 28.09  ? 71  GLU A O   1 
ATOM 401  C CB  . GLU A 1 71  ? 29.593  -19.232 3.636   1.00 27.11  ? 71  GLU A CB  1 
ATOM 402  C CG  . GLU A 1 71  ? 29.687  -18.250 2.476   1.00 27.13  ? 71  GLU A CG  1 
ATOM 403  C CD  . GLU A 1 71  ? 30.822  -18.567 1.511   1.00 27.79  ? 71  GLU A CD  1 
ATOM 404  O OE1 . GLU A 1 71  ? 31.280  -19.701 1.517   1.00 31.82  ? 71  GLU A OE1 1 
ATOM 405  O OE2 . GLU A 1 71  ? 31.255  -17.681 0.766   1.00 33.40  ? 71  GLU A OE2 1 
ATOM 406  N N   . ILE A 1 72  ? 26.457  -19.864 3.633   1.00 24.34  ? 72  ILE A N   1 
ATOM 407  C CA  . ILE A 1 72  ? 25.170  -19.810 2.886   1.00 25.72  ? 72  ILE A CA  1 
ATOM 408  C C   . ILE A 1 72  ? 24.046  -19.349 3.838   1.00 25.13  ? 72  ILE A C   1 
ATOM 409  O O   . ILE A 1 72  ? 23.213  -18.511 3.438   1.00 22.26  ? 72  ILE A O   1 
ATOM 410  C CB  . ILE A 1 72  ? 24.900  -21.162 2.193   1.00 26.13  ? 72  ILE A CB  1 
ATOM 411  C CG1 . ILE A 1 72  ? 25.955  -21.462 1.126   1.00 27.30  ? 72  ILE A CG1 1 
ATOM 412  C CG2 . ILE A 1 72  ? 23.509  -21.202 1.582   1.00 25.96  ? 72  ILE A CG2 1 
ATOM 413  C CD1 . ILE A 1 72  ? 25.991  -22.935 0.664   1.00 28.07  ? 72  ILE A CD1 1 
ATOM 414  N N   . ALA A 1 73  ? 24.056  -19.815 5.083   1.00 27.61  ? 73  ALA A N   1 
ATOM 415  C CA  . ALA A 1 73  ? 23.069  -19.457 6.132   1.00 30.10  ? 73  ALA A CA  1 
ATOM 416  C C   . ALA A 1 73  ? 22.974  -17.937 6.343   1.00 27.38  ? 73  ALA A C   1 
ATOM 417  O O   . ALA A 1 73  ? 21.833  -17.451 6.525   1.00 23.18  ? 73  ALA A O   1 
ATOM 418  C CB  . ALA A 1 73  ? 23.418  -20.145 7.422   1.00 34.96  ? 73  ALA A CB  1 
ATOM 419  N N   . LEU A 1 74  ? 24.090  -17.198 6.295   1.00 26.74  ? 74  LEU A N   1 
ATOM 420  C CA  . LEU A 1 74  ? 24.063  -15.720 6.477   1.00 26.18  ? 74  LEU A CA  1 
ATOM 421  C C   . LEU A 1 74  ? 23.310  -15.056 5.318   1.00 27.39  ? 74  LEU A C   1 
ATOM 422  O O   . LEU A 1 74  ? 22.672  -14.016 5.556   1.00 29.04  ? 74  LEU A O   1 
ATOM 423  C CB  . LEU A 1 74  ? 25.485  -15.169 6.593   1.00 27.82  ? 74  LEU A CB  1 
ATOM 424  C CG  . LEU A 1 74  ? 26.258  -15.571 7.855   1.00 30.00  ? 74  LEU A CG  1 
ATOM 425  C CD1 . LEU A 1 74  ? 27.719  -15.150 7.732   1.00 30.50  ? 74  LEU A CD1 1 
ATOM 426  C CD2 . LEU A 1 74  ? 25.644  -14.964 9.117   1.00 29.05  ? 74  LEU A CD2 1 
ATOM 427  N N   . LYS A 1 75  ? 23.334  -15.633 4.115   1.00 26.57  ? 75  LYS A N   1 
ATOM 428  C CA  . LYS A 1 75  ? 22.618  -15.041 2.957   1.00 28.60  ? 75  LYS A CA  1 
ATOM 429  C C   . LYS A 1 75  ? 21.154  -15.472 2.973   1.00 26.98  ? 75  LYS A C   1 
ATOM 430  O O   . LYS A 1 75  ? 20.301  -14.653 2.659   1.00 25.71  ? 75  LYS A O   1 
ATOM 431  C CB  . LYS A 1 75  ? 23.363  -15.378 1.663   1.00 32.78  ? 75  LYS A CB  1 
ATOM 432  C CG  . LYS A 1 75  ? 24.466  -14.381 1.355   1.00 36.18  ? 75  LYS A CG  1 
ATOM 433  C CD  . LYS A 1 75  ? 25.643  -14.950 0.593   1.00 44.71  ? 75  LYS A CD  1 
ATOM 434  C CE  . LYS A 1 75  ? 26.774  -13.953 0.393   1.00 48.91  ? 75  LYS A CE  1 
ATOM 435  N NZ  . LYS A 1 75  ? 26.264  -12.575 0.143   1.00 46.47  ? 75  LYS A NZ  1 
ATOM 436  N N   . VAL A 1 76  ? 20.874  -16.719 3.335   1.00 27.43  ? 76  VAL A N   1 
ATOM 437  C CA  . VAL A 1 76  ? 19.486  -17.175 3.599   1.00 26.68  ? 76  VAL A CA  1 
ATOM 438  C C   . VAL A 1 76  ? 18.875  -16.177 4.592   1.00 27.39  ? 76  VAL A C   1 
ATOM 439  O O   . VAL A 1 76  ? 17.792  -15.612 4.281   1.00 27.50  ? 76  VAL A O   1 
ATOM 440  C CB  . VAL A 1 76  ? 19.464  -18.635 4.086   1.00 28.19  ? 76  VAL A CB  1 
ATOM 441  C CG1 . VAL A 1 76  ? 18.071  -19.095 4.498   1.00 28.43  ? 76  VAL A CG1 1 
ATOM 442  C CG2 . VAL A 1 76  ? 20.008  -19.571 3.017   1.00 30.51  ? 76  VAL A CG2 1 
ATOM 443  N N   . LEU A 1 77  ? 19.558  -15.900 5.709   1.00 26.77  ? 77  LEU A N   1 
ATOM 444  C CA  . LEU A 1 77  ? 19.023  -14.997 6.762   1.00 26.58  ? 77  LEU A CA  1 
ATOM 445  C C   . LEU A 1 77  ? 18.608  -13.673 6.120   1.00 26.32  ? 77  LEU A C   1 
ATOM 446  O O   . LEU A 1 77  ? 17.438  -13.268 6.294   1.00 23.95  ? 77  LEU A O   1 
ATOM 447  C CB  . LEU A 1 77  ? 20.078  -14.766 7.852   1.00 30.09  ? 77  LEU A CB  1 
ATOM 448  C CG  . LEU A 1 77  ? 19.593  -13.988 9.080   1.00 34.59  ? 77  LEU A CG  1 
ATOM 449  C CD1 . LEU A 1 77  ? 18.365  -14.646 9.715   1.00 34.61  ? 77  LEU A CD1 1 
ATOM 450  C CD2 . LEU A 1 77  ? 20.702  -13.829 10.118  1.00 35.17  ? 77  LEU A CD2 1 
ATOM 451  N N   . GLU A 1 78  ? 19.558  -13.043 5.424   1.00 25.93  ? 78  GLU A N   1 
ATOM 452  C CA  . GLU A 1 78  ? 19.480  -11.696 4.813   1.00 27.15  ? 78  GLU A CA  1 
ATOM 453  C C   . GLU A 1 78  ? 18.345  -11.678 3.782   1.00 26.53  ? 78  GLU A C   1 
ATOM 454  O O   . GLU A 1 78  ? 17.611  -10.689 3.728   1.00 23.15  ? 78  GLU A O   1 
ATOM 455  C CB  . GLU A 1 78  ? 20.840  -11.337 4.199   1.00 27.97  ? 78  GLU A CB  1 
ATOM 456  C CG  . GLU A 1 78  ? 20.920  -9.928  3.594   1.00 32.16  ? 78  GLU A CG  1 
ATOM 457  C CD  . GLU A 1 78  ? 22.095  -9.654  2.643   1.00 37.65  ? 78  GLU A CD  1 
ATOM 458  O OE1 . GLU A 1 78  ? 23.236  -10.075 2.946   1.00 38.71  ? 78  GLU A OE1 1 
ATOM 459  O OE2 . GLU A 1 78  ? 21.874  -9.024  1.575   1.00 40.30  ? 78  GLU A OE2 1 
ATOM 460  N N   . ARG A 1 79  ? 18.219  -12.711 2.955   1.00 25.55  ? 79  ARG A N   1 
ATOM 461  C CA  . ARG A 1 79  ? 17.138  -12.747 1.936   1.00 25.54  ? 79  ARG A CA  1 
ATOM 462  C C   . ARG A 1 79  ? 15.766  -12.756 2.628   1.00 25.38  ? 79  ARG A C   1 
ATOM 463  O O   . ARG A 1 79  ? 14.905  -11.956 2.229   1.00 27.02  ? 79  ARG A O   1 
ATOM 464  C CB  . ARG A 1 79  ? 17.307  -13.953 1.014   1.00 25.12  ? 79  ARG A CB  1 
ATOM 465  C CG  . ARG A 1 79  ? 18.543  -13.873 0.137   1.00 26.68  ? 79  ARG A CG  1 
ATOM 466  C CD  . ARG A 1 79  ? 18.511  -12.779 -0.911  1.00 27.33  ? 79  ARG A CD  1 
ATOM 467  N NE  . ARG A 1 79  ? 19.849  -12.645 -1.476  1.00 28.21  ? 79  ARG A NE  1 
ATOM 468  C CZ  . ARG A 1 79  ? 20.758  -11.747 -1.093  1.00 30.31  ? 79  ARG A CZ  1 
ATOM 469  N NH1 . ARG A 1 79  ? 20.472  -10.846 -0.167  1.00 30.10  ? 79  ARG A NH1 1 
ATOM 470  N NH2 . ARG A 1 79  ? 21.956  -11.739 -1.663  1.00 31.05  ? 79  ARG A NH2 1 
ATOM 471  N N   . TYR A 1 80  ? 15.554  -13.605 3.641   1.00 24.14  ? 80  TYR A N   1 
ATOM 472  C CA  . TYR A 1 80  ? 14.260  -13.639 4.375   1.00 23.11  ? 80  TYR A CA  1 
ATOM 473  C C   . TYR A 1 80  ? 14.025  -12.261 5.016   1.00 23.60  ? 80  TYR A C   1 
ATOM 474  O O   . TYR A 1 80  ? 12.863  -11.801 4.976   1.00 21.70  ? 80  TYR A O   1 
ATOM 475  C CB  . TYR A 1 80  ? 14.194  -14.798 5.376   1.00 24.03  ? 80  TYR A CB  1 
ATOM 476  C CG  . TYR A 1 80  ? 14.025  -16.187 4.781   1.00 24.57  ? 80  TYR A CG  1 
ATOM 477  C CD1 . TYR A 1 80  ? 13.220  -16.412 3.672   1.00 23.27  ? 80  TYR A CD1 1 
ATOM 478  C CD2 . TYR A 1 80  ? 14.633  -17.290 5.365   1.00 23.24  ? 80  TYR A CD2 1 
ATOM 479  C CE1 . TYR A 1 80  ? 13.078  -17.676 3.122   1.00 24.10  ? 80  TYR A CE1 1 
ATOM 480  C CE2 . TYR A 1 80  ? 14.500  -18.559 4.827   1.00 24.25  ? 80  TYR A CE2 1 
ATOM 481  C CZ  . TYR A 1 80  ? 13.715  -18.751 3.704   1.00 22.94  ? 80  TYR A CZ  1 
ATOM 482  O OH  . TYR A 1 80  ? 13.590  -19.981 3.154   1.00 24.04  ? 80  TYR A OH  1 
ATOM 483  N N   . LYS A 1 81  ? 15.067  -11.615 5.569   1.00 22.77  ? 81  LYS A N   1 
ATOM 484  C CA  . LYS A 1 81  ? 14.927  -10.345 6.331   1.00 24.12  ? 81  LYS A CA  1 
ATOM 485  C C   . LYS A 1 81  ? 14.492  -9.258  5.363   1.00 22.31  ? 81  LYS A C   1 
ATOM 486  O O   . LYS A 1 81  ? 13.769  -8.350  5.799   1.00 21.89  ? 81  LYS A O   1 
ATOM 487  C CB  . LYS A 1 81  ? 16.212  -9.882  7.023   1.00 25.91  ? 81  LYS A CB  1 
ATOM 488  C CG  . LYS A 1 81  ? 16.527  -10.607 8.319   1.00 28.84  ? 81  LYS A CG  1 
ATOM 489  C CD  . LYS A 1 81  ? 17.726  -10.053 9.056   1.00 32.32  ? 81  LYS A CD  1 
ATOM 490  C CE  . LYS A 1 81  ? 17.596  -10.206 10.560  1.00 37.13  ? 81  LYS A CE  1 
ATOM 491  N NZ  . LYS A 1 81  ? 18.719  -9.556  11.279  1.00 42.74  ? 81  LYS A NZ  1 
ATOM 492  N N   . THR A 1 82  ? 14.936  -9.339  4.110   1.00 21.96  ? 82  THR A N   1 
ATOM 493  C CA  . THR A 1 82  ? 14.564  -8.363  3.058   1.00 23.78  ? 82  THR A CA  1 
ATOM 494  C C   . THR A 1 82  ? 13.069  -8.502  2.738   1.00 24.33  ? 82  THR A C   1 
ATOM 495  O O   . THR A 1 82  ? 12.407  -7.469  2.662   1.00 23.87  ? 82  THR A O   1 
ATOM 496  C CB  . THR A 1 82  ? 15.451  -8.484  1.818   1.00 24.90  ? 82  THR A CB  1 
ATOM 497  O OG1 . THR A 1 82  ? 16.786  -8.213  2.236   1.00 24.88  ? 82  THR A OG1 1 
ATOM 498  C CG2 . THR A 1 82  ? 15.064  -7.540  0.700   1.00 23.99  ? 82  THR A CG2 1 
ATOM 499  N N   . ILE A 1 83  ? 12.541  -9.711  2.558   1.00 25.43  ? 83  ILE A N   1 
ATOM 500  C CA  . ILE A 1 83  ? 11.084  -9.882  2.257   1.00 28.38  ? 83  ILE A CA  1 
ATOM 501  C C   . ILE A 1 83  ? 10.263  -9.328  3.430   1.00 27.69  ? 83  ILE A C   1 
ATOM 502  O O   . ILE A 1 83  ? 9.266   -8.626  3.196   1.00 25.54  ? 83  ILE A O   1 
ATOM 503  C CB  . ILE A 1 83  ? 10.721  -11.348 1.946   1.00 28.68  ? 83  ILE A CB  1 
ATOM 504  C CG1 . ILE A 1 83  ? 11.359  -11.826 0.639   1.00 28.76  ? 83  ILE A CG1 1 
ATOM 505  C CG2 . ILE A 1 83  ? 9.207   -11.521 1.905   1.00 29.49  ? 83  ILE A CG2 1 
ATOM 506  C CD1 . ILE A 1 83  ? 11.394  -13.334 0.477   1.00 28.40  ? 83  ILE A CD1 1 
ATOM 507  N N   . ILE A 1 84  ? 10.656  -9.642  4.660   1.00 30.93  ? 84  ILE A N   1 
ATOM 508  C CA  . ILE A 1 84  ? 9.987   -9.101  5.882   1.00 32.86  ? 84  ILE A CA  1 
ATOM 509  C C   . ILE A 1 84  ? 9.979   -7.570  5.810   1.00 33.95  ? 84  ILE A C   1 
ATOM 510  O O   . ILE A 1 84  ? 8.887   -6.988  5.893   1.00 35.12  ? 84  ILE A O   1 
ATOM 511  C CB  . ILE A 1 84  ? 10.654  -9.620  7.161   1.00 34.79  ? 84  ILE A CB  1 
ATOM 512  C CG1 . ILE A 1 84  ? 10.404  -11.116 7.356   1.00 36.06  ? 84  ILE A CG1 1 
ATOM 513  C CG2 . ILE A 1 84  ? 10.197  -8.817  8.365   1.00 38.26  ? 84  ILE A CG2 1 
ATOM 514  C CD1 . ILE A 1 84  ? 10.923  -11.666 8.676   1.00 37.11  ? 84  ILE A CD1 1 
ATOM 515  N N   . ARG A 1 85  ? 11.137  -6.935  5.622   1.00 33.95  ? 85  ARG A N   1 
ATOM 516  C CA  . ARG A 1 85  ? 11.268  -5.465  5.795   1.00 36.48  ? 85  ARG A CA  1 
ATOM 517  C C   . ARG A 1 85  ? 10.447  -4.737  4.715   1.00 36.26  ? 85  ARG A C   1 
ATOM 518  O O   . ARG A 1 85  ? 9.741   -3.777  5.052   1.00 39.55  ? 85  ARG A O   1 
ATOM 519  C CB  . ARG A 1 85  ? 12.749  -5.082  5.803   1.00 38.37  ? 85  ARG A CB  1 
ATOM 520  C CG  . ARG A 1 85  ? 13.016  -3.593  5.989   1.00 40.19  ? 85  ARG A CG  1 
ATOM 521  C CD  . ARG A 1 85  ? 14.484  -3.198  5.908   1.00 43.03  ? 85  ARG A CD  1 
ATOM 522  N NE  . ARG A 1 85  ? 15.362  -4.192  5.289   1.00 48.33  ? 85  ARG A NE  1 
ATOM 523  C CZ  . ARG A 1 85  ? 15.553  -4.364  3.981   1.00 46.33  ? 85  ARG A CZ  1 
ATOM 524  N NH1 . ARG A 1 85  ? 14.918  -3.605  3.105   1.00 48.87  ? 85  ARG A NH1 1 
ATOM 525  N NH2 . ARG A 1 85  ? 16.367  -5.314  3.555   1.00 40.63  ? 85  ARG A NH2 1 
ATOM 526  N N   . GLU A 1 86  ? 10.515  -5.203  3.473   1.00 35.31  ? 86  GLU A N   1 
ATOM 527  C CA  . GLU A 1 86  ? 9.848   -4.619  2.283   1.00 33.86  ? 86  GLU A CA  1 
ATOM 528  C C   . GLU A 1 86  ? 8.325   -4.788  2.409   1.00 32.69  ? 86  GLU A C   1 
ATOM 529  O O   . GLU A 1 86  ? 7.580   -3.837  2.160   1.00 29.53  ? 86  GLU A O   1 
ATOM 530  C CB  . GLU A 1 86  ? 10.399  -5.372  1.075   1.00 41.75  ? 86  GLU A CB  1 
ATOM 531  C CG  . GLU A 1 86  ? 10.482  -4.567  -0.205  1.00 50.42  ? 86  GLU A CG  1 
ATOM 532  C CD  . GLU A 1 86  ? 11.810  -3.907  -0.515  1.00 52.94  ? 86  GLU A CD  1 
ATOM 533  O OE1 . GLU A 1 86  ? 12.819  -4.200  0.163   1.00 55.00  ? 86  GLU A OE1 1 
ATOM 534  O OE2 . GLU A 1 86  ? 11.826  -3.094  -1.454  1.00 61.55  ? 86  GLU A OE2 1 
ATOM 535  N N   . THR A 1 87  ? 7.869   -5.989  2.780   1.00 30.44  ? 87  THR A N   1 
ATOM 536  C CA  . THR A 1 87  ? 6.451   -6.288  3.111   1.00 30.31  ? 87  THR A CA  1 
ATOM 537  C C   . THR A 1 87  ? 5.964   -5.281  4.162   1.00 30.95  ? 87  THR A C   1 
ATOM 538  O O   . THR A 1 87  ? 4.993   -4.575  3.880   1.00 32.15  ? 87  THR A O   1 
ATOM 539  C CB  . THR A 1 87  ? 6.301   -7.749  3.560   1.00 29.39  ? 87  THR A CB  1 
ATOM 540  O OG1 . THR A 1 87  ? 6.628   -8.622  2.475   1.00 26.07  ? 87  THR A OG1 1 
ATOM 541  C CG2 . THR A 1 87  ? 4.920   -8.057  4.091   1.00 28.14  ? 87  THR A CG2 1 
ATOM 542  N N   . ARG A 1 88  ? 6.641   -5.172  5.305   1.00 33.20  ? 88  ARG A N   1 
ATOM 543  C CA  . ARG A 1 88  ? 6.302   -4.194  6.380   1.00 36.27  ? 88  ARG A CA  1 
ATOM 544  C C   . ARG A 1 88  ? 6.248   -2.751  5.860   1.00 35.43  ? 88  ARG A C   1 
ATOM 545  O O   . ARG A 1 88  ? 5.320   -2.016  6.243   1.00 31.93  ? 88  ARG A O   1 
ATOM 546  C CB  . ARG A 1 88  ? 7.342   -4.224  7.498   1.00 42.19  ? 88  ARG A CB  1 
ATOM 547  C CG  . ARG A 1 88  ? 6.861   -5.021  8.695   1.00 49.03  ? 88  ARG A CG  1 
ATOM 548  C CD  . ARG A 1 88  ? 7.968   -5.682  9.476   1.00 53.07  ? 88  ARG A CD  1 
ATOM 549  N NE  . ARG A 1 88  ? 7.455   -6.879  10.129  1.00 52.99  ? 88  ARG A NE  1 
ATOM 550  C CZ  . ARG A 1 88  ? 8.122   -7.579  11.033  1.00 55.34  ? 88  ARG A CZ  1 
ATOM 551  N NH1 . ARG A 1 88  ? 9.338   -7.196  11.400  1.00 51.85  ? 88  ARG A NH1 1 
ATOM 552  N NH2 . ARG A 1 88  ? 7.567   -8.654  11.571  1.00 57.24  ? 88  ARG A NH2 1 
ATOM 553  N N   . GLU A 1 89  ? 7.225   -2.337  5.055   1.00 33.73  ? 89  GLU A N   1 
ATOM 554  C CA  . GLU A 1 89  ? 7.335   -0.915  4.643   1.00 34.91  ? 89  GLU A CA  1 
ATOM 555  C C   . GLU A 1 89  ? 6.162   -0.580  3.714   1.00 33.43  ? 89  GLU A C   1 
ATOM 556  O O   . GLU A 1 89  ? 5.566   0.492   3.910   1.00 29.90  ? 89  GLU A O   1 
ATOM 557  C CB  . GLU A 1 89  ? 8.734   -0.606  4.096   1.00 37.54  ? 89  GLU A CB  1 
ATOM 558  C CG  . GLU A 1 89  ? 9.725   -0.308  5.228   1.00 42.95  ? 89  GLU A CG  1 
ATOM 559  C CD  . GLU A 1 89  ? 11.217  -0.289  4.907   1.00 44.87  ? 89  GLU A CD  1 
ATOM 560  O OE1 . GLU A 1 89  ? 11.554  -0.487  3.733   1.00 48.45  ? 89  GLU A OE1 1 
ATOM 561  O OE2 . GLU A 1 89  ? 12.045  -0.070  5.844   1.00 43.03  ? 89  GLU A OE2 1 
ATOM 562  N N   . LYS A 1 90  ? 5.823   -1.461  2.771   1.00 32.92  ? 90  LYS A N   1 
ATOM 563  C CA  . LYS A 1 90  ? 4.701   -1.254  1.812   1.00 34.40  ? 90  LYS A CA  1 
ATOM 564  C C   . LYS A 1 90  ? 3.347   -1.264  2.544   1.00 33.68  ? 90  LYS A C   1 
ATOM 565  O O   . LYS A 1 90  ? 2.459   -0.451  2.190   1.00 31.88  ? 90  LYS A O   1 
ATOM 566  C CB  . LYS A 1 90  ? 4.812   -2.287  0.688   1.00 34.59  ? 90  LYS A CB  1 
ATOM 567  C CG  . LYS A 1 90  ? 5.933   -1.947  -0.285  1.00 36.33  ? 90  LYS A CG  1 
ATOM 568  C CD  . LYS A 1 90  ? 6.505   -3.111  -1.043  1.00 39.50  ? 90  LYS A CD  1 
ATOM 569  C CE  . LYS A 1 90  ? 7.781   -2.747  -1.772  1.00 39.82  ? 90  LYS A CE  1 
ATOM 570  N NZ  . LYS A 1 90  ? 7.497   -1.836  -2.899  1.00 45.12  ? 90  LYS A NZ  1 
ATOM 571  N N   . LYS A 1 91  ? 3.191   -2.127  3.538   1.00 32.58  ? 91  LYS A N   1 
ATOM 572  C CA  . LYS A 1 91  ? 1.982   -2.146  4.405   1.00 36.49  ? 91  LYS A CA  1 
ATOM 573  C C   . LYS A 1 91  ? 1.832   -0.788  5.115   1.00 39.29  ? 91  LYS A C   1 
ATOM 574  O O   . LYS A 1 91  ? 0.731   -0.205  5.033   1.00 45.32  ? 91  LYS A O   1 
ATOM 575  C CB  . LYS A 1 91  ? 2.022   -3.337  5.370   1.00 36.96  ? 91  LYS A CB  1 
ATOM 576  C CG  . LYS A 1 91  ? 1.704   -4.684  4.728   1.00 38.77  ? 91  LYS A CG  1 
ATOM 577  C CD  . LYS A 1 91  ? 1.441   -5.816  5.707   1.00 41.10  ? 91  LYS A CD  1 
ATOM 578  C CE  . LYS A 1 91  ? 1.213   -7.146  5.012   1.00 44.59  ? 91  LYS A CE  1 
ATOM 579  N NZ  . LYS A 1 91  ? 1.573   -8.310  5.870   1.00 45.78  ? 91  LYS A NZ  1 
ATOM 580  N N   . GLU A 1 92  ? 2.869   -0.287  5.784   1.00 37.21  ? 92  GLU A N   1 
ATOM 581  C CA  . GLU A 1 92  ? 2.876   1.086   6.356   1.00 39.85  ? 92  GLU A CA  1 
ATOM 582  C C   . GLU A 1 92  ? 2.318   2.093   5.332   1.00 36.27  ? 92  GLU A C   1 
ATOM 583  O O   . GLU A 1 92  ? 1.416   2.874   5.678   1.00 32.92  ? 92  GLU A O   1 
ATOM 584  C CB  . GLU A 1 92  ? 4.301   1.528   6.700   1.00 47.00  ? 92  GLU A CB  1 
ATOM 585  C CG  . GLU A 1 92  ? 4.771   1.210   8.104   1.00 52.97  ? 92  GLU A CG  1 
ATOM 586  C CD  . GLU A 1 92  ? 6.273   1.441   8.264   1.00 58.94  ? 92  GLU A CD  1 
ATOM 587  O OE1 . GLU A 1 92  ? 6.763   2.509   7.808   1.00 57.59  ? 92  GLU A OE1 1 
ATOM 588  O OE2 . GLU A 1 92  ? 6.966   0.548   8.815   1.00 61.92  ? 92  GLU A OE2 1 
ATOM 589  N N   . LYS A 1 93  ? 2.866   2.111   4.114   1.00 32.71  ? 93  LYS A N   1 
ATOM 590  C CA  . LYS A 1 93  ? 2.534   3.130   3.085   1.00 32.24  ? 93  LYS A CA  1 
ATOM 591  C C   . LYS A 1 93  ? 1.065   3.011   2.677   1.00 31.85  ? 93  LYS A C   1 
ATOM 592  O O   . LYS A 1 93  ? 0.396   4.052   2.557   1.00 33.97  ? 93  LYS A O   1 
ATOM 593  C CB  . LYS A 1 93  ? 3.459   3.009   1.881   1.00 33.60  ? 93  LYS A CB  1 
ATOM 594  C CG  . LYS A 1 93  ? 4.866   3.530   2.138   1.00 39.49  ? 93  LYS A CG  1 
ATOM 595  C CD  . LYS A 1 93  ? 5.679   3.670   0.862   1.00 43.16  ? 93  LYS A CD  1 
ATOM 596  C CE  . LYS A 1 93  ? 7.175   3.584   1.089   1.00 47.31  ? 93  LYS A CE  1 
ATOM 597  N NZ  . LYS A 1 93  ? 7.869   3.156   -0.150  1.00 53.24  ? 93  LYS A NZ  1 
ATOM 598  N N   . THR A 1 94  ? 0.592   1.786   2.496   1.00 30.37  ? 94  THR A N   1 
ATOM 599  C CA  . THR A 1 94  ? -0.820  1.432   2.185   1.00 31.78  ? 94  THR A CA  1 
ATOM 600  C C   . THR A 1 94  ? -1.759  1.954   3.286   1.00 30.24  ? 94  THR A C   1 
ATOM 601  O O   . THR A 1 94  ? -2.733  2.627   2.958   1.00 26.63  ? 94  THR A O   1 
ATOM 602  C CB  . THR A 1 94  ? -0.914  -0.086  1.993   1.00 32.41  ? 94  THR A CB  1 
ATOM 603  O OG1 . THR A 1 94  ? -0.341  -0.377  0.717   1.00 33.50  ? 94  THR A OG1 1 
ATOM 604  C CG2 . THR A 1 94  ? -2.329  -0.606  2.102   1.00 34.90  ? 94  THR A CG2 1 
ATOM 605  N N   . ASN A 1 95  ? -1.460  1.660   4.552   1.00 32.71  ? 95  ASN A N   1 
ATOM 606  C CA  . ASN A 1 95  ? -2.167  2.212   5.742   1.00 34.62  ? 95  ASN A CA  1 
ATOM 607  C C   . ASN A 1 95  ? -2.224  3.740   5.662   1.00 30.84  ? 95  ASN A C   1 
ATOM 608  O O   . ASN A 1 95  ? -3.332  4.280   5.816   1.00 31.24  ? 95  ASN A O   1 
ATOM 609  C CB  . ASN A 1 95  ? -1.520  1.768   7.060   1.00 36.93  ? 95  ASN A CB  1 
ATOM 610  C CG  . ASN A 1 95  ? -1.632  0.273   7.301   1.00 41.95  ? 95  ASN A CG  1 
ATOM 611  O OD1 . ASN A 1 95  ? -2.357  -0.424  6.593   1.00 44.64  ? 95  ASN A OD1 1 
ATOM 612  N ND2 . ASN A 1 95  ? -0.926  -0.234  8.301   1.00 41.68  ? 95  ASN A ND2 1 
ATOM 613  N N   . TYR A 1 96  ? -1.090  4.406   5.412   1.00 30.49  ? 96  TYR A N   1 
ATOM 614  C CA  . TYR A 1 96  ? -0.988  5.890   5.361   1.00 28.21  ? 96  TYR A CA  1 
ATOM 615  C C   . TYR A 1 96  ? -1.917  6.392   4.253   1.00 25.61  ? 96  TYR A C   1 
ATOM 616  O O   . TYR A 1 96  ? -2.721  7.310   4.486   1.00 24.73  ? 96  TYR A O   1 
ATOM 617  C CB  . TYR A 1 96  ? 0.449   6.395   5.155   1.00 29.92  ? 96  TYR A CB  1 
ATOM 618  C CG  . TYR A 1 96  ? 0.548   7.901   5.231   1.00 35.02  ? 96  TYR A CG  1 
ATOM 619  C CD1 . TYR A 1 96  ? 0.771   8.568   6.431   1.00 35.33  ? 96  TYR A CD1 1 
ATOM 620  C CD2 . TYR A 1 96  ? 0.320   8.681   4.101   1.00 38.17  ? 96  TYR A CD2 1 
ATOM 621  C CE1 . TYR A 1 96  ? 0.815   9.958   6.489   1.00 35.33  ? 96  TYR A CE1 1 
ATOM 622  C CE2 . TYR A 1 96  ? 0.348   10.069  4.148   1.00 38.58  ? 96  TYR A CE2 1 
ATOM 623  C CZ  . TYR A 1 96  ? 0.600   10.714  5.345   1.00 37.35  ? 96  TYR A CZ  1 
ATOM 624  O OH  . TYR A 1 96  ? 0.599   12.084  5.349   1.00 36.96  ? 96  TYR A OH  1 
ATOM 625  N N   . LEU A 1 97  ? -1.824  5.803   3.064   1.00 25.85  ? 97  LEU A N   1 
ATOM 626  C CA  . LEU A 1 97  ? -2.634  6.249   1.900   1.00 25.80  ? 97  LEU A CA  1 
ATOM 627  C C   . LEU A 1 97  ? -4.135  6.054   2.167   1.00 25.57  ? 97  LEU A C   1 
ATOM 628  O O   . LEU A 1 97  ? -4.917  6.966   1.817   1.00 28.98  ? 97  LEU A O   1 
ATOM 629  C CB  . LEU A 1 97  ? -2.192  5.492   0.649   1.00 26.80  ? 97  LEU A CB  1 
ATOM 630  C CG  . LEU A 1 97  ? -0.823  5.879   0.101   1.00 26.79  ? 97  LEU A CG  1 
ATOM 631  C CD1 . LEU A 1 97  ? -0.365  4.886   -0.967  1.00 26.87  ? 97  LEU A CD1 1 
ATOM 632  C CD2 . LEU A 1 97  ? -0.828  7.290   -0.461  1.00 26.55  ? 97  LEU A CD2 1 
ATOM 633  N N   . LYS A 1 98  ? -4.532  4.962   2.815   1.00 24.32  ? 98  LYS A N   1 
ATOM 634  C CA  . LYS A 1 98  ? -5.961  4.626   3.016   1.00 26.22  ? 98  LYS A CA  1 
ATOM 635  C C   . LYS A 1 98  ? -6.556  5.575   4.062   1.00 27.49  ? 98  LYS A C   1 
ATOM 636  O O   . LYS A 1 98  ? -7.685  6.057   3.836   1.00 26.51  ? 98  LYS A O   1 
ATOM 637  C CB  . LYS A 1 98  ? -6.108  3.140   3.374   1.00 27.56  ? 98  LYS A CB  1 
ATOM 638  C CG  . LYS A 1 98  ? -5.903  2.207   2.180   1.00 28.81  ? 98  LYS A CG  1 
ATOM 639  C CD  . LYS A 1 98  ? -5.737  0.741   2.537   1.00 29.55  ? 98  LYS A CD  1 
ATOM 640  C CE  . LYS A 1 98  ? -6.972  0.111   3.147   1.00 31.17  ? 98  LYS A CE  1 
ATOM 641  N NZ  . LYS A 1 98  ? -6.629  -1.149  3.855   1.00 31.47  ? 98  LYS A NZ  1 
ATOM 642  N N   . GLU A 1 99  ? -5.831  5.832   5.152   1.00 28.81  ? 99  GLU A N   1 
ATOM 643  C CA  . GLU A 1 99  ? -6.288  6.717   6.255   1.00 31.35  ? 99  GLU A CA  1 
ATOM 644  C C   . GLU A 1 99  ? -6.401  8.152   5.719   1.00 29.78  ? 99  GLU A C   1 
ATOM 645  O O   . GLU A 1 99  ? -7.321  8.873   6.135   1.00 31.34  ? 99  GLU A O   1 
ATOM 646  C CB  . GLU A 1 99  ? -5.356  6.565   7.460   1.00 36.07  ? 99  GLU A CB  1 
ATOM 647  C CG  . GLU A 1 99  ? -5.481  7.688   8.482   1.00 44.42  ? 99  GLU A CG  1 
ATOM 648  C CD  . GLU A 1 99  ? -4.802  7.424   9.826   1.00 52.78  ? 99  GLU A CD  1 
ATOM 649  O OE1 . GLU A 1 99  ? -4.482  6.241   10.112  1.00 57.21  ? 99  GLU A OE1 1 
ATOM 650  O OE2 . GLU A 1 99  ? -4.594  8.402   10.593  1.00 56.46  ? 99  GLU A OE2 1 
ATOM 651  N N   . ASN A 1 100 ? -5.530  8.563   4.801   1.00 28.02  ? 100 ASN A N   1 
ATOM 652  C CA  . ASN A 1 100 ? -5.470  9.978   4.354   1.00 27.68  ? 100 ASN A CA  1 
ATOM 653  C C   . ASN A 1 100 ? -6.423  10.195  3.158   1.00 27.18  ? 100 ASN A C   1 
ATOM 654  O O   . ASN A 1 100 ? -6.994  11.290  3.068   1.00 22.97  ? 100 ASN A O   1 
ATOM 655  C CB  . ASN A 1 100 ? -4.005  10.406  4.194   1.00 30.55  ? 100 ASN A CB  1 
ATOM 656  C CG  . ASN A 1 100 ? -3.375  10.639  5.558   1.00 34.07  ? 100 ASN A CG  1 
ATOM 657  O OD1 . ASN A 1 100 ? -3.605  11.671  6.182   1.00 37.35  ? 100 ASN A OD1 1 
ATOM 658  N ND2 . ASN A 1 100 ? -2.677  9.645   6.090   1.00 33.95  ? 100 ASN A ND2 1 
ATOM 659  N N   . ILE A 1 101 ? -6.658  9.192   2.300   1.00 26.85  ? 101 ILE A N   1 
ATOM 660  C CA  . ILE A 1 101 ? -7.798  9.220   1.332   1.00 25.34  ? 101 ILE A CA  1 
ATOM 661  C C   . ILE A 1 101 ? -9.072  9.568   2.115   1.00 26.94  ? 101 ILE A C   1 
ATOM 662  O O   . ILE A 1 101 ? -9.709  10.598  1.798   1.00 24.27  ? 101 ILE A O   1 
ATOM 663  C CB  . ILE A 1 101 ? -7.900  7.880   0.573   1.00 25.79  ? 101 ILE A CB  1 
ATOM 664  C CG1 . ILE A 1 101 ? -6.796  7.796   -0.495  1.00 26.43  ? 101 ILE A CG1 1 
ATOM 665  C CG2 . ILE A 1 101 ? -9.291  7.663   -0.021  1.00 23.88  ? 101 ILE A CG2 1 
ATOM 666  C CD1 . ILE A 1 101 ? -6.522  6.407   -0.999  1.00 28.15  ? 101 ILE A CD1 1 
ATOM 667  N N   . GLU A 1 102 ? -9.370  8.776   3.144   1.00 28.93  ? 102 GLU A N   1 
ATOM 668  C CA  . GLU A 1 102 ? -10.537 8.956   4.043   1.00 32.19  ? 102 GLU A CA  1 
ATOM 669  C C   . GLU A 1 102 ? -10.579 10.400  4.559   1.00 31.97  ? 102 GLU A C   1 
ATOM 670  O O   . GLU A 1 102 ? -11.665 11.023  4.504   1.00 33.88  ? 102 GLU A O   1 
ATOM 671  C CB  . GLU A 1 102 ? -10.499 7.959   5.207   1.00 35.26  ? 102 GLU A CB  1 
ATOM 672  C CG  . GLU A 1 102 ? -11.817 7.892   5.958   1.00 41.83  ? 102 GLU A CG  1 
ATOM 673  C CD  . GLU A 1 102 ? -11.790 7.214   7.314   1.00 48.06  ? 102 GLU A CD  1 
ATOM 674  O OE1 . GLU A 1 102 ? -10.714 7.189   7.949   1.00 54.11  ? 102 GLU A OE1 1 
ATOM 675  O OE2 . GLU A 1 102 ? -12.859 6.726   7.737   1.00 54.20  ? 102 GLU A OE2 1 
ATOM 676  N N   . LYS A 1 103 ? -9.465  10.931  5.053   1.00 34.12  ? 103 LYS A N   1 
ATOM 677  C CA  . LYS A 1 103 ? -9.459  12.270  5.699   1.00 36.97  ? 103 LYS A CA  1 
ATOM 678  C C   . LYS A 1 103 ? -9.882  13.324  4.655   1.00 35.26  ? 103 LYS A C   1 
ATOM 679  O O   . LYS A 1 103 ? -10.701 14.192  4.980   1.00 29.27  ? 103 LYS A O   1 
ATOM 680  C CB  . LYS A 1 103 ? -8.088  12.557  6.314   1.00 41.96  ? 103 LYS A CB  1 
ATOM 681  C CG  . LYS A 1 103 ? -7.925  13.982  6.838   1.00 53.07  ? 103 LYS A CG  1 
ATOM 682  C CD  . LYS A 1 103 ? -6.512  14.567  6.738   1.00 56.90  ? 103 LYS A CD  1 
ATOM 683  C CE  . LYS A 1 103 ? -6.523  16.085  6.726   1.00 62.33  ? 103 LYS A CE  1 
ATOM 684  N NZ  . LYS A 1 103 ? -5.159  16.666  6.787   1.00 62.31  ? 103 LYS A NZ  1 
ATOM 685  N N   . TYR A 1 104 ? -9.373  13.229  3.424   1.00 33.45  ? 104 TYR A N   1 
ATOM 686  C CA  . TYR A 1 104 ? -9.601  14.237  2.356   1.00 33.96  ? 104 TYR A CA  1 
ATOM 687  C C   . TYR A 1 104 ? -11.002 14.075  1.748   1.00 30.74  ? 104 TYR A C   1 
ATOM 688  O O   . TYR A 1 104 ? -11.585 15.099  1.394   1.00 29.73  ? 104 TYR A O   1 
ATOM 689  C CB  . TYR A 1 104 ? -8.499  14.176  1.290   1.00 35.76  ? 104 TYR A CB  1 
ATOM 690  C CG  . TYR A 1 104 ? -7.208  14.846  1.688   1.00 37.44  ? 104 TYR A CG  1 
ATOM 691  C CD1 . TYR A 1 104 ? -6.248  14.168  2.415   1.00 37.95  ? 104 TYR A CD1 1 
ATOM 692  C CD2 . TYR A 1 104 ? -6.943  16.159  1.346   1.00 38.55  ? 104 TYR A CD2 1 
ATOM 693  C CE1 . TYR A 1 104 ? -5.057  14.768  2.781   1.00 38.28  ? 104 TYR A CE1 1 
ATOM 694  C CE2 . TYR A 1 104 ? -5.762  16.785  1.717   1.00 38.12  ? 104 TYR A CE2 1 
ATOM 695  C CZ  . TYR A 1 104 ? -4.809  16.079  2.426   1.00 37.44  ? 104 TYR A CZ  1 
ATOM 696  O OH  . TYR A 1 104 ? -3.634  16.659  2.790   1.00 34.68  ? 104 TYR A OH  1 
ATOM 697  N N   . LEU A 1 105 ? -11.523 12.856  1.595   1.00 30.48  ? 105 LEU A N   1 
ATOM 698  C CA  . LEU A 1 105 ? -12.948 12.655  1.200   1.00 29.35  ? 105 LEU A CA  1 
ATOM 699  C C   . LEU A 1 105 ? -13.859 13.332  2.235   1.00 28.91  ? 105 LEU A C   1 
ATOM 700  O O   . LEU A 1 105 ? -14.726 14.092  1.819   1.00 31.17  ? 105 LEU A O   1 
ATOM 701  C CB  . LEU A 1 105 ? -13.260 11.163  1.084   1.00 28.15  ? 105 LEU A CB  1 
ATOM 702  C CG  . LEU A 1 105 ? -12.690 10.453  -0.145  1.00 29.27  ? 105 LEU A CG  1 
ATOM 703  C CD1 . LEU A 1 105 ? -13.058 8.983   -0.111  1.00 30.50  ? 105 LEU A CD1 1 
ATOM 704  C CD2 . LEU A 1 105 ? -13.177 11.084  -1.433  1.00 30.36  ? 105 LEU A CD2 1 
ATOM 705  N N   . ASN A 1 106 ? -13.645 13.087  3.530   1.00 29.83  ? 106 ASN A N   1 
ATOM 706  C CA  . ASN A 1 106 ? -14.341 13.783  4.644   1.00 32.17  ? 106 ASN A CA  1 
ATOM 707  C C   . ASN A 1 106 ? -14.344 15.308  4.377   1.00 31.16  ? 106 ASN A C   1 
ATOM 708  O O   . ASN A 1 106 ? -15.445 15.910  4.314   1.00 31.14  ? 106 ASN A O   1 
ATOM 709  C CB  . ASN A 1 106 ? -13.732 13.405  6.006   1.00 34.27  ? 106 ASN A CB  1 
ATOM 710  C CG  . ASN A 1 106 ? -14.185 12.068  6.572   1.00 33.66  ? 106 ASN A CG  1 
ATOM 711  O OD1 . ASN A 1 106 ? -14.997 11.364  5.983   1.00 35.66  ? 106 ASN A OD1 1 
ATOM 712  N ND2 . ASN A 1 106 ? -13.634 11.680  7.709   1.00 30.14  ? 106 ASN A ND2 1 
ATOM 713  N N   . ASP A 1 107 ? -13.177 15.923  4.189   1.00 30.15  ? 107 ASP A N   1 
ATOM 714  C CA  . ASP A 1 107 ? -13.028 17.392  3.968   1.00 30.23  ? 107 ASP A CA  1 
ATOM 715  C C   . ASP A 1 107 ? -13.732 17.854  2.695   1.00 27.16  ? 107 ASP A C   1 
ATOM 716  O O   . ASP A 1 107 ? -14.372 18.922  2.737   1.00 26.79  ? 107 ASP A O   1 
ATOM 717  C CB  . ASP A 1 107 ? -11.565 17.783  3.860   1.00 35.99  ? 107 ASP A CB  1 
ATOM 718  C CG  . ASP A 1 107 ? -10.893 17.666  5.208   1.00 44.12  ? 107 ASP A CG  1 
ATOM 719  O OD1 . ASP A 1 107 ? -11.636 17.451  6.201   1.00 49.51  ? 107 ASP A OD1 1 
ATOM 720  O OD2 . ASP A 1 107 ? -9.643  17.747  5.254   1.00 53.59  ? 107 ASP A OD2 1 
ATOM 721  N N   . ALA A 1 108 ? -13.595 17.095  1.608   1.00 24.30  ? 108 ALA A N   1 
ATOM 722  C CA  . ALA A 1 108 ? -14.329 17.305  0.348   1.00 24.54  ? 108 ALA A CA  1 
ATOM 723  C C   . ALA A 1 108 ? -15.840 17.341  0.621   1.00 25.99  ? 108 ALA A C   1 
ATOM 724  O O   . ALA A 1 108 ? -16.512 18.270  0.098   1.00 23.97  ? 108 ALA A O   1 
ATOM 725  C CB  . ALA A 1 108 ? -13.948 16.229  -0.623  1.00 25.47  ? 108 ALA A CB  1 
ATOM 726  N N   . GLU A 1 109 ? -16.353 16.400  1.428   1.00 30.40  ? 109 GLU A N   1 
ATOM 727  C CA  . GLU A 1 109 ? -17.818 16.222  1.706   1.00 33.76  ? 109 GLU A CA  1 
ATOM 728  C C   . GLU A 1 109 ? -18.337 17.376  2.576   1.00 32.39  ? 109 GLU A C   1 
ATOM 729  O O   . GLU A 1 109 ? -19.449 17.840  2.301   1.00 33.29  ? 109 GLU A O   1 
ATOM 730  C CB  . GLU A 1 109 ? -18.106 14.837  2.300   1.00 36.37  ? 109 GLU A CB  1 
ATOM 731  C CG  . GLU A 1 109 ? -18.053 13.737  1.236   1.00 44.72  ? 109 GLU A CG  1 
ATOM 732  C CD  . GLU A 1 109 ? -17.909 12.286  1.689   1.00 50.50  ? 109 GLU A CD  1 
ATOM 733  O OE1 . GLU A 1 109 ? -18.223 11.990  2.873   1.00 46.09  ? 109 GLU A OE1 1 
ATOM 734  O OE2 . GLU A 1 109 ? -17.501 11.436  0.840   1.00 54.69  ? 109 GLU A OE2 1 
ATOM 735  N N   . ALA A 1 110 ? -17.557 17.851  3.557   1.00 32.29  ? 110 ALA A N   1 
ATOM 736  C CA  . ALA A 1 110 ? -17.851 19.068  4.357   1.00 32.02  ? 110 ALA A CA  1 
ATOM 737  C C   . ALA A 1 110 ? -17.929 20.293  3.440   1.00 32.23  ? 110 ALA A C   1 
ATOM 738  O O   . ALA A 1 110 ? -18.488 21.288  3.866   1.00 34.81  ? 110 ALA A O   1 
ATOM 739  C CB  . ALA A 1 110 ? -16.814 19.261  5.430   1.00 31.09  ? 110 ALA A CB  1 
ATOM 740  N N   . ASN A 1 111 ? -17.406 20.216  2.213   1.00 35.67  ? 111 ASN A N   1 
ATOM 741  C CA  . ASN A 1 111 ? -17.435 21.328  1.216   1.00 34.18  ? 111 ASN A CA  1 
ATOM 742  C C   . ASN A 1 111 ? -18.358 20.954  0.036   1.00 35.47  ? 111 ASN A C   1 
ATOM 743  O O   . ASN A 1 111 ? -18.092 21.402  -1.097  1.00 37.38  ? 111 ASN A O   1 
ATOM 744  C CB  . ASN A 1 111 ? -16.016 21.726  0.787   1.00 32.34  ? 111 ASN A CB  1 
ATOM 745  C CG  . ASN A 1 111 ? -15.289 22.570  1.821   1.00 32.16  ? 111 ASN A CG  1 
ATOM 746  O OD1 . ASN A 1 111 ? -15.604 23.730  2.020   1.00 30.88  ? 111 ASN A OD1 1 
ATOM 747  N ND2 . ASN A 1 111 ? -14.292 22.014  2.478   1.00 30.62  ? 111 ASN A ND2 1 
ATOM 748  N N   . GLU A 1 112 ? -19.423 20.186  0.290   1.00 35.26  ? 112 GLU A N   1 
ATOM 749  C CA  . GLU A 1 112 ? -20.579 20.006  -0.634  1.00 34.87  ? 112 GLU A CA  1 
ATOM 750  C C   . GLU A 1 112 ? -20.167 19.199  -1.872  1.00 31.73  ? 112 GLU A C   1 
ATOM 751  O O   . GLU A 1 112 ? -20.820 19.338  -2.936  1.00 32.57  ? 112 GLU A O   1 
ATOM 752  C CB  . GLU A 1 112 ? -21.162 21.371  -1.013  1.00 38.36  ? 112 GLU A CB  1 
ATOM 753  C CG  . GLU A 1 112 ? -21.683 22.171  0.178   1.00 41.44  ? 112 GLU A CG  1 
ATOM 754  C CD  . GLU A 1 112 ? -22.266 23.540  -0.159  1.00 43.05  ? 112 GLU A CD  1 
ATOM 755  O OE1 . GLU A 1 112 ? -22.682 23.743  -1.313  1.00 43.97  ? 112 GLU A OE1 1 
ATOM 756  O OE2 . GLU A 1 112 ? -22.306 24.409  0.740   1.00 47.05  ? 112 GLU A OE2 1 
ATOM 757  N N   . ALA A 1 113 ? -19.160 18.337  -1.730  1.00 29.57  ? 113 ALA A N   1 
ATOM 758  C CA  . ALA A 1 113 ? -18.593 17.522  -2.829  1.00 28.66  ? 113 ALA A CA  1 
ATOM 759  C C   . ALA A 1 113 ? -19.709 16.735  -3.533  1.00 26.98  ? 113 ALA A C   1 
ATOM 760  O O   . ALA A 1 113 ? -19.610 16.533  -4.775  1.00 26.90  ? 113 ALA A O   1 
ATOM 761  C CB  . ALA A 1 113 ? -17.513 16.609  -2.287  1.00 27.55  ? 113 ALA A CB  1 
ATOM 762  N N   . TYR A 1 114 ? -20.710 16.271  -2.784  1.00 25.57  ? 114 TYR A N   1 
ATOM 763  C CA  . TYR A 1 114 ? -21.823 15.462  -3.339  1.00 28.06  ? 114 TYR A CA  1 
ATOM 764  C C   . TYR A 1 114 ? -22.795 16.371  -4.106  1.00 31.04  ? 114 TYR A C   1 
ATOM 765  O O   . TYR A 1 114 ? -23.477 15.830  -5.013  1.00 34.64  ? 114 TYR A O   1 
ATOM 766  C CB  . TYR A 1 114 ? -22.443 14.575  -2.255  1.00 29.44  ? 114 TYR A CB  1 
ATOM 767  C CG  . TYR A 1 114 ? -21.774 13.222  -2.185  1.00 29.01  ? 114 TYR A CG  1 
ATOM 768  C CD1 . TYR A 1 114 ? -21.861 12.329  -3.251  1.00 27.76  ? 114 TYR A CD1 1 
ATOM 769  C CD2 . TYR A 1 114 ? -20.975 12.872  -1.109  1.00 26.29  ? 114 TYR A CD2 1 
ATOM 770  C CE1 . TYR A 1 114 ? -21.210 11.104  -3.223  1.00 26.91  ? 114 TYR A CE1 1 
ATOM 771  C CE2 . TYR A 1 114 ? -20.324 11.650  -1.067  1.00 26.82  ? 114 TYR A CE2 1 
ATOM 772  C CZ  . TYR A 1 114 ? -20.448 10.761  -2.121  1.00 26.40  ? 114 TYR A CZ  1 
ATOM 773  O OH  . TYR A 1 114 ? -19.817 9.557   -2.051  1.00 29.20  ? 114 TYR A OH  1 
ATOM 774  N N   . ILE A 1 115 ? -22.773 17.694  -3.856  1.00 32.12  ? 115 ILE A N   1 
ATOM 775  C CA  . ILE A 1 115 ? -23.523 18.712  -4.659  1.00 29.91  ? 115 ILE A CA  1 
ATOM 776  C C   . ILE A 1 115 ? -22.756 18.993  -5.951  1.00 29.35  ? 115 ILE A C   1 
ATOM 777  O O   . ILE A 1 115 ? -23.397 18.970  -6.999  1.00 28.35  ? 115 ILE A O   1 
ATOM 778  C CB  . ILE A 1 115 ? -23.785 20.043  -3.924  1.00 32.06  ? 115 ILE A CB  1 
ATOM 779  C CG1 . ILE A 1 115 ? -24.234 19.885  -2.468  1.00 35.02  ? 115 ILE A CG1 1 
ATOM 780  C CG2 . ILE A 1 115 ? -24.792 20.877  -4.719  1.00 32.66  ? 115 ILE A CG2 1 
ATOM 781  C CD1 . ILE A 1 115 ? -25.599 19.276  -2.310  1.00 35.48  ? 115 ILE A CD1 1 
ATOM 782  N N   . TRP A 1 116 ? -21.457 19.318  -5.871  1.00 30.19  ? 116 TRP A N   1 
ATOM 783  C CA  . TRP A 1 116 ? -20.701 19.943  -6.995  1.00 30.43  ? 116 TRP A CA  1 
ATOM 784  C C   . TRP A 1 116 ? -19.969 18.902  -7.846  1.00 30.49  ? 116 TRP A C   1 
ATOM 785  O O   . TRP A 1 116 ? -19.969 19.077  -9.067  1.00 32.39  ? 116 TRP A O   1 
ATOM 786  C CB  . TRP A 1 116 ? -19.749 21.030  -6.482  1.00 32.79  ? 116 TRP A CB  1 
ATOM 787  C CG  . TRP A 1 116 ? -20.435 22.042  -5.615  1.00 37.07  ? 116 TRP A CG  1 
ATOM 788  C CD1 . TRP A 1 116 ? -20.143 22.311  -4.310  1.00 39.88  ? 116 TRP A CD1 1 
ATOM 789  C CD2 . TRP A 1 116 ? -21.575 22.860  -5.942  1.00 40.41  ? 116 TRP A CD2 1 
ATOM 790  N NE1 . TRP A 1 116 ? -21.002 23.248  -3.808  1.00 39.44  ? 116 TRP A NE1 1 
ATOM 791  C CE2 . TRP A 1 116 ? -21.894 23.605  -4.782  1.00 41.17  ? 116 TRP A CE2 1 
ATOM 792  C CE3 . TRP A 1 116 ? -22.355 23.054  -7.095  1.00 42.94  ? 116 TRP A CE3 1 
ATOM 793  C CZ2 . TRP A 1 116 ? -22.948 24.523  -4.742  1.00 42.41  ? 116 TRP A CZ2 1 
ATOM 794  C CZ3 . TRP A 1 116 ? -23.390 23.972  -7.059  1.00 42.99  ? 116 TRP A CZ3 1 
ATOM 795  C CH2 . TRP A 1 116 ? -23.681 24.694  -5.897  1.00 43.48  ? 116 TRP A CH2 1 
ATOM 796  N N   . ILE A 1 117 ? -19.375 17.864  -7.240  1.00 29.29  ? 117 ILE A N   1 
ATOM 797  C CA  . ILE A 1 117 ? -18.418 16.932  -7.915  1.00 25.76  ? 117 ILE A CA  1 
ATOM 798  C C   . ILE A 1 117 ? -18.667 15.488  -7.482  1.00 24.09  ? 117 ILE A C   1 
ATOM 799  O O   . ILE A 1 117 ? -17.720 14.757  -7.218  1.00 23.58  ? 117 ILE A O   1 
ATOM 800  C CB  . ILE A 1 117 ? -16.960 17.358  -7.628  1.00 28.68  ? 117 ILE A CB  1 
ATOM 801  C CG1 . ILE A 1 117 ? -16.711 17.637  -6.140  1.00 28.59  ? 117 ILE A CG1 1 
ATOM 802  C CG2 . ILE A 1 117 ? -16.563 18.558  -8.485  1.00 28.14  ? 117 ILE A CG2 1 
ATOM 803  C CD1 . ILE A 1 117 ? -15.243 17.643  -5.761  1.00 28.79  ? 117 ILE A CD1 1 
ATOM 804  N N   . PRO A 1 118 ? -19.925 14.996  -7.476  1.00 23.64  ? 118 PRO A N   1 
ATOM 805  C CA  . PRO A 1 118 ? -20.203 13.632  -7.028  1.00 24.66  ? 118 PRO A CA  1 
ATOM 806  C C   . PRO A 1 118 ? -19.422 12.549  -7.804  1.00 24.81  ? 118 PRO A C   1 
ATOM 807  O O   . PRO A 1 118 ? -18.977 11.587  -7.179  1.00 22.13  ? 118 PRO A O   1 
ATOM 808  C CB  . PRO A 1 118 ? -21.734 13.504  -7.192  1.00 25.05  ? 118 PRO A CB  1 
ATOM 809  C CG  . PRO A 1 118 ? -22.091 14.549  -8.235  1.00 24.96  ? 118 PRO A CG  1 
ATOM 810  C CD  . PRO A 1 118 ? -21.132 15.693  -7.949  1.00 23.90  ? 118 PRO A CD  1 
ATOM 811  N N   . LEU A 1 119 ? -19.191 12.738  -9.108  1.00 26.29  ? 119 LEU A N   1 
ATOM 812  C CA  . LEU A 1 119 ? -18.457 11.747  -9.946  1.00 28.15  ? 119 LEU A CA  1 
ATOM 813  C C   . LEU A 1 119 ? -16.946 11.786  -9.647  1.00 27.32  ? 119 LEU A C   1 
ATOM 814  O O   . LEU A 1 119 ? -16.283 10.747  -9.807  1.00 24.35  ? 119 LEU A O   1 
ATOM 815  C CB  . LEU A 1 119 ? -18.777 12.011  -11.423 1.00 31.09  ? 119 LEU A CB  1 
ATOM 816  C CG  . LEU A 1 119 ? -20.241 11.750  -11.777 1.00 33.98  ? 119 LEU A CG  1 
ATOM 817  C CD1 . LEU A 1 119 ? -20.599 12.261  -13.167 1.00 38.35  ? 119 LEU A CD1 1 
ATOM 818  C CD2 . LEU A 1 119 ? -20.526 10.278  -11.687 1.00 34.95  ? 119 LEU A CD2 1 
ATOM 819  N N   . GLU A 1 120 ? -16.397 12.904  -9.176  1.00 27.14  ? 120 GLU A N   1 
ATOM 820  C CA  . GLU A 1 120 ? -14.995 12.899  -8.664  1.00 27.76  ? 120 GLU A CA  1 
ATOM 821  C C   . GLU A 1 120 ? -14.925 12.029  -7.401  1.00 25.11  ? 120 GLU A C   1 
ATOM 822  O O   . GLU A 1 120 ? -14.005 11.211  -7.321  1.00 22.41  ? 120 GLU A O   1 
ATOM 823  C CB  . GLU A 1 120 ? -14.457 14.317  -8.460  1.00 29.57  ? 120 GLU A CB  1 
ATOM 824  C CG  . GLU A 1 120 ? -14.446 15.132  -9.756  1.00 31.90  ? 120 GLU A CG  1 
ATOM 825  C CD  . GLU A 1 120 ? -13.636 16.416  -9.669  1.00 34.88  ? 120 GLU A CD  1 
ATOM 826  O OE1 . GLU A 1 120 ? -12.576 16.399  -9.000  1.00 40.00  ? 120 GLU A OE1 1 
ATOM 827  O OE2 . GLU A 1 120 ? -14.072 17.429  -10.245 1.00 35.53  ? 120 GLU A OE2 1 
ATOM 828  N N   . ILE A 1 121 ? -15.910 12.106  -6.502  1.00 26.98  ? 121 ILE A N   1 
ATOM 829  C CA  . ILE A 1 121 ? -15.887 11.301  -5.235  1.00 27.04  ? 121 ILE A CA  1 
ATOM 830  C C   . ILE A 1 121 ? -16.004 9.808   -5.591  1.00 25.81  ? 121 ILE A C   1 
ATOM 831  O O   . ILE A 1 121 ? -15.214 9.025   -5.076  1.00 23.63  ? 121 ILE A O   1 
ATOM 832  C CB  . ILE A 1 121 ? -16.965 11.764  -4.234  1.00 27.33  ? 121 ILE A CB  1 
ATOM 833  C CG1 . ILE A 1 121 ? -16.810 13.233  -3.818  1.00 28.83  ? 121 ILE A CG1 1 
ATOM 834  C CG2 . ILE A 1 121 ? -16.971 10.855  -3.021  1.00 26.89  ? 121 ILE A CG2 1 
ATOM 835  C CD1 . ILE A 1 121 ? -15.543 13.545  -3.012  1.00 28.51  ? 121 ILE A CD1 1 
ATOM 836  N N   . ASP A 1 122 ? -16.923 9.432   -6.481  1.00 26.82  ? 122 ASP A N   1 
ATOM 837  C CA  . ASP A 1 122 ? -17.066 8.040   -7.003  1.00 25.25  ? 122 ASP A CA  1 
ATOM 838  C C   . ASP A 1 122 ? -15.716 7.531   -7.522  1.00 25.47  ? 122 ASP A C   1 
ATOM 839  O O   . ASP A 1 122 ? -15.313 6.422   -7.148  1.00 23.61  ? 122 ASP A O   1 
ATOM 840  C CB  . ASP A 1 122 ? -18.104 7.977   -8.122  1.00 26.60  ? 122 ASP A CB  1 
ATOM 841  C CG  . ASP A 1 122 ? -18.300 6.604   -8.754  1.00 26.54  ? 122 ASP A CG  1 
ATOM 842  O OD1 . ASP A 1 122 ? -18.611 5.650   -8.021  1.00 26.65  ? 122 ASP A OD1 1 
ATOM 843  O OD2 . ASP A 1 122 ? -18.168 6.511   -9.981  1.00 26.79  ? 122 ASP A OD2 1 
ATOM 844  N N   . GLU A 1 123 ? -15.020 8.315   -8.346  1.00 27.73  ? 123 GLU A N   1 
ATOM 845  C CA  . GLU A 1 123 ? -13.749 7.875   -8.978  1.00 28.41  ? 123 GLU A CA  1 
ATOM 846  C C   . GLU A 1 123 ? -12.690 7.574   -7.912  1.00 27.68  ? 123 GLU A C   1 
ATOM 847  O O   . GLU A 1 123 ? -12.000 6.549   -8.062  1.00 27.47  ? 123 GLU A O   1 
ATOM 848  C CB  . GLU A 1 123 ? -13.235 8.914   -9.967  1.00 33.38  ? 123 GLU A CB  1 
ATOM 849  C CG  . GLU A 1 123 ? -12.099 8.389   -10.831 1.00 42.45  ? 123 GLU A CG  1 
ATOM 850  C CD  . GLU A 1 123 ? -12.283 7.068   -11.585 1.00 52.96  ? 123 GLU A CD  1 
ATOM 851  O OE1 . GLU A 1 123 ? -13.450 6.671   -11.898 1.00 53.96  ? 123 GLU A OE1 1 
ATOM 852  O OE2 . GLU A 1 123 ? -11.235 6.438   -11.890 1.00 55.36  ? 123 GLU A OE2 1 
ATOM 853  N N   . VAL A 1 124 ? -12.541 8.437   -6.896  1.00 23.78  ? 124 VAL A N   1 
ATOM 854  C CA  . VAL A 1 124 ? -11.715 8.130   -5.701  1.00 22.85  ? 124 VAL A CA  1 
ATOM 855  C C   . VAL A 1 124 ? -12.142 6.781   -5.107  1.00 24.45  ? 124 VAL A C   1 
ATOM 856  O O   . VAL A 1 124 ? -11.265 5.900   -4.922  1.00 27.74  ? 124 VAL A O   1 
ATOM 857  C CB  . VAL A 1 124 ? -11.815 9.237   -4.639  1.00 23.96  ? 124 VAL A CB  1 
ATOM 858  C CG1 . VAL A 1 124 ? -10.979 8.880   -3.417  1.00 23.43  ? 124 VAL A CG1 1 
ATOM 859  C CG2 . VAL A 1 124 ? -11.392 10.592  -5.195  1.00 24.16  ? 124 VAL A CG2 1 
ATOM 860  N N   . ASN A 1 125 ? -13.415 6.622   -4.754  1.00 23.08  ? 125 ASN A N   1 
ATOM 861  C CA  . ASN A 1 125 ? -13.904 5.367   -4.119  1.00 24.69  ? 125 ASN A CA  1 
ATOM 862  C C   . ASN A 1 125 ? -13.615 4.158   -5.022  1.00 23.71  ? 125 ASN A C   1 
ATOM 863  O O   . ASN A 1 125 ? -13.274 3.084   -4.480  1.00 22.26  ? 125 ASN A O   1 
ATOM 864  C CB  . ASN A 1 125 ? -15.393 5.443   -3.780  1.00 24.57  ? 125 ASN A CB  1 
ATOM 865  C CG  . ASN A 1 125 ? -15.695 6.500   -2.727  1.00 27.35  ? 125 ASN A CG  1 
ATOM 866  O OD1 . ASN A 1 125 ? -14.854 6.804   -1.870  1.00 25.31  ? 125 ASN A OD1 1 
ATOM 867  N ND2 . ASN A 1 125 ? -16.896 7.059   -2.786  1.00 24.11  ? 125 ASN A ND2 1 
ATOM 868  N N   . ASN A 1 126 ? -13.750 4.301   -6.345  1.00 22.80  ? 126 ASN A N   1 
ATOM 869  C CA  . ASN A 1 126 ? -13.575 3.152   -7.260  1.00 23.15  ? 126 ASN A CA  1 
ATOM 870  C C   . ASN A 1 126 ? -12.099 2.784   -7.388  1.00 25.06  ? 126 ASN A C   1 
ATOM 871  O O   . ASN A 1 126 ? -11.785 1.582   -7.387  1.00 25.80  ? 126 ASN A O   1 
ATOM 872  C CB  . ASN A 1 126 ? -14.128 3.402   -8.652  1.00 24.96  ? 126 ASN A CB  1 
ATOM 873  C CG  . ASN A 1 126 ? -14.126 2.109   -9.431  1.00 25.01  ? 126 ASN A CG  1 
ATOM 874  O OD1 . ASN A 1 126 ? -14.906 1.202   -9.139  1.00 30.85  ? 126 ASN A OD1 1 
ATOM 875  N ND2 . ASN A 1 126 ? -13.212 1.989   -10.364 1.00 22.42  ? 126 ASN A ND2 1 
ATOM 876  N N   . LEU A 1 127 ? -11.215 3.774   -7.471  1.00 25.35  ? 127 LEU A N   1 
ATOM 877  C CA  . LEU A 1 127 ? -9.746  3.547   -7.421  1.00 28.53  ? 127 LEU A CA  1 
ATOM 878  C C   . LEU A 1 127 ? -9.345  2.867   -6.098  1.00 28.82  ? 127 LEU A C   1 
ATOM 879  O O   . LEU A 1 127 ? -8.391  2.081   -6.129  1.00 29.67  ? 127 LEU A O   1 
ATOM 880  C CB  . LEU A 1 127 ? -9.019  4.886   -7.569  1.00 28.90  ? 127 LEU A CB  1 
ATOM 881  C CG  . LEU A 1 127 ? -9.052  5.484   -8.965  1.00 29.57  ? 127 LEU A CG  1 
ATOM 882  C CD1 . LEU A 1 127 ? -8.648  6.963   -8.927  1.00 30.04  ? 127 LEU A CD1 1 
ATOM 883  C CD2 . LEU A 1 127 ? -8.175  4.672   -9.916  1.00 29.25  ? 127 LEU A CD2 1 
ATOM 884  N N   . TYR A 1 128 ? -10.006 3.176   -4.975  1.00 27.22  ? 128 TYR A N   1 
ATOM 885  C CA  . TYR A 1 128 ? -9.674  2.594   -3.639  1.00 27.33  ? 128 TYR A CA  1 
ATOM 886  C C   . TYR A 1 128 ? -10.149 1.134   -3.601  1.00 26.15  ? 128 TYR A C   1 
ATOM 887  O O   . TYR A 1 128 ? -9.444  0.252   -3.057  1.00 23.23  ? 128 TYR A O   1 
ATOM 888  C CB  . TYR A 1 128 ? -10.248 3.477   -2.528  1.00 27.30  ? 128 TYR A CB  1 
ATOM 889  C CG  . TYR A 1 128 ? -10.109 2.996   -1.098  1.00 28.32  ? 128 TYR A CG  1 
ATOM 890  C CD1 . TYR A 1 128 ? -10.666 1.808   -0.649  1.00 27.16  ? 128 TYR A CD1 1 
ATOM 891  C CD2 . TYR A 1 128 ? -9.527  3.822   -0.152  1.00 28.49  ? 128 TYR A CD2 1 
ATOM 892  C CE1 . TYR A 1 128 ? -10.572 1.433   0.685   1.00 29.44  ? 128 TYR A CE1 1 
ATOM 893  C CE2 . TYR A 1 128 ? -9.428  3.468   1.179   1.00 26.91  ? 128 TYR A CE2 1 
ATOM 894  C CZ  . TYR A 1 128 ? -9.955  2.269   1.604   1.00 29.02  ? 128 TYR A CZ  1 
ATOM 895  O OH  . TYR A 1 128 ? -9.862  1.946   2.930   1.00 32.25  ? 128 TYR A OH  1 
ATOM 896  N N   . PHE A 1 129 ? -11.310 0.881   -4.198  1.00 27.88  ? 129 PHE A N   1 
ATOM 897  C CA  . PHE A 1 129 ? -11.878 -0.479  -4.380  1.00 27.11  ? 129 PHE A CA  1 
ATOM 898  C C   . PHE A 1 129 ? -10.942 -1.301  -5.277  1.00 26.97  ? 129 PHE A C   1 
ATOM 899  O O   . PHE A 1 129 ? -10.585 -2.434  -4.918  1.00 27.31  ? 129 PHE A O   1 
ATOM 900  C CB  . PHE A 1 129 ? -13.285 -0.406  -4.981  1.00 27.32  ? 129 PHE A CB  1 
ATOM 901  C CG  . PHE A 1 129 ? -13.914 -1.756  -5.174  1.00 28.50  ? 129 PHE A CG  1 
ATOM 902  C CD1 . PHE A 1 129 ? -14.415 -2.464  -4.095  1.00 29.18  ? 129 PHE A CD1 1 
ATOM 903  C CD2 . PHE A 1 129 ? -13.932 -2.350  -6.425  1.00 33.26  ? 129 PHE A CD2 1 
ATOM 904  C CE1 . PHE A 1 129 ? -14.970 -3.725  -4.271  1.00 29.72  ? 129 PHE A CE1 1 
ATOM 905  C CE2 . PHE A 1 129 ? -14.479 -3.615  -6.603  1.00 32.71  ? 129 PHE A CE2 1 
ATOM 906  C CZ  . PHE A 1 129 ? -14.993 -4.299  -5.524  1.00 31.52  ? 129 PHE A CZ  1 
ATOM 907  N N   . GLU A 1 130 ? -10.545 -0.774  -6.431  1.00 26.99  ? 130 GLU A N   1 
ATOM 908  C CA  . GLU A 1 130 ? -9.675  -1.553  -7.360  1.00 25.89  ? 130 GLU A CA  1 
ATOM 909  C C   . GLU A 1 130 ? -8.293  -1.759  -6.706  1.00 25.93  ? 130 GLU A C   1 
ATOM 910  O O   . GLU A 1 130 ? -7.647  -2.782  -6.998  1.00 29.05  ? 130 GLU A O   1 
ATOM 911  C CB  . GLU A 1 130 ? -9.656  -0.893  -8.746  1.00 28.02  ? 130 GLU A CB  1 
ATOM 912  C CG  . GLU A 1 130 ? -10.998 -0.979  -9.491  1.00 29.55  ? 130 GLU A CG  1 
ATOM 913  C CD  . GLU A 1 130 ? -11.537 -2.384  -9.714  1.00 34.12  ? 130 GLU A CD  1 
ATOM 914  O OE1 . GLU A 1 130 ? -10.750 -3.240  -10.146 1.00 34.85  ? 130 GLU A OE1 1 
ATOM 915  O OE2 . GLU A 1 130 ? -12.740 -2.642  -9.414  1.00 42.88  ? 130 GLU A OE2 1 
ATOM 916  N N   . ALA A 1 131 ? -7.829  -0.844  -5.846  1.00 25.32  ? 131 ALA A N   1 
ATOM 917  C CA  . ALA A 1 131 ? -6.525  -0.954  -5.148  1.00 27.66  ? 131 ALA A CA  1 
ATOM 918  C C   . ALA A 1 131 ? -6.573  -2.092  -4.116  1.00 28.77  ? 131 ALA A C   1 
ATOM 919  O O   . ALA A 1 131 ? -5.616  -2.895  -4.030  1.00 27.39  ? 131 ALA A O   1 
ATOM 920  C CB  . ALA A 1 131 ? -6.168  0.364   -4.495  1.00 30.02  ? 131 ALA A CB  1 
ATOM 921  N N   . THR A 1 132 ? -7.677  -2.196  -3.380  1.00 30.60  ? 132 THR A N   1 
ATOM 922  C CA  . THR A 1 132 ? -7.893  -3.252  -2.361  1.00 30.32  ? 132 THR A CA  1 
ATOM 923  C C   . THR A 1 132 ? -7.959  -4.633  -3.026  1.00 31.17  ? 132 THR A C   1 
ATOM 924  O O   . THR A 1 132 ? -7.381  -5.561  -2.439  1.00 38.48  ? 132 THR A O   1 
ATOM 925  C CB  . THR A 1 132 ? -9.122  -2.932  -1.510  1.00 32.68  ? 132 THR A CB  1 
ATOM 926  O OG1 . THR A 1 132 ? -8.866  -1.666  -0.900  1.00 30.86  ? 132 THR A OG1 1 
ATOM 927  C CG2 . THR A 1 132 ? -9.394  -3.976  -0.448  1.00 32.65  ? 132 THR A CG2 1 
ATOM 928  N N   . ARG A 1 133 ? -8.582  -4.798  -4.197  1.00 32.61  ? 133 ARG A N   1 
ATOM 929  C CA  . ARG A 1 133 ? -8.589  -6.129  -4.865  1.00 37.68  ? 133 ARG A CA  1 
ATOM 930  C C   . ARG A 1 133 ? -7.144  -6.529  -5.176  1.00 37.39  ? 133 ARG A C   1 
ATOM 931  O O   . ARG A 1 133 ? -6.786  -7.694  -4.927  1.00 32.90  ? 133 ARG A O   1 
ATOM 932  C CB  . ARG A 1 133 ? -9.323  -6.222  -6.209  1.00 44.78  ? 133 ARG A CB  1 
ATOM 933  C CG  . ARG A 1 133 ? -10.449 -5.233  -6.456  1.00 50.95  ? 133 ARG A CG  1 
ATOM 934  C CD  . ARG A 1 133 ? -10.693 -5.113  -7.952  1.00 58.84  ? 133 ARG A CD  1 
ATOM 935  N NE  . ARG A 1 133 ? -10.863 -6.404  -8.616  1.00 61.07  ? 133 ARG A NE  1 
ATOM 936  C CZ  . ARG A 1 133 ? -11.980 -7.121  -8.588  1.00 60.41  ? 133 ARG A CZ  1 
ATOM 937  N NH1 . ARG A 1 133 ? -13.043 -6.686  -7.931  1.00 60.90  ? 133 ARG A NH1 1 
ATOM 938  N NH2 . ARG A 1 133 ? -12.028 -8.282  -9.212  1.00 60.88  ? 133 ARG A NH2 1 
ATOM 939  N N   . LYS A 1 134 ? -6.348  -5.608  -5.734  1.00 35.52  ? 134 LYS A N   1 
ATOM 940  C CA  . LYS A 1 134 ? -4.944  -5.910  -6.115  1.00 34.50  ? 134 LYS A CA  1 
ATOM 941  C C   . LYS A 1 134 ? -4.197  -6.360  -4.862  1.00 33.19  ? 134 LYS A C   1 
ATOM 942  O O   . LYS A 1 134 ? -3.578  -7.440  -4.901  1.00 30.62  ? 134 LYS A O   1 
ATOM 943  C CB  . LYS A 1 134 ? -4.270  -4.706  -6.768  1.00 38.34  ? 134 LYS A CB  1 
ATOM 944  C CG  . LYS A 1 134 ? -4.515  -4.580  -8.265  1.00 41.21  ? 134 LYS A CG  1 
ATOM 945  C CD  . LYS A 1 134 ? -4.247  -3.175  -8.738  1.00 44.74  ? 134 LYS A CD  1 
ATOM 946  C CE  . LYS A 1 134 ? -3.590  -3.100  -10.100 1.00 47.26  ? 134 LYS A CE  1 
ATOM 947  N NZ  . LYS A 1 134 ? -4.564  -3.349  -11.183 1.00 45.48  ? 134 LYS A NZ  1 
ATOM 948  N N   . TYR A 1 135 ? -4.330  -5.596  -3.775  1.00 32.61  ? 135 TYR A N   1 
ATOM 949  C CA  . TYR A 1 135 ? -3.739  -5.907  -2.449  1.00 33.35  ? 135 TYR A CA  1 
ATOM 950  C C   . TYR A 1 135 ? -4.137  -7.326  -2.007  1.00 32.72  ? 135 TYR A C   1 
ATOM 951  O O   . TYR A 1 135 ? -3.304  -8.072  -1.479  1.00 30.75  ? 135 TYR A O   1 
ATOM 952  C CB  . TYR A 1 135 ? -4.137  -4.834  -1.436  1.00 34.74  ? 135 TYR A CB  1 
ATOM 953  C CG  . TYR A 1 135 ? -3.471  -5.020  -0.103  1.00 36.36  ? 135 TYR A CG  1 
ATOM 954  C CD1 . TYR A 1 135 ? -4.062  -5.819  0.858   1.00 36.31  ? 135 TYR A CD1 1 
ATOM 955  C CD2 . TYR A 1 135 ? -2.242  -4.449  0.185   1.00 36.97  ? 135 TYR A CD2 1 
ATOM 956  C CE1 . TYR A 1 135 ? -3.471  -6.020  2.091   1.00 37.93  ? 135 TYR A CE1 1 
ATOM 957  C CE2 . TYR A 1 135 ? -1.630  -4.649  1.416   1.00 37.92  ? 135 TYR A CE2 1 
ATOM 958  C CZ  . TYR A 1 135 ? -2.248  -5.441  2.371   1.00 37.13  ? 135 TYR A CZ  1 
ATOM 959  O OH  . TYR A 1 135 ? -1.692  -5.684  3.589   1.00 38.59  ? 135 TYR A OH  1 
ATOM 960  N N   . LYS A 1 136 ? -5.372  -7.741  -2.279  1.00 36.42  ? 136 LYS A N   1 
ATOM 961  C CA  . LYS A 1 136 ? -5.894  -9.054  -1.806  1.00 34.62  ? 136 LYS A CA  1 
ATOM 962  C C   . LYS A 1 136 ? -5.406  -10.213 -2.680  1.00 35.86  ? 136 LYS A C   1 
ATOM 963  O O   . LYS A 1 136 ? -5.388  -11.335 -2.165  1.00 38.51  ? 136 LYS A O   1 
ATOM 964  C CB  . LYS A 1 136 ? -7.411  -8.981  -1.691  1.00 36.30  ? 136 LYS A CB  1 
ATOM 965  C CG  . LYS A 1 136 ? -7.839  -8.467  -0.327  1.00 39.03  ? 136 LYS A CG  1 
ATOM 966  C CD  . LYS A 1 136 ? -9.280  -8.090  -0.240  1.00 43.71  ? 136 LYS A CD  1 
ATOM 967  C CE  . LYS A 1 136 ? -9.609  -7.441  1.089   1.00 43.70  ? 136 LYS A CE  1 
ATOM 968  N NZ  . LYS A 1 136 ? -11.019 -7.003  1.114   1.00 45.16  ? 136 LYS A NZ  1 
ATOM 969  N N   . ASN A 1 137 ? -4.994  -9.954  -3.922  1.00 36.99  ? 137 ASN A N   1 
ATOM 970  C CA  . ASN A 1 137 ? -4.307  -10.944 -4.794  1.00 38.83  ? 137 ASN A CA  1 
ATOM 971  C C   . ASN A 1 137 ? -2.777  -10.827 -4.627  1.00 35.63  ? 137 ASN A C   1 
ATOM 972  O O   . ASN A 1 137 ? -2.054  -11.300 -5.513  1.00 37.48  ? 137 ASN A O   1 
ATOM 973  C CB  . ASN A 1 137 ? -4.700  -10.765 -6.265  1.00 42.14  ? 137 ASN A CB  1 
ATOM 974  C CG  . ASN A 1 137 ? -6.198  -10.778 -6.513  1.00 49.56  ? 137 ASN A CG  1 
ATOM 975  O OD1 . ASN A 1 137 ? -6.972  -11.369 -5.759  1.00 51.48  ? 137 ASN A OD1 1 
ATOM 976  N ND2 . ASN A 1 137 ? -6.626  -10.116 -7.577  1.00 54.30  ? 137 ASN A ND2 1 
ATOM 977  N N   . TYR A 1 138 ? -2.299  -10.172 -3.563  1.00 35.61  ? 138 TYR A N   1 
ATOM 978  C CA  . TYR A 1 138 ? -0.882  -10.162 -3.099  1.00 35.07  ? 138 TYR A CA  1 
ATOM 979  C C   . TYR A 1 138 ? 0.027   -9.448  -4.104  1.00 36.04  ? 138 TYR A C   1 
ATOM 980  O O   . TYR A 1 138 ? 1.246   -9.712  -4.068  1.00 36.18  ? 138 TYR A O   1 
ATOM 981  C CB  . TYR A 1 138 ? -0.413  -11.590 -2.810  1.00 34.62  ? 138 TYR A CB  1 
ATOM 982  C CG  . TYR A 1 138 ? -1.280  -12.265 -1.785  1.00 32.46  ? 138 TYR A CG  1 
ATOM 983  C CD1 . TYR A 1 138 ? -1.240  -11.848 -0.465  1.00 34.90  ? 138 TYR A CD1 1 
ATOM 984  C CD2 . TYR A 1 138 ? -2.167  -13.267 -2.128  1.00 31.45  ? 138 TYR A CD2 1 
ATOM 985  C CE1 . TYR A 1 138 ? -2.058  -12.414 0.495   1.00 34.64  ? 138 TYR A CE1 1 
ATOM 986  C CE2 . TYR A 1 138 ? -3.002  -13.837 -1.179  1.00 34.00  ? 138 TYR A CE2 1 
ATOM 987  C CZ  . TYR A 1 138 ? -2.951  -13.401 0.133   1.00 33.98  ? 138 TYR A CZ  1 
ATOM 988  O OH  . TYR A 1 138 ? -3.744  -13.977 1.076   1.00 41.94  ? 138 TYR A OH  1 
ATOM 989  N N   . ASP A 1 139 ? -0.553  -8.543  -4.908  1.00 34.07  ? 139 ASP A N   1 
ATOM 990  C CA  . ASP A 1 139 ? 0.122   -7.675  -5.909  1.00 32.54  ? 139 ASP A CA  1 
ATOM 991  C C   . ASP A 1 139 ? 0.353   -6.290  -5.286  1.00 31.08  ? 139 ASP A C   1 
ATOM 992  O O   . ASP A 1 139 ? -0.317  -5.328  -5.680  1.00 31.68  ? 139 ASP A O   1 
ATOM 993  C CB  . ASP A 1 139 ? -0.728  -7.624  -7.175  1.00 33.69  ? 139 ASP A CB  1 
ATOM 994  C CG  . ASP A 1 139 ? -0.176  -6.730  -8.257  1.00 35.57  ? 139 ASP A CG  1 
ATOM 995  O OD1 . ASP A 1 139 ? 0.951   -6.226  -8.092  1.00 38.93  ? 139 ASP A OD1 1 
ATOM 996  O OD2 . ASP A 1 139 ? -0.877  -6.551  -9.260  1.00 41.91  ? 139 ASP A OD2 1 
ATOM 997  N N   . LEU A 1 140 ? 1.286   -6.221  -4.344  1.00 31.05  ? 140 LEU A N   1 
ATOM 998  C CA  . LEU A 1 140 ? 1.574   -5.079  -3.439  1.00 31.54  ? 140 LEU A CA  1 
ATOM 999  C C   . LEU A 1 140 ? 1.920   -3.790  -4.194  1.00 35.23  ? 140 LEU A C   1 
ATOM 1000 O O   . LEU A 1 140 ? 1.378   -2.707  -3.816  1.00 38.24  ? 140 LEU A O   1 
ATOM 1001 C CB  . LEU A 1 140 ? 2.737   -5.521  -2.546  1.00 33.88  ? 140 LEU A CB  1 
ATOM 1002 C CG  . LEU A 1 140 ? 2.926   -4.775  -1.230  1.00 35.14  ? 140 LEU A CG  1 
ATOM 1003 C CD1 . LEU A 1 140 ? 1.611   -4.494  -0.514  1.00 39.60  ? 140 LEU A CD1 1 
ATOM 1004 C CD2 . LEU A 1 140 ? 3.828   -5.579  -0.325  1.00 37.60  ? 140 LEU A CD2 1 
ATOM 1005 N N   . ASP A 1 141 ? 2.789   -3.858  -5.209  1.00 37.37  ? 141 ASP A N   1 
ATOM 1006 C CA  . ASP A 1 141 ? 3.312   -2.639  -5.885  1.00 37.32  ? 141 ASP A CA  1 
ATOM 1007 C C   . ASP A 1 141 ? 2.197   -2.023  -6.730  1.00 33.92  ? 141 ASP A C   1 
ATOM 1008 O O   . ASP A 1 141 ? 2.103   -0.779  -6.758  1.00 30.69  ? 141 ASP A O   1 
ATOM 1009 C CB  . ASP A 1 141 ? 4.559   -2.918  -6.728  1.00 39.52  ? 141 ASP A CB  1 
ATOM 1010 C CG  . ASP A 1 141 ? 5.787   -3.293  -5.916  1.00 42.93  ? 141 ASP A CG  1 
ATOM 1011 O OD1 . ASP A 1 141 ? 6.045   -2.641  -4.869  1.00 41.54  ? 141 ASP A OD1 1 
ATOM 1012 O OD2 . ASP A 1 141 ? 6.480   -4.239  -6.338  1.00 46.58  ? 141 ASP A OD2 1 
ATOM 1013 N N   . ASN A 1 142 ? 1.382   -2.847  -7.389  1.00 33.74  ? 142 ASN A N   1 
ATOM 1014 C CA  . ASN A 1 142 ? 0.267   -2.325  -8.223  1.00 37.17  ? 142 ASN A CA  1 
ATOM 1015 C C   . ASN A 1 142 ? -0.830  -1.807  -7.284  1.00 33.06  ? 142 ASN A C   1 
ATOM 1016 O O   . ASN A 1 142 ? -1.361  -0.747  -7.569  1.00 31.86  ? 142 ASN A O   1 
ATOM 1017 C CB  . ASN A 1 142 ? -0.270  -3.329  -9.246  1.00 39.97  ? 142 ASN A CB  1 
ATOM 1018 C CG  . ASN A 1 142 ? 0.696   -3.613  -10.379 1.00 42.05  ? 142 ASN A CG  1 
ATOM 1019 O OD1 . ASN A 1 142 ? 1.145   -4.744  -10.549 1.00 43.58  ? 142 ASN A OD1 1 
ATOM 1020 N ND2 . ASN A 1 142 ? 1.004   -2.599  -11.170 1.00 46.26  ? 142 ASN A ND2 1 
ATOM 1021 N N   . ALA A 1 143 ? -1.127  -2.491  -6.183  1.00 30.63  ? 143 ALA A N   1 
ATOM 1022 C CA  . ALA A 1 143 ? -2.026  -1.929  -5.150  1.00 33.35  ? 143 ALA A CA  1 
ATOM 1023 C C   . ALA A 1 143 ? -1.492  -0.550  -4.689  1.00 32.35  ? 143 ALA A C   1 
ATOM 1024 O O   . ALA A 1 143 ? -2.269  0.404   -4.676  1.00 31.07  ? 143 ALA A O   1 
ATOM 1025 C CB  . ALA A 1 143 ? -2.191  -2.908  -4.013  1.00 33.70  ? 143 ALA A CB  1 
ATOM 1026 N N   . LEU A 1 144 ? -0.202  -0.415  -4.373  1.00 31.59  ? 144 LEU A N   1 
ATOM 1027 C CA  . LEU A 1 144 ? 0.367   0.875   -3.893  1.00 32.76  ? 144 LEU A CA  1 
ATOM 1028 C C   . LEU A 1 144 ? 0.203   1.945   -4.973  1.00 32.85  ? 144 LEU A C   1 
ATOM 1029 O O   . LEU A 1 144 ? -0.042  3.146   -4.655  1.00 30.02  ? 144 LEU A O   1 
ATOM 1030 C CB  . LEU A 1 144 ? 1.843   0.684   -3.557  1.00 33.81  ? 144 LEU A CB  1 
ATOM 1031 C CG  . LEU A 1 144 ? 2.339   1.420   -2.323  1.00 38.94  ? 144 LEU A CG  1 
ATOM 1032 C CD1 . LEU A 1 144 ? 1.401   1.225   -1.137  1.00 40.10  ? 144 LEU A CD1 1 
ATOM 1033 C CD2 . LEU A 1 144 ? 3.737   0.937   -1.968  1.00 40.31  ? 144 LEU A CD2 1 
ATOM 1034 N N   . ASP A 1 145 ? 0.355   1.532   -6.218  1.00 32.93  ? 145 ASP A N   1 
ATOM 1035 C CA  . ASP A 1 145 ? 0.327   2.467   -7.359  1.00 35.81  ? 145 ASP A CA  1 
ATOM 1036 C C   . ASP A 1 145 ? -1.056  3.133   -7.382  1.00 33.93  ? 145 ASP A C   1 
ATOM 1037 O O   . ASP A 1 145 ? -1.121  4.385   -7.429  1.00 31.99  ? 145 ASP A O   1 
ATOM 1038 C CB  . ASP A 1 145 ? 0.754   1.709   -8.614  1.00 43.94  ? 145 ASP A CB  1 
ATOM 1039 C CG  . ASP A 1 145 ? 0.558   2.510   -9.877  1.00 53.24  ? 145 ASP A CG  1 
ATOM 1040 O OD1 . ASP A 1 145 ? -0.621  2.605   -10.344 1.00 56.78  ? 145 ASP A OD1 1 
ATOM 1041 O OD2 . ASP A 1 145 ? 1.573   3.050   -10.363 1.00 66.37  ? 145 ASP A OD2 1 
ATOM 1042 N N   . MET A 1 146 ? -2.105  2.323   -7.224  1.00 29.67  ? 146 MET A N   1 
ATOM 1043 C CA  . MET A 1 146 ? -3.520  2.715   -7.399  1.00 30.61  ? 146 MET A CA  1 
ATOM 1044 C C   . MET A 1 146 ? -4.062  3.422   -6.148  1.00 26.83  ? 146 MET A C   1 
ATOM 1045 O O   . MET A 1 146 ? -4.856  4.347   -6.304  1.00 25.11  ? 146 MET A O   1 
ATOM 1046 C CB  . MET A 1 146 ? -4.372  1.485   -7.708  1.00 34.99  ? 146 MET A CB  1 
ATOM 1047 C CG  . MET A 1 146 ? -5.596  1.836   -8.508  1.00 41.52  ? 146 MET A CG  1 
ATOM 1048 S SD  . MET A 1 146 ? -6.355  0.412   -9.295  1.00 49.76  ? 146 MET A SD  1 
ATOM 1049 C CE  . MET A 1 146 ? -6.796  1.135   -10.874 1.00 50.43  ? 146 MET A CE  1 
ATOM 1050 N N   . TYR A 1 147 ? -3.685  2.997   -4.947  1.00 24.88  ? 147 TYR A N   1 
ATOM 1051 C CA  . TYR A 1 147 ? -3.953  3.756   -3.698  1.00 25.86  ? 147 TYR A CA  1 
ATOM 1052 C C   . TYR A 1 147 ? -3.366  5.166   -3.825  1.00 25.74  ? 147 TYR A C   1 
ATOM 1053 O O   . TYR A 1 147 ? -4.050  6.103   -3.448  1.00 26.43  ? 147 TYR A O   1 
ATOM 1054 C CB  . TYR A 1 147 ? -3.386  3.051   -2.460  1.00 25.60  ? 147 TYR A CB  1 
ATOM 1055 C CG  . TYR A 1 147 ? -4.233  1.930   -1.903  1.00 25.36  ? 147 TYR A CG  1 
ATOM 1056 C CD1 . TYR A 1 147 ? -5.576  2.111   -1.632  1.00 25.11  ? 147 TYR A CD1 1 
ATOM 1057 C CD2 . TYR A 1 147 ? -3.684  0.690   -1.598  1.00 25.71  ? 147 TYR A CD2 1 
ATOM 1058 C CE1 . TYR A 1 147 ? -6.356  1.090   -1.094  1.00 25.83  ? 147 TYR A CE1 1 
ATOM 1059 C CE2 . TYR A 1 147 ? -4.446  -0.339  -1.066  1.00 27.37  ? 147 TYR A CE2 1 
ATOM 1060 C CZ  . TYR A 1 147 ? -5.793  -0.137  -0.810  1.00 27.45  ? 147 TYR A CZ  1 
ATOM 1061 O OH  . TYR A 1 147 ? -6.565  -1.122  -0.266  1.00 28.69  ? 147 TYR A OH  1 
ATOM 1062 N N   . SER A 1 148 ? -2.150  5.316   -4.363  1.00 28.55  ? 148 SER A N   1 
ATOM 1063 C CA  . SER A 1 148 ? -1.495  6.635   -4.603  1.00 28.80  ? 148 SER A CA  1 
ATOM 1064 C C   . SER A 1 148 ? -2.327  7.471   -5.580  1.00 29.13  ? 148 SER A C   1 
ATOM 1065 O O   . SER A 1 148 ? -2.525  8.678   -5.331  1.00 26.87  ? 148 SER A O   1 
ATOM 1066 C CB  . SER A 1 148 ? -0.098  6.491   -5.135  1.00 29.85  ? 148 SER A CB  1 
ATOM 1067 O OG  . SER A 1 148 ? 0.784   6.050   -4.127  1.00 33.49  ? 148 SER A OG  1 
ATOM 1068 N N   . LYS A 1 149 ? -2.721  6.872   -6.701  1.00 29.99  ? 149 LYS A N   1 
ATOM 1069 C CA  . LYS A 1 149 ? -3.572  7.543   -7.717  1.00 33.29  ? 149 LYS A CA  1 
ATOM 1070 C C   . LYS A 1 149 ? -4.893  7.988   -7.037  1.00 31.02  ? 149 LYS A C   1 
ATOM 1071 O O   . LYS A 1 149 ? -5.293  9.143   -7.265  1.00 30.28  ? 149 LYS A O   1 
ATOM 1072 C CB  . LYS A 1 149 ? -3.652  6.626   -8.945  1.00 38.45  ? 149 LYS A CB  1 
ATOM 1073 C CG  . LYS A 1 149 ? -4.778  6.894   -9.939  1.00 46.16  ? 149 LYS A CG  1 
ATOM 1074 C CD  . LYS A 1 149 ? -4.772  8.253   -10.628 1.00 49.15  ? 149 LYS A CD  1 
ATOM 1075 C CE  . LYS A 1 149 ? -5.981  8.434   -11.522 1.00 52.64  ? 149 LYS A CE  1 
ATOM 1076 N NZ  . LYS A 1 149 ? -5.612  8.856   -12.891 1.00 57.14  ? 149 LYS A NZ  1 
ATOM 1077 N N   . ALA A 1 150 ? -5.511  7.171   -6.173  1.00 28.49  ? 150 ALA A N   1 
ATOM 1078 C CA  . ALA A 1 150 ? -6.741  7.531   -5.408  1.00 30.42  ? 150 ALA A CA  1 
ATOM 1079 C C   . ALA A 1 150 ? -6.476  8.682   -4.419  1.00 29.31  ? 150 ALA A C   1 
ATOM 1080 O O   . ALA A 1 150 ? -7.364  9.556   -4.291  1.00 25.68  ? 150 ALA A O   1 
ATOM 1081 C CB  . ALA A 1 150 ? -7.289  6.335   -4.661  1.00 32.07  ? 150 ALA A CB  1 
ATOM 1082 N N   . PHE A 1 151 ? -5.316  8.699   -3.747  1.00 28.39  ? 151 PHE A N   1 
ATOM 1083 C CA  . PHE A 1 151 ? -4.892  9.791   -2.821  1.00 30.14  ? 151 PHE A CA  1 
ATOM 1084 C C   . PHE A 1 151 ? -4.731  11.112  -3.592  1.00 28.42  ? 151 PHE A C   1 
ATOM 1085 O O   . PHE A 1 151 ? -5.201  12.178  -3.133  1.00 25.56  ? 151 PHE A O   1 
ATOM 1086 C CB  . PHE A 1 151 ? -3.610  9.409   -2.077  1.00 30.95  ? 151 PHE A CB  1 
ATOM 1087 C CG  . PHE A 1 151 ? -3.165  10.378  -1.011  1.00 34.42  ? 151 PHE A CG  1 
ATOM 1088 C CD1 . PHE A 1 151 ? -4.089  11.048  -0.213  1.00 33.09  ? 151 PHE A CD1 1 
ATOM 1089 C CD2 . PHE A 1 151 ? -1.805  10.599  -0.778  1.00 33.52  ? 151 PHE A CD2 1 
ATOM 1090 C CE1 . PHE A 1 151 ? -3.663  11.919  0.782   1.00 32.40  ? 151 PHE A CE1 1 
ATOM 1091 C CE2 . PHE A 1 151 ? -1.385  11.460  0.226   1.00 32.45  ? 151 PHE A CE2 1 
ATOM 1092 C CZ  . PHE A 1 151 ? -2.316  12.125  0.997   1.00 33.25  ? 151 PHE A CZ  1 
ATOM 1093 N N   . ASN A 1 152 ? -4.141  11.060  -4.779  1.00 29.64  ? 152 ASN A N   1 
ATOM 1094 C CA  . ASN A 1 152 ? -3.993  12.276  -5.623  1.00 32.45  ? 152 ASN A CA  1 
ATOM 1095 C C   . ASN A 1 152 ? -5.383  12.831  -5.967  1.00 30.22  ? 152 ASN A C   1 
ATOM 1096 O O   . ASN A 1 152 ? -5.587  14.046  -5.770  1.00 28.44  ? 152 ASN A O   1 
ATOM 1097 C CB  . ASN A 1 152 ? -3.156  12.017  -6.877  1.00 36.54  ? 152 ASN A CB  1 
ATOM 1098 C CG  . ASN A 1 152 ? -3.100  13.220  -7.800  1.00 44.76  ? 152 ASN A CG  1 
ATOM 1099 O OD1 . ASN A 1 152 ? -2.328  14.153  -7.556  1.00 53.71  ? 152 ASN A OD1 1 
ATOM 1100 N ND2 . ASN A 1 152 ? -3.911  13.212  -8.852  1.00 41.09  ? 152 ASN A ND2 1 
ATOM 1101 N N   . ARG A 1 153 ? -6.300  11.988  -6.460  1.00 30.61  ? 153 ARG A N   1 
ATOM 1102 C CA  . ARG A 1 153 ? -7.681  12.399  -6.844  1.00 31.49  ? 153 ARG A CA  1 
ATOM 1103 C C   . ARG A 1 153 ? -8.466  12.815  -5.585  1.00 28.98  ? 153 ARG A C   1 
ATOM 1104 O O   . ARG A 1 153 ? -9.274  13.735  -5.686  1.00 32.03  ? 153 ARG A O   1 
ATOM 1105 C CB  . ARG A 1 153 ? -8.354  11.314  -7.690  1.00 34.14  ? 153 ARG A CB  1 
ATOM 1106 C CG  . ARG A 1 153 ? -7.691  11.109  -9.047  1.00 40.81  ? 153 ARG A CG  1 
ATOM 1107 C CD  . ARG A 1 153 ? -8.196  11.958  -10.210 1.00 47.48  ? 153 ARG A CD  1 
ATOM 1108 N NE  . ARG A 1 153 ? -8.929  11.177  -11.219 1.00 57.79  ? 153 ARG A NE  1 
ATOM 1109 C CZ  . ARG A 1 153 ? -10.256 11.212  -11.458 1.00 61.53  ? 153 ARG A CZ  1 
ATOM 1110 N NH1 . ARG A 1 153 ? -11.068 12.013  -10.785 1.00 60.45  ? 153 ARG A NH1 1 
ATOM 1111 N NH2 . ARG A 1 153 ? -10.773 10.431  -12.392 1.00 57.34  ? 153 ARG A NH2 1 
ATOM 1112 N N   . ALA A 1 154 ? -8.187  12.259  -4.410  1.00 28.84  ? 154 ALA A N   1 
ATOM 1113 C CA  . ALA A 1 154 ? -8.805  12.707  -3.134  1.00 28.35  ? 154 ALA A CA  1 
ATOM 1114 C C   . ALA A 1 154 ? -8.422  14.162  -2.864  1.00 27.78  ? 154 ALA A C   1 
ATOM 1115 O O   . ALA A 1 154 ? -9.331  14.991  -2.645  1.00 27.63  ? 154 ALA A O   1 
ATOM 1116 C CB  . ALA A 1 154 ? -8.384  11.842  -1.976  1.00 27.08  ? 154 ALA A CB  1 
ATOM 1117 N N   . GLN A 1 155 ? -7.121  14.459  -2.883  1.00 28.73  ? 155 GLN A N   1 
ATOM 1118 C CA  . GLN A 1 155 ? -6.586  15.846  -2.722  1.00 28.17  ? 155 GLN A CA  1 
ATOM 1119 C C   . GLN A 1 155 ? -7.217  16.777  -3.774  1.00 26.91  ? 155 GLN A C   1 
ATOM 1120 O O   . GLN A 1 155 ? -7.642  17.858  -3.395  1.00 26.32  ? 155 GLN A O   1 
ATOM 1121 C CB  . GLN A 1 155 ? -5.060  15.830  -2.821  1.00 28.37  ? 155 GLN A CB  1 
ATOM 1122 C CG  . GLN A 1 155 ? -4.401  15.222  -1.590  1.00 30.53  ? 155 GLN A CG  1 
ATOM 1123 C CD  . GLN A 1 155 ? -3.019  14.673  -1.870  1.00 33.48  ? 155 GLN A CD  1 
ATOM 1124 O OE1 . GLN A 1 155 ? -2.846  13.575  -2.409  1.00 36.63  ? 155 GLN A OE1 1 
ATOM 1125 N NE2 . GLN A 1 155 ? -2.009  15.431  -1.488  1.00 31.22  ? 155 GLN A NE2 1 
ATOM 1126 N N   . GLN A 1 156 ? -7.304  16.350  -5.042  1.00 27.41  ? 156 GLN A N   1 
ATOM 1127 C CA  . GLN A 1 156 ? -7.808  17.181  -6.172  1.00 29.66  ? 156 GLN A CA  1 
ATOM 1128 C C   . GLN A 1 156 ? -9.287  17.494  -5.886  1.00 29.47  ? 156 GLN A C   1 
ATOM 1129 O O   . GLN A 1 156 ? -9.685  18.676  -5.969  1.00 28.35  ? 156 GLN A O   1 
ATOM 1130 C CB  . GLN A 1 156 ? -7.550  16.457  -7.505  1.00 33.78  ? 156 GLN A CB  1 
ATOM 1131 C CG  . GLN A 1 156 ? -7.975  17.229  -8.753  1.00 37.74  ? 156 GLN A CG  1 
ATOM 1132 C CD  . GLN A 1 156 ? -6.998  18.323  -9.130  1.00 44.64  ? 156 GLN A CD  1 
ATOM 1133 O OE1 . GLN A 1 156 ? -5.796  18.080  -9.284  1.00 52.20  ? 156 GLN A OE1 1 
ATOM 1134 N NE2 . GLN A 1 156 ? -7.503  19.541  -9.285  1.00 36.95  ? 156 GLN A NE2 1 
ATOM 1135 N N   . ALA A 1 157 ? -10.042 16.473  -5.464  1.00 29.07  ? 157 ALA A N   1 
ATOM 1136 C CA  . ALA A 1 157 ? -11.479 16.552  -5.121  1.00 28.16  ? 157 ALA A CA  1 
ATOM 1137 C C   . ALA A 1 157 ? -11.711 17.546  -3.981  1.00 26.12  ? 157 ALA A C   1 
ATOM 1138 O O   . ALA A 1 157 ? -12.601 18.387  -4.132  1.00 27.60  ? 157 ALA A O   1 
ATOM 1139 C CB  . ALA A 1 157 ? -11.993 15.186  -4.748  1.00 29.51  ? 157 ALA A CB  1 
ATOM 1140 N N   . ALA A 1 158 ? -10.981 17.433  -2.872  1.00 23.83  ? 158 ALA A N   1 
ATOM 1141 C CA  . ALA A 1 158 ? -11.097 18.363  -1.725  1.00 23.73  ? 158 ALA A CA  1 
ATOM 1142 C C   . ALA A 1 158 ? -10.959 19.811  -2.230  1.00 25.81  ? 158 ALA A C   1 
ATOM 1143 O O   . ALA A 1 158 ? -11.872 20.619  -2.008  1.00 22.93  ? 158 ALA A O   1 
ATOM 1144 C CB  . ALA A 1 158 ? -10.052 18.026  -0.684  1.00 22.84  ? 158 ALA A CB  1 
ATOM 1145 N N   . LYS A 1 159 ? -9.872  20.090  -2.955  1.00 27.96  ? 159 LYS A N   1 
ATOM 1146 C CA  . LYS A 1 159 ? -9.550  21.412  -3.547  1.00 30.74  ? 159 LYS A CA  1 
ATOM 1147 C C   . LYS A 1 159 ? -10.694 21.901  -4.450  1.00 30.59  ? 159 LYS A C   1 
ATOM 1148 O O   . LYS A 1 159 ? -11.146 23.035  -4.243  1.00 31.68  ? 159 LYS A O   1 
ATOM 1149 C CB  . LYS A 1 159 ? -8.225  21.294  -4.300  1.00 34.26  ? 159 LYS A CB  1 
ATOM 1150 C CG  . LYS A 1 159 ? -7.818  22.469  -5.173  1.00 39.46  ? 159 LYS A CG  1 
ATOM 1151 C CD  . LYS A 1 159 ? -6.520  22.195  -5.922  1.00 46.23  ? 159 LYS A CD  1 
ATOM 1152 C CE  . LYS A 1 159 ? -6.423  22.918  -7.250  1.00 53.23  ? 159 LYS A CE  1 
ATOM 1153 N NZ  . LYS A 1 159 ? -6.068  24.345  -7.058  1.00 57.18  ? 159 LYS A NZ  1 
ATOM 1154 N N   . ASN A 1 160 ? -11.130 21.105  -5.431  1.00 31.50  ? 160 ASN A N   1 
ATOM 1155 C CA  . ASN A 1 160 ? -12.193 21.491  -6.392  1.00 28.88  ? 160 ASN A CA  1 
ATOM 1156 C C   . ASN A 1 160 ? -13.469 21.811  -5.608  1.00 29.73  ? 160 ASN A C   1 
ATOM 1157 O O   . ASN A 1 160 ? -14.176 22.773  -5.988  1.00 29.80  ? 160 ASN A O   1 
ATOM 1158 C CB  . ASN A 1 160 ? -12.480 20.398  -7.425  1.00 30.44  ? 160 ASN A CB  1 
ATOM 1159 C CG  . ASN A 1 160 ? -11.385 20.195  -8.455  1.00 32.60  ? 160 ASN A CG  1 
ATOM 1160 O OD1 . ASN A 1 160 ? -10.538 21.063  -8.671  1.00 30.14  ? 160 ASN A OD1 1 
ATOM 1161 N ND2 . ASN A 1 160 ? -11.391 19.035  -9.104  1.00 33.31  ? 160 ASN A ND2 1 
ATOM 1162 N N   . ALA A 1 161 ? -13.785 21.021  -4.576  1.00 29.04  ? 161 ALA A N   1 
ATOM 1163 C CA  . ALA A 1 161 ? -15.036 21.175  -3.794  1.00 30.57  ? 161 ALA A CA  1 
ATOM 1164 C C   . ALA A 1 161 ? -15.019 22.514  -3.050  1.00 31.33  ? 161 ALA A C   1 
ATOM 1165 O O   . ALA A 1 161 ? -16.066 23.187  -3.049  1.00 31.45  ? 161 ALA A O   1 
ATOM 1166 C CB  . ALA A 1 161 ? -15.245 20.021  -2.846  1.00 27.77  ? 161 ALA A CB  1 
ATOM 1167 N N   . LYS A 1 162 ? -13.895 22.860  -2.416  1.00 35.83  ? 162 LYS A N   1 
ATOM 1168 C CA  . LYS A 1 162 ? -13.683 24.169  -1.739  1.00 39.57  ? 162 LYS A CA  1 
ATOM 1169 C C   . LYS A 1 162 ? -13.957 25.300  -2.735  1.00 36.35  ? 162 LYS A C   1 
ATOM 1170 O O   . LYS A 1 162 ? -14.814 26.130  -2.446  1.00 36.39  ? 162 LYS A O   1 
ATOM 1171 C CB  . LYS A 1 162 ? -12.255 24.287  -1.205  1.00 46.49  ? 162 LYS A CB  1 
ATOM 1172 C CG  . LYS A 1 162 ? -12.076 23.815  0.225   1.00 55.12  ? 162 LYS A CG  1 
ATOM 1173 C CD  . LYS A 1 162 ? -10.717 24.152  0.809   1.00 61.18  ? 162 LYS A CD  1 
ATOM 1174 C CE  . LYS A 1 162 ? -9.732  23.005  0.703   1.00 67.73  ? 162 LYS A CE  1 
ATOM 1175 N NZ  . LYS A 1 162 ? -8.601  23.170  1.647   1.00 70.44  ? 162 LYS A NZ  1 
ATOM 1176 N N   . GLU A 1 163 ? -13.270 25.275  -3.876  1.00 35.33  ? 163 GLU A N   1 
ATOM 1177 C CA  . GLU A 1 163 ? -13.398 26.255  -4.986  1.00 41.38  ? 163 GLU A CA  1 
ATOM 1178 C C   . GLU A 1 163 ? -14.854 26.385  -5.456  1.00 38.41  ? 163 GLU A C   1 
ATOM 1179 O O   . GLU A 1 163 ? -15.294 27.524  -5.552  1.00 41.71  ? 163 GLU A O   1 
ATOM 1180 C CB  . GLU A 1 163 ? -12.505 25.869  -6.168  1.00 48.64  ? 163 GLU A CB  1 
ATOM 1181 C CG  . GLU A 1 163 ? -11.015 26.109  -5.924  1.00 53.86  ? 163 GLU A CG  1 
ATOM 1182 C CD  . GLU A 1 163 ? -10.106 25.790  -7.112  1.00 59.12  ? 163 GLU A CD  1 
ATOM 1183 O OE1 . GLU A 1 163 ? -10.629 25.674  -8.254  1.00 57.74  ? 163 GLU A OE1 1 
ATOM 1184 O OE2 . GLU A 1 163 ? -8.876  25.648  -6.899  1.00 56.19  ? 163 GLU A OE2 1 
ATOM 1185 N N   . ALA A 1 164 ? -15.566 25.293  -5.770  1.00 36.25  ? 164 ALA A N   1 
ATOM 1186 C CA  . ALA A 1 164 ? -16.987 25.342  -6.209  1.00 35.64  ? 164 ALA A CA  1 
ATOM 1187 C C   . ALA A 1 164 ? -17.866 25.957  -5.111  1.00 36.87  ? 164 ALA A C   1 
ATOM 1188 O O   . ALA A 1 164 ? -18.739 26.787  -5.441  1.00 33.51  ? 164 ALA A O   1 
ATOM 1189 C CB  . ALA A 1 164 ? -17.504 23.982  -6.597  1.00 34.10  ? 164 ALA A CB  1 
ATOM 1190 N N   . LYS A 1 165 ? -17.640 25.582  -3.852  1.00 39.16  ? 165 LYS A N   1 
ATOM 1191 C CA  . LYS A 1 165 ? -18.435 26.087  -2.696  1.00 43.79  ? 165 LYS A CA  1 
ATOM 1192 C C   . LYS A 1 165 ? -18.262 27.610  -2.549  1.00 41.10  ? 165 LYS A C   1 
ATOM 1193 O O   . LYS A 1 165 ? -19.291 28.314  -2.475  1.00 40.36  ? 165 LYS A O   1 
ATOM 1194 C CB  . LYS A 1 165 ? -18.037 25.375  -1.400  1.00 43.45  ? 165 LYS A CB  1 
ATOM 1195 C CG  . LYS A 1 165 ? -18.911 25.706  -0.199  1.00 44.51  ? 165 LYS A CG  1 
ATOM 1196 C CD  . LYS A 1 165 ? -18.601 24.838  1.001   1.00 48.40  ? 165 LYS A CD  1 
ATOM 1197 C CE  . LYS A 1 165 ? -19.403 25.174  2.240   1.00 49.61  ? 165 LYS A CE  1 
ATOM 1198 N NZ  . LYS A 1 165 ? -18.916 26.422  2.867   1.00 49.57  ? 165 LYS A NZ  1 
ATOM 1199 N N   . ALA A 1 166 ? -17.020 28.094  -2.485  1.00 39.98  ? 166 ALA A N   1 
ATOM 1200 C CA  . ALA A 1 166 ? -16.670 29.531  -2.407  1.00 40.43  ? 166 ALA A CA  1 
ATOM 1201 C C   . ALA A 1 166 ? -17.345 30.296  -3.558  1.00 42.13  ? 166 ALA A C   1 
ATOM 1202 O O   . ALA A 1 166 ? -17.997 31.320  -3.280  1.00 39.98  ? 166 ALA A O   1 
ATOM 1203 C CB  . ALA A 1 166 ? -15.170 29.706  -2.444  1.00 40.39  ? 166 ALA A CB  1 
ATOM 1204 N N   . LEU A 1 167 ? -17.193 29.811  -4.799  1.00 46.58  ? 167 LEU A N   1 
ATOM 1205 C CA  . LEU A 1 167 ? -17.780 30.420  -6.026  1.00 51.65  ? 167 LEU A CA  1 
ATOM 1206 C C   . LEU A 1 167 ? -19.304 30.506  -5.893  1.00 54.89  ? 167 LEU A C   1 
ATOM 1207 O O   . LEU A 1 167 ? -19.857 31.598  -6.128  1.00 59.79  ? 167 LEU A O   1 
ATOM 1208 C CB  . LEU A 1 167 ? -17.420 29.604  -7.271  1.00 54.47  ? 167 LEU A CB  1 
ATOM 1209 C CG  . LEU A 1 167 ? -18.331 29.875  -8.470  1.00 59.20  ? 167 LEU A CG  1 
ATOM 1210 C CD1 . LEU A 1 167 ? -17.916 31.158  -9.174  1.00 59.02  ? 167 LEU A CD1 1 
ATOM 1211 C CD2 . LEU A 1 167 ? -18.360 28.711  -9.441  1.00 58.24  ? 167 LEU A CD2 1 
ATOM 1212 N N   . LYS A 1 168 ? -19.975 29.396  -5.579  1.00 57.67  ? 168 LYS A N   1 
ATOM 1213 C CA  . LYS A 1 168 ? -21.455 29.412  -5.457  1.00 56.17  ? 168 LYS A CA  1 
ATOM 1214 C C   . LYS A 1 168 ? -21.855 30.511  -4.466  1.00 51.32  ? 168 LYS A C   1 
ATOM 1215 O O   . LYS A 1 168 ? -22.557 31.431  -4.883  1.00 56.21  ? 168 LYS A O   1 
ATOM 1216 C CB  . LYS A 1 168 ? -22.040 28.070  -5.023  1.00 58.34  ? 168 LYS A CB  1 
ATOM 1217 C CG  . LYS A 1 168 ? -23.559 28.102  -4.865  1.00 65.76  ? 168 LYS A CG  1 
ATOM 1218 C CD  . LYS A 1 168 ? -24.294 28.725  -6.059  1.00 66.12  ? 168 LYS A CD  1 
ATOM 1219 C CE  . LYS A 1 168 ? -25.798 28.548  -5.995  1.00 68.11  ? 168 LYS A CE  1 
ATOM 1220 N NZ  . LYS A 1 168 ? -26.302 27.533  -6.954  1.00 67.63  ? 168 LYS A NZ  1 
ATOM 1221 N N   . GLU A 1 169 ? -21.400 30.419  -3.217  1.00 48.60  ? 169 GLU A N   1 
ATOM 1222 C CA  . GLU A 1 169 ? -21.601 31.442  -2.153  1.00 49.41  ? 169 GLU A CA  1 
ATOM 1223 C C   . GLU A 1 169 ? -21.533 32.866  -2.717  1.00 52.37  ? 169 GLU A C   1 
ATOM 1224 O O   . GLU A 1 169 ? -22.469 33.648  -2.482  1.00 48.17  ? 169 GLU A O   1 
ATOM 1225 C CB  . GLU A 1 169 ? -20.490 31.337  -1.113  1.00 51.17  ? 169 GLU A CB  1 
ATOM 1226 C CG  . GLU A 1 169 ? -20.992 31.063  0.278   1.00 54.48  ? 169 GLU A CG  1 
ATOM 1227 C CD  . GLU A 1 169 ? -20.134 30.049  1.010   1.00 56.13  ? 169 GLU A CD  1 
ATOM 1228 O OE1 . GLU A 1 169 ? -19.318 30.467  1.855   1.00 63.12  ? 169 GLU A OE1 1 
ATOM 1229 O OE2 . GLU A 1 169 ? -20.291 28.850  0.733   1.00 52.21  ? 169 GLU A OE2 1 
ATOM 1230 N N   . THR A 1 170 ? -20.423 33.187  -3.386  1.00 59.28  ? 170 THR A N   1 
ATOM 1231 C CA  . THR A 1 170 ? -20.118 34.508  -4.003  1.00 59.20  ? 170 THR A CA  1 
ATOM 1232 C C   . THR A 1 170 ? -21.185 34.861  -5.047  1.00 56.16  ? 170 THR A C   1 
ATOM 1233 O O   . THR A 1 170 ? -21.604 36.022  -5.086  1.00 59.91  ? 170 THR A O   1 
ATOM 1234 C CB  . THR A 1 170 ? -18.708 34.494  -4.609  1.00 61.37  ? 170 THR A CB  1 
ATOM 1235 O OG1 . THR A 1 170 ? -17.783 34.675  -3.538  1.00 59.13  ? 170 THR A OG1 1 
ATOM 1236 C CG2 . THR A 1 170 ? -18.484 35.560  -5.663  1.00 62.47  ? 170 THR A CG2 1 
ATOM 1237 N N   . ASP A 1 171 ? -21.609 33.902  -5.866  1.00 61.27  ? 171 ASP A N   1 
ATOM 1238 C CA  . ASP A 1 171 ? -22.532 34.163  -7.003  1.00 62.06  ? 171 ASP A CA  1 
ATOM 1239 C C   . ASP A 1 171 ? -23.969 34.335  -6.514  1.00 61.96  ? 171 ASP A C   1 
ATOM 1240 O O   . ASP A 1 171 ? -24.794 34.774  -7.329  1.00 65.53  ? 171 ASP A O   1 
ATOM 1241 C CB  . ASP A 1 171 ? -22.462 33.062  -8.060  1.00 61.43  ? 171 ASP A CB  1 
ATOM 1242 C CG  . ASP A 1 171 ? -21.231 33.173  -8.940  1.00 61.52  ? 171 ASP A CG  1 
ATOM 1243 O OD1 . ASP A 1 171 ? -20.325 33.977  -8.590  1.00 57.75  ? 171 ASP A OD1 1 
ATOM 1244 O OD2 . ASP A 1 171 ? -21.183 32.452  -9.962  1.00 55.48  ? 171 ASP A OD2 1 
ATOM 1245 N N   . GLU A 1 172 ? -24.263 33.985  -5.259  1.00 64.77  ? 172 GLU A N   1 
ATOM 1246 C CA  . GLU A 1 172 ? -25.613 34.157  -4.652  1.00 70.70  ? 172 GLU A CA  1 
ATOM 1247 C C   . GLU A 1 172 ? -25.674 35.488  -3.902  1.00 67.10  ? 172 GLU A C   1 
ATOM 1248 O O   . GLU A 1 172 ? -26.751 36.105  -3.904  1.00 62.62  ? 172 GLU A O   1 
ATOM 1249 C CB  . GLU A 1 172 ? -25.959 32.991  -3.724  1.00 75.41  ? 172 GLU A CB  1 
ATOM 1250 C CG  . GLU A 1 172 ? -26.099 31.668  -4.458  1.00 80.46  ? 172 GLU A CG  1 
ATOM 1251 C CD  . GLU A 1 172 ? -26.607 31.773  -5.890  1.00 84.00  ? 172 GLU A CD  1 
ATOM 1252 O OE1 . GLU A 1 172 ? -27.841 31.884  -6.076  1.00 81.58  ? 172 GLU A OE1 1 
ATOM 1253 O OE2 . GLU A 1 172 ? -25.764 31.747  -6.821  1.00 82.42  ? 172 GLU A OE2 1 
ATOM 1254 N N   . ARG A 1 173 ? -24.560 35.914  -3.298  1.00 72.06  ? 173 ARG A N   1 
ATOM 1255 C CA  . ARG A 1 173 ? -24.453 37.222  -2.596  1.00 74.05  ? 173 ARG A CA  1 
ATOM 1256 C C   . ARG A 1 173 ? -24.477 38.345  -3.649  1.00 74.97  ? 173 ARG A C   1 
ATOM 1257 O O   . ARG A 1 173 ? -24.866 39.485  -3.286  1.00 69.96  ? 173 ARG A O   1 
ATOM 1258 C CB  . ARG A 1 173 ? -23.239 37.229  -1.657  1.00 74.37  ? 173 ARG A CB  1 
ATOM 1259 C CG  . ARG A 1 173 ? -22.079 38.126  -2.068  1.00 84.76  ? 173 ARG A CG  1 
ATOM 1260 C CD  . ARG A 1 173 ? -21.129 38.333  -0.898  1.00 88.63  ? 173 ARG A CD  1 
ATOM 1261 N NE  . ARG A 1 173 ? -19.872 38.977  -1.273  1.00 91.00  ? 173 ARG A NE  1 
ATOM 1262 C CZ  . ARG A 1 173 ? -18.789 39.054  -0.496  1.00 91.36  ? 173 ARG A CZ  1 
ATOM 1263 N NH1 . ARG A 1 173 ? -18.787 38.521  0.715   1.00 89.01  ? 173 ARG A NH1 1 
ATOM 1264 N NH2 . ARG A 1 173 ? -17.701 39.658  -0.936  1.00 86.38  ? 173 ARG A NH2 1 
ATOM 1265 N N   . MET A 1 174 ? -24.133 38.039  -4.910  1.00 73.36  ? 174 MET A N   1 
ATOM 1266 C CA  . MET A 1 174 ? -24.275 38.981  -6.055  1.00 76.05  ? 174 MET A CA  1 
ATOM 1267 C C   . MET A 1 174 ? -25.678 38.849  -6.670  1.00 71.61  ? 174 MET A C   1 
ATOM 1268 O O   . MET A 1 174 ? -26.284 39.895  -6.959  1.00 59.56  ? 174 MET A O   1 
ATOM 1269 C CB  . MET A 1 174 ? -23.204 38.741  -7.128  1.00 82.75  ? 174 MET A CB  1 
ATOM 1270 C CG  . MET A 1 174 ? -23.173 39.810  -8.227  1.00 83.66  ? 174 MET A CG  1 
ATOM 1271 S SD  . MET A 1 174 ? -23.027 41.515  -7.593  1.00 86.91  ? 174 MET A SD  1 
ATOM 1272 C CE  . MET A 1 174 ? -21.331 41.519  -7.011  1.00 85.22  ? 174 MET A CE  1 
ATOM 1273 N N   . TYR A 1 175 ? -26.191 37.633  -6.875  1.00 75.87  ? 175 TYR A N   1 
ATOM 1274 C CA  . TYR A 1 175 ? -27.569 37.420  -7.405  1.00 87.06  ? 175 TYR A CA  1 
ATOM 1275 C C   . TYR A 1 175 ? -28.593 38.108  -6.489  1.00 88.00  ? 175 TYR A C   1 
ATOM 1276 O O   . TYR A 1 175 ? -29.571 38.688  -7.014  1.00 91.12  ? 175 TYR A O   1 
ATOM 1277 C CB  . TYR A 1 175 ? -27.938 35.940  -7.550  1.00 90.81  ? 175 TYR A CB  1 
ATOM 1278 C CG  . TYR A 1 175 ? -29.358 35.752  -8.019  1.00 98.49  ? 175 TYR A CG  1 
ATOM 1279 C CD1 . TYR A 1 175 ? -30.412 35.739  -7.115  1.00 100.32 ? 175 TYR A CD1 1 
ATOM 1280 C CD2 . TYR A 1 175 ? -29.657 35.665  -9.371  1.00 100.16 ? 175 TYR A CD2 1 
ATOM 1281 C CE1 . TYR A 1 175 ? -31.724 35.610  -7.538  1.00 99.94  ? 175 TYR A CE1 1 
ATOM 1282 C CE2 . TYR A 1 175 ? -30.964 35.530  -9.812  1.00 102.57 ? 175 TYR A CE2 1 
ATOM 1283 C CZ  . TYR A 1 175 ? -32.000 35.502  -8.892  1.00 105.64 ? 175 TYR A CZ  1 
ATOM 1284 O OH  . TYR A 1 175 ? -33.288 35.370  -9.320  1.00 105.81 ? 175 TYR A OH  1 
ATOM 1285 N N   . LYS A 1 176 ? -28.395 38.018  -5.168  1.00 85.14  ? 176 LYS A N   1 
ATOM 1286 C CA  . LYS A 1 176 ? -29.252 38.682  -4.147  1.00 88.97  ? 176 LYS A CA  1 
ATOM 1287 C C   . LYS A 1 176 ? -29.260 40.199  -4.378  1.00 88.85  ? 176 LYS A C   1 
ATOM 1288 O O   . LYS A 1 176 ? -30.363 40.783  -4.402  1.00 86.18  ? 176 LYS A O   1 
ATOM 1289 C CB  . LYS A 1 176 ? -28.769 38.380  -2.721  1.00 88.58  ? 176 LYS A CB  1 
ATOM 1290 C CG  . LYS A 1 176 ? -29.518 37.275  -1.985  1.00 89.89  ? 176 LYS A CG  1 
ATOM 1291 C CD  . LYS A 1 176 ? -31.031 37.417  -2.034  1.00 88.80  ? 176 LYS A CD  1 
ATOM 1292 C CE  . LYS A 1 176 ? -31.705 37.160  -0.704  1.00 87.88  ? 176 LYS A CE  1 
ATOM 1293 N NZ  . LYS A 1 176 ? -31.432 35.794  -0.201  1.00 85.56  ? 176 LYS A NZ  1 
ATOM 1294 N N   . GLN A 1 177 ? -28.074 40.796  -4.550  1.00 86.80  ? 177 GLN A N   1 
ATOM 1295 C CA  . GLN A 1 177 ? -27.850 42.269  -4.588  1.00 86.87  ? 177 GLN A CA  1 
ATOM 1296 C C   . GLN A 1 177 ? -28.273 42.857  -5.946  1.00 84.36  ? 177 GLN A C   1 
ATOM 1297 O O   . GLN A 1 177 ? -28.557 44.071  -5.964  1.00 86.18  ? 177 GLN A O   1 
ATOM 1298 C CB  . GLN A 1 177 ? -26.385 42.597  -4.292  1.00 88.34  ? 177 GLN A CB  1 
ATOM 1299 C CG  . GLN A 1 177 ? -26.177 44.012  -3.759  1.00 92.83  ? 177 GLN A CG  1 
ATOM 1300 C CD  . GLN A 1 177 ? -24.847 44.626  -4.138  1.00 93.84  ? 177 GLN A CD  1 
ATOM 1301 O OE1 . GLN A 1 177 ? -23.990 43.996  -4.760  1.00 86.17  ? 177 GLN A OE1 1 
ATOM 1302 N NE2 . GLN A 1 177 ? -24.669 45.886  -3.771  1.00 90.45  ? 177 GLN A NE2 1 
ATOM 1303 N N   . LEU A 1 178 ? -28.306 42.052  -7.023  1.00 80.22  ? 178 LEU A N   1 
ATOM 1304 C CA  . LEU A 1 178 ? -28.811 42.440  -8.378  1.00 76.06  ? 178 LEU A CA  1 
ATOM 1305 C C   . LEU A 1 178 ? -30.294 42.062  -8.525  1.00 77.74  ? 178 LEU A C   1 
ATOM 1306 O O   . LEU A 1 178 ? -30.801 42.099  -9.665  1.00 76.52  ? 178 LEU A O   1 
ATOM 1307 C CB  . LEU A 1 178 ? -27.976 41.767  -9.480  1.00 72.26  ? 178 LEU A CB  1 
ATOM 1308 C CG  . LEU A 1 178 ? -26.557 42.300  -9.712  1.00 68.08  ? 178 LEU A CG  1 
ATOM 1309 C CD1 . LEU A 1 178 ? -25.961 41.700  -10.984 1.00 61.90  ? 178 LEU A CD1 1 
ATOM 1310 C CD2 . LEU A 1 178 ? -26.512 43.826  -9.774  1.00 62.13  ? 178 LEU A CD2 1 
ATOM 1311 N N   . LYS A 1 179 ? -30.956 41.692  -7.424  1.00 83.90  ? 179 LYS A N   1 
ATOM 1312 C CA  . LYS A 1 179 ? -32.432 41.516  -7.342  1.00 89.64  ? 179 LYS A CA  1 
ATOM 1313 C C   . LYS A 1 179 ? -33.019 42.548  -6.368  1.00 86.63  ? 179 LYS A C   1 
ATOM 1314 O O   . LYS A 1 179 ? -34.114 43.068  -6.660  1.00 84.48  ? 179 LYS A O   1 
ATOM 1315 C CB  . LYS A 1 179 ? -32.777 40.087  -6.914  1.00 93.77  ? 179 LYS A CB  1 
ATOM 1316 C CG  . LYS A 1 179 ? -34.248 39.714  -7.051  1.00 95.14  ? 179 LYS A CG  1 
ATOM 1317 C CD  . LYS A 1 179 ? -34.794 39.909  -8.461  1.00 97.34  ? 179 LYS A CD  1 
ATOM 1318 C CE  . LYS A 1 179 ? -36.026 39.077  -8.756  1.00 93.98  ? 179 LYS A CE  1 
ATOM 1319 N NZ  . LYS A 1 179 ? -35.723 37.625  -8.733  1.00 92.25  ? 179 LYS A NZ  1 
ATOM 1320 N N   . ALA A 1 180 ? -32.313 42.827  -5.263  1.00 87.57  ? 180 ALA A N   1 
ATOM 1321 C CA  . ALA A 1 180 ? -32.681 43.806  -4.210  1.00 87.43  ? 180 ALA A CA  1 
ATOM 1322 C C   . ALA A 1 180 ? -31.740 45.017  -4.281  1.00 87.95  ? 180 ALA A C   1 
ATOM 1323 O O   . ALA A 1 180 ? -31.176 45.482  -3.287  1.00 90.98  ? 180 ALA A O   1 
ATOM 1324 C CB  . ALA A 1 180 ? -32.635 43.135  -2.856  1.00 85.25  ? 180 ALA A CB  1 
# 
